data_7L89
#
_entry.id   7L89
#
_cell.length_a   1.00
_cell.length_b   1.00
_cell.length_c   1.00
_cell.angle_alpha   90.00
_cell.angle_beta   90.00
_cell.angle_gamma   90.00
#
_symmetry.space_group_name_H-M   'P 1'
#
loop_
_entity.id
_entity.type
_entity.pdbx_description
1 polymer 'Rh.32034 pAbC-4 - Heavy Chain'
2 polymer 'Rh.32034 pAbC-4 - Light Chain'
3 polymer 'BG505 SOSIP MD39 - gp120'
4 polymer 'BG505 SOSIP MD39 - gp41'
5 branched 2-acetamido-2-deoxy-beta-D-glucopyranose-(1-4)-2-acetamido-2-deoxy-beta-D-glucopyranose
6 branched alpha-D-mannopyranose-(1-3)-[alpha-D-mannopyranose-(1-6)]beta-D-mannopyranose-(1-4)-2-acetamido-2-deoxy-beta-D-glucopyranose-(1-4)-2-acetamido-2-deoxy-beta-D-glucopyranose
7 non-polymer 2-acetamido-2-deoxy-beta-D-glucopyranose
#
loop_
_entity_poly.entity_id
_entity_poly.type
_entity_poly.pdbx_seq_one_letter_code
_entity_poly.pdbx_strand_id
1 'polypeptide(L)'
;(UNK)(UNK)(UNK)(UNK)(UNK)(UNK)(UNK)(UNK)(UNK)(UNK)(UNK)(UNK)(UNK)(UNK)(UNK)(UNK)
(UNK)(UNK)(UNK)(UNK)(UNK)(UNK)(UNK)(UNK)(UNK)(UNK)(UNK)(UNK)(UNK)(UNK)(UNK)(UNK)
(UNK)(UNK)(UNK)(UNK)(UNK)(UNK)(UNK)(UNK)(UNK)(UNK)(UNK)(UNK)(UNK)(UNK)(UNK)(UNK)
(UNK)(UNK)(UNK)(UNK)(UNK)(UNK)(UNK)(UNK)(UNK)(UNK)(UNK)(UNK)(UNK)(UNK)(UNK)(UNK)
(UNK)(UNK)(UNK)(UNK)(UNK)(UNK)(UNK)(UNK)(UNK)(UNK)(UNK)(UNK)(UNK)(UNK)(UNK)(UNK)
(UNK)(UNK)(UNK)(UNK)(UNK)(UNK)(UNK)(UNK)(UNK)(UNK)(UNK)(UNK)(UNK)(UNK)(UNK)(UNK)
(UNK)(UNK)(UNK)(UNK)(UNK)(UNK)(UNK)(UNK)(UNK)(UNK)(UNK)(UNK)(UNK)(UNK)(UNK)(UNK)
(UNK)(UNK)
;
H
2 'polypeptide(L)'
;(UNK)(UNK)(UNK)(UNK)(UNK)(UNK)(UNK)(UNK)(UNK)(UNK)(UNK)(UNK)(UNK)(UNK)(UNK)(UNK)
(UNK)(UNK)(UNK)(UNK)(UNK)(UNK)(UNK)(UNK)(UNK)(UNK)(UNK)(UNK)(UNK)(UNK)(UNK)(UNK)
(UNK)(UNK)(UNK)(UNK)(UNK)(UNK)(UNK)(UNK)(UNK)(UNK)(UNK)(UNK)(UNK)(UNK)(UNK)(UNK)
(UNK)(UNK)(UNK)(UNK)(UNK)(UNK)(UNK)(UNK)(UNK)(UNK)(UNK)(UNK)(UNK)(UNK)(UNK)(UNK)
(UNK)(UNK)(UNK)(UNK)(UNK)(UNK)(UNK)(UNK)(UNK)(UNK)(UNK)(UNK)(UNK)(UNK)(UNK)(UNK)
(UNK)(UNK)(UNK)(UNK)(UNK)(UNK)(UNK)(UNK)(UNK)(UNK)(UNK)(UNK)(UNK)(UNK)(UNK)(UNK)
(UNK)
;
L
3 'polypeptide(L)'
;MGILPSPGMPALLSLVSLLMGCVAETGAENLWVTVYYGVPVWKDAETTLFCASDAKAYETKKHNVWATHCCVPTDPNPQE
IHLENVTEEFNMWKNNMVEQMHEDIISLWDQSLKPCVKLTPLCVTLQCTNVTNNITDDMRGELKNCSFNMTTELRDKKQK
VYSLFYRLDVVQINENQGNRSNNSNKEYRLINCNTSAITQACPKVSFEPIPIHYCAPAGFAILKCKDKKFNGTGPCPSVS
TVQCTHGIKPVVSTQLLLNGSLAEEEVIIRSENITNNAKNILVQLNTPVQINCTRPNNNTVKSIRIGPGQWFYYTGDIIG
DIRQAHCNVSKATWNETLGKVVKQLRKHFGNNTIIRFAQSSGGDLEVTTHSFNCGGEFFYCNTSGLFNSTWISNTSVQGS
NSTGSNDSITLPCRIKQIINMWQRIGQAMYAPPIQGVIRCVSNITGLILTRDGGSTNSTTETFRPGGGDMRDNWRSELYK
YKVVKIEPLGVAPTRCKR
;
E,A,B
4 'polypeptide(L)'
;SLGFLGAAGSTMGAASMTLTVQARNLLSGIVQQQSNLLRAPEPQQHLLKDTHWGIKQLQARVLAVEHYLRDQQLLGIWGC
SGKLICCTNVPWNSSWSNRNLSEIWDNMTWLQWDKEISNYTQIIYGLLEESQNQQEKNEQDLLALD
;
F,C,D
#
# COMPACT_ATOMS: atom_id res chain seq x y z
N UNK A 1 33.20 50.02 -13.58
CA UNK A 1 33.92 51.23 -13.90
C UNK A 1 33.05 52.45 -13.67
N UNK A 2 32.08 52.31 -12.77
CA UNK A 2 31.22 53.44 -12.45
C UNK A 2 31.46 53.77 -11.01
N UNK A 3 31.81 55.01 -10.75
CA UNK A 3 31.97 55.48 -9.38
C UNK A 3 31.65 56.95 -9.44
N UNK A 4 30.84 57.43 -8.52
CA UNK A 4 30.46 58.81 -8.52
C UNK A 4 29.94 59.18 -7.17
N UNK A 5 30.79 58.97 -6.16
CA UNK A 5 30.51 59.33 -4.79
C UNK A 5 30.35 60.77 -5.00
N UNK A 6 29.13 61.22 -4.75
CA UNK A 6 28.76 62.57 -4.96
C UNK A 6 28.14 62.81 -3.66
N UNK A 7 28.98 62.83 -2.63
CA UNK A 7 28.55 63.11 -1.28
C UNK A 7 28.46 64.62 -1.07
N UNK A 8 29.06 65.36 -2.00
CA UNK A 8 29.11 66.82 -2.04
C UNK A 8 29.88 67.58 -0.94
N UNK A 9 30.77 66.89 -0.22
CA UNK A 9 31.63 67.52 0.79
C UNK A 9 31.05 68.42 1.89
N UNK A 10 30.02 67.94 2.59
CA UNK A 10 29.43 68.72 3.69
C UNK A 10 29.90 68.13 5.01
N UNK A 11 30.51 68.94 5.88
CA UNK A 11 31.02 68.41 7.13
C UNK A 11 31.16 69.36 8.34
N UNK A 12 30.71 68.87 9.50
CA UNK A 12 30.82 69.60 10.74
C UNK A 12 31.04 68.56 11.81
N UNK A 13 31.69 68.92 12.91
CA UNK A 13 31.93 67.96 13.99
C UNK A 13 30.66 67.72 14.76
N UNK A 14 30.51 66.52 15.37
CA UNK A 14 29.35 66.16 16.15
C UNK A 14 28.10 66.35 15.32
N UNK A 15 28.16 65.85 14.11
CA UNK A 15 27.10 65.98 13.14
C UNK A 15 27.02 64.78 12.22
N UNK A 16 25.86 64.59 11.60
CA UNK A 16 25.69 63.51 10.65
C UNK A 16 26.58 63.68 9.43
N UNK A 17 27.06 62.56 8.93
CA UNK A 17 27.89 62.55 7.75
C UNK A 17 27.08 62.19 6.52
N UNK A 18 27.56 62.53 5.34
CA UNK A 18 26.81 62.20 4.13
C UNK A 18 27.30 60.89 3.52
N UNK A 19 27.67 61.00 2.24
CA UNK A 19 28.22 60.00 1.30
C UNK A 19 27.26 59.11 0.53
N UNK A 20 27.63 58.86 -0.72
CA UNK A 20 26.90 58.01 -1.63
C UNK A 20 27.87 57.47 -2.65
N UNK A 21 27.52 56.38 -3.31
CA UNK A 21 28.40 55.81 -4.32
C UNK A 21 27.60 55.58 -5.59
N UNK A 22 28.17 54.86 -6.56
CA UNK A 22 27.39 54.59 -7.75
C UNK A 22 27.87 53.32 -8.43
N UNK A 23 26.96 52.67 -9.12
CA UNK A 23 27.28 51.50 -9.91
C UNK A 23 26.69 51.67 -11.28
N UNK A 24 26.95 52.81 -11.88
CA UNK A 24 26.41 53.15 -13.18
C UNK A 24 26.79 52.14 -14.25
N UNK A 25 27.97 51.57 -14.12
CA UNK A 25 28.47 50.62 -15.09
C UNK A 25 28.81 49.30 -14.42
N UNK A 26 28.06 48.94 -13.39
CA UNK A 26 28.33 47.69 -12.69
C UNK A 26 27.06 47.11 -12.09
N UNK A 27 27.05 45.81 -11.81
CA UNK A 27 25.89 45.27 -11.12
C UNK A 27 26.11 45.55 -9.65
N UNK A 28 25.25 46.36 -9.04
CA UNK A 28 25.53 46.69 -7.65
C UNK A 28 25.37 45.45 -6.79
N UNK A 29 24.23 44.78 -6.91
CA UNK A 29 23.92 43.64 -6.05
C UNK A 29 24.52 42.39 -6.63
N UNK A 30 25.83 42.38 -6.70
CA UNK A 30 26.57 41.31 -7.28
C UNK A 30 27.88 41.25 -6.60
N UNK A 31 28.20 42.31 -5.89
CA UNK A 31 29.51 42.40 -5.24
C UNK A 31 29.45 43.18 -3.94
N UNK A 32 30.41 42.85 -3.08
CA UNK A 32 30.62 43.58 -1.85
C UNK A 32 31.40 44.79 -2.22
N UNK A 33 31.03 45.95 -1.66
CA UNK A 33 31.69 47.20 -2.01
C UNK A 33 32.63 47.74 -0.93
N UNK A 34 33.46 48.71 -1.33
CA UNK A 34 34.42 49.31 -0.41
C UNK A 34 34.28 50.82 -0.27
N UNK A 35 34.23 51.26 0.99
CA UNK A 35 34.16 52.66 1.36
C UNK A 35 35.16 52.70 2.49
N UNK A 36 36.43 52.92 2.14
CA UNK A 36 37.48 52.85 3.13
C UNK A 36 37.82 54.25 3.54
N UNK A 37 38.22 54.42 4.78
CA UNK A 37 38.70 55.71 5.16
C UNK A 37 39.97 55.89 4.38
N UNK A 38 40.20 57.07 3.86
CA UNK A 38 41.43 57.26 3.15
C UNK A 38 42.03 58.62 3.39
N UNK A 39 43.32 58.63 3.34
CA UNK A 39 44.10 59.80 3.59
C UNK A 39 45.50 59.56 3.12
N UNK A 40 46.35 60.57 3.16
CA UNK A 40 47.74 60.33 2.84
C UNK A 40 48.28 59.21 3.75
N UNK A 41 47.76 59.14 4.98
CA UNK A 41 48.15 58.16 5.97
C UNK A 41 47.03 57.14 6.27
N UNK A 42 46.13 56.86 5.33
CA UNK A 42 45.07 55.86 5.62
C UNK A 42 44.55 55.11 4.40
N UNK A 43 44.22 53.83 4.65
CA UNK A 43 43.68 52.88 3.68
C UNK A 43 43.29 51.83 4.72
N UNK A 44 41.95 51.60 4.84
CA UNK A 44 41.29 50.67 5.82
C UNK A 44 40.29 49.55 5.35
N UNK A 45 39.50 49.00 6.28
CA UNK A 45 38.55 47.91 6.00
C UNK A 45 37.24 48.18 5.22
N UNK A 46 36.60 47.08 4.78
CA UNK A 46 35.33 47.06 4.00
C UNK A 46 34.03 47.26 4.81
N UNK A 47 32.93 47.32 4.05
CA UNK A 47 31.59 47.44 4.60
C UNK A 47 30.58 46.43 4.04
N UNK A 48 29.37 46.91 3.81
CA UNK A 48 28.17 46.15 3.40
C UNK A 48 28.07 45.41 2.06
N UNK A 49 27.31 44.32 2.07
CA UNK A 49 27.04 43.54 0.87
C UNK A 49 25.91 44.24 0.17
N UNK A 50 26.20 44.79 -1.00
CA UNK A 50 25.26 45.58 -1.79
C UNK A 50 23.91 44.89 -1.90
N UNK A 51 23.95 43.58 -1.97
CA UNK A 51 22.74 42.78 -1.98
C UNK A 51 22.17 42.49 -0.58
N UNK A 52 22.83 42.94 0.49
CA UNK A 52 22.34 42.61 1.82
C UNK A 52 22.78 43.60 2.88
N UNK A 53 22.03 43.68 3.95
CA UNK A 53 22.39 44.55 5.06
C UNK A 53 23.70 44.21 5.74
N UNK A 54 24.06 42.93 5.80
CA UNK A 54 25.24 42.56 6.56
C UNK A 54 26.47 43.30 6.11
N UNK A 55 27.22 43.83 7.10
CA UNK A 55 28.43 44.60 6.85
C UNK A 55 29.50 44.40 7.88
N UNK A 56 30.74 44.31 7.42
CA UNK A 56 31.88 44.20 8.32
C UNK A 56 32.37 45.57 8.73
N UNK A 57 31.52 46.31 9.42
CA UNK A 57 31.88 47.66 9.80
C UNK A 57 33.02 47.64 10.77
N UNK A 58 33.95 48.57 10.62
CA UNK A 58 35.07 48.66 11.54
C UNK A 58 34.49 49.16 12.85
N UNK A 59 35.11 48.67 13.93
CA UNK A 59 34.77 49.03 15.29
C UNK A 59 35.12 50.49 15.41
N UNK A 60 36.28 50.83 14.87
CA UNK A 60 36.79 52.17 14.94
C UNK A 60 35.84 53.13 14.26
N UNK A 61 35.11 52.65 13.27
CA UNK A 61 34.07 53.51 12.73
C UNK A 61 32.87 53.35 13.67
N UNK A 62 31.98 54.33 13.67
CA UNK A 62 30.79 54.26 14.51
C UNK A 62 29.64 53.50 13.82
N UNK A 63 29.90 53.08 12.59
CA UNK A 63 29.01 52.20 11.84
C UNK A 63 27.54 52.47 11.48
N UNK A 64 27.38 53.14 10.35
CA UNK A 64 26.10 53.30 9.66
C UNK A 64 26.16 53.39 8.13
N UNK A 65 26.16 52.23 7.47
CA UNK A 65 26.21 52.20 6.01
C UNK A 65 25.07 51.38 5.41
N UNK A 66 24.54 51.84 4.30
CA UNK A 66 23.44 51.14 3.62
C UNK A 66 23.43 51.32 2.10
N UNK A 67 22.62 50.50 1.43
CA UNK A 67 22.47 50.53 -0.02
C UNK A 67 21.20 51.25 -0.42
N UNK A 68 21.24 51.89 -1.58
CA UNK A 68 20.11 52.56 -2.17
C UNK A 68 19.25 51.58 -2.95
N UNK A 69 17.99 51.94 -3.21
CA UNK A 69 17.17 51.15 -4.15
C UNK A 69 17.82 51.22 -5.54
N UNK A 70 18.39 52.38 -5.83
CA UNK A 70 19.10 52.70 -7.05
C UNK A 70 20.42 51.99 -7.04
N UNK A 71 21.08 51.84 -8.19
CA UNK A 71 22.38 51.20 -8.17
C UNK A 71 23.43 52.21 -7.67
N UNK A 72 23.37 52.43 -6.35
CA UNK A 72 24.09 53.46 -5.62
C UNK A 72 24.14 53.15 -4.12
N UNK A 73 25.05 53.82 -3.40
CA UNK A 73 25.03 53.69 -1.93
C UNK A 73 24.07 54.67 -1.36
N UNK A 74 23.50 54.33 -0.23
CA UNK A 74 22.64 55.25 0.48
C UNK A 74 23.41 55.90 1.62
N UNK A 75 24.26 55.13 2.27
CA UNK A 75 24.98 55.65 3.42
C UNK A 75 26.33 55.01 3.72
N UNK A 76 27.34 55.86 3.81
CA UNK A 76 28.69 55.46 4.16
C UNK A 76 29.13 56.33 5.34
N UNK A 77 28.15 56.96 5.98
CA UNK A 77 28.39 57.85 7.12
C UNK A 77 28.60 57.26 8.52
N UNK A 78 28.79 58.20 9.45
CA UNK A 78 29.04 58.00 10.87
C UNK A 78 29.07 59.37 11.49
N UNK A 79 28.85 59.46 12.79
CA UNK A 79 28.91 60.78 13.39
C UNK A 79 30.30 61.34 13.22
N UNK A 80 30.36 62.62 12.88
CA UNK A 80 31.58 63.37 12.68
C UNK A 80 32.26 63.74 13.99
N UNK A 81 33.58 63.83 13.98
CA UNK A 81 34.33 64.24 15.16
C UNK A 81 35.62 64.98 14.83
N UNK A 82 35.55 66.05 14.03
CA UNK A 82 36.74 66.82 13.66
C UNK A 82 37.85 65.91 13.14
N UNK A 83 37.46 65.03 12.22
CA UNK A 83 38.36 64.05 11.65
C UNK A 83 38.09 63.92 10.16
N UNK A 84 38.74 64.80 9.40
CA UNK A 84 38.57 64.88 7.95
C UNK A 84 39.12 63.65 7.27
N UNK A 85 38.47 63.22 6.18
CA UNK A 85 38.97 62.07 5.44
C UNK A 85 38.35 61.97 4.06
N UNK A 86 39.01 61.19 3.19
CA UNK A 86 38.46 60.84 1.90
C UNK A 86 37.61 59.60 2.04
N UNK A 87 36.65 59.43 1.13
CA UNK A 87 35.78 58.27 1.05
C UNK A 87 36.14 57.38 -0.14
N UNK A 88 36.91 56.33 0.10
CA UNK A 88 37.35 55.49 -0.99
C UNK A 88 36.31 54.42 -1.29
N UNK A 89 35.21 54.81 -1.92
CA UNK A 89 34.15 53.83 -2.21
C UNK A 89 34.22 53.15 -3.57
N UNK A 90 34.59 51.86 -3.58
CA UNK A 90 34.62 51.11 -4.82
C UNK A 90 33.98 49.74 -4.54
N UNK A 91 34.45 48.79 -5.31
CA UNK A 91 34.21 47.34 -5.32
C UNK A 91 35.34 46.53 -4.73
N UNK A 92 34.96 45.40 -4.16
CA UNK A 92 35.89 44.45 -3.60
C UNK A 92 35.77 43.04 -4.20
N UNK A 93 34.61 42.41 -4.09
CA UNK A 93 34.52 41.01 -4.54
C UNK A 93 33.15 40.52 -4.85
N UNK A 94 33.07 39.49 -5.70
CA UNK A 94 31.77 38.93 -6.01
C UNK A 94 31.09 38.46 -4.76
N UNK A 95 29.84 38.82 -4.62
CA UNK A 95 29.03 38.45 -3.47
C UNK A 95 28.35 37.14 -3.74
N UNK A 96 29.15 36.09 -3.91
CA UNK A 96 28.58 34.79 -4.19
C UNK A 96 29.55 33.67 -3.86
N UNK A 97 29.04 32.56 -3.34
CA UNK A 97 29.86 31.38 -3.13
C UNK A 97 30.13 30.66 -4.43
N UNK A 98 29.26 30.87 -5.41
CA UNK A 98 29.40 30.21 -6.70
C UNK A 98 30.39 30.93 -7.62
N UNK A 99 30.54 32.24 -7.46
CA UNK A 99 31.43 33.03 -8.30
C UNK A 99 32.85 32.93 -7.82
N UNK A 100 33.79 33.03 -8.74
CA UNK A 100 35.21 32.98 -8.40
C UNK A 100 35.85 34.31 -8.02
N UNK A 101 36.97 34.18 -7.29
CA UNK A 101 37.95 35.23 -6.95
C UNK A 101 37.46 36.53 -6.31
N UNK A 102 37.81 37.67 -6.96
CA UNK A 102 37.55 39.00 -6.45
C UNK A 102 37.29 39.98 -7.58
N UNK A 103 36.79 41.16 -7.24
CA UNK A 103 36.39 42.16 -8.21
C UNK A 103 36.71 43.57 -7.73
N UNK A 104 37.99 43.84 -7.51
CA UNK A 104 38.40 45.13 -6.96
C UNK A 104 38.26 46.26 -7.96
N UNK A 105 38.01 47.47 -7.46
CA UNK A 105 37.94 48.66 -8.29
C UNK A 105 38.46 49.88 -7.55
N UNK A 106 38.84 50.90 -8.30
CA UNK A 106 39.23 52.17 -7.70
C UNK A 106 37.99 53.03 -7.54
N UNK A 107 37.96 53.84 -6.49
CA UNK A 107 36.88 54.80 -6.25
C UNK A 107 37.03 55.98 -7.18
N UNK A 108 36.00 56.83 -7.17
CA UNK A 108 35.99 58.09 -7.91
C UNK A 108 36.62 59.23 -7.07
N UNK A 109 37.25 58.86 -5.95
CA UNK A 109 37.97 59.80 -5.04
C UNK A 109 37.35 61.05 -4.37
N UNK A 110 36.18 60.94 -3.74
CA UNK A 110 35.57 62.09 -3.05
C UNK A 110 36.06 62.28 -1.59
N UNK A 111 35.75 63.42 -0.96
CA UNK A 111 36.16 63.69 0.41
C UNK A 111 35.35 64.80 1.06
N UNK A 112 35.41 64.86 2.39
CA UNK A 112 34.78 65.95 3.15
C UNK A 112 35.59 66.23 4.41
N UNK A 113 35.47 67.44 4.93
CA UNK A 113 36.19 67.81 6.14
C UNK A 113 35.38 68.76 7.01
N UNK A 114 35.58 68.66 8.35
CA UNK A 114 34.98 69.47 9.40
C UNK A 114 36.09 70.32 10.02
N UNK B 1 61.78 54.36 0.04
CA UNK B 1 63.11 54.61 -0.52
C UNK B 1 63.02 55.04 -1.98
N UNK B 2 64.13 55.53 -2.54
CA UNK B 2 64.12 55.96 -3.95
C UNK B 2 65.45 55.97 -4.70
N UNK B 3 65.37 56.64 -5.85
CA UNK B 3 66.44 56.92 -6.85
C UNK B 3 66.02 57.89 -7.99
N UNK B 4 67.00 58.61 -8.55
CA UNK B 4 66.78 59.66 -9.58
C UNK B 4 66.21 59.41 -11.00
N UNK B 5 66.76 58.45 -11.73
CA UNK B 5 66.31 58.14 -13.09
C UNK B 5 66.75 56.74 -13.49
N UNK B 6 65.86 56.01 -14.16
CA UNK B 6 66.10 54.64 -14.62
C UNK B 6 66.53 53.69 -13.51
N UNK B 7 65.97 53.91 -12.33
CA UNK B 7 66.31 53.09 -11.17
C UNK B 7 65.11 53.03 -10.26
N UNK B 8 64.90 51.85 -9.69
CA UNK B 8 63.79 51.65 -8.78
C UNK B 8 64.33 51.05 -7.50
N UNK B 9 63.63 51.32 -6.40
CA UNK B 9 63.99 50.79 -5.12
C UNK B 9 62.82 49.92 -4.71
N UNK B 10 63.09 48.73 -4.17
CA UNK B 10 62.01 47.84 -3.74
C UNK B 10 61.19 48.42 -2.61
N UNK B 11 59.94 47.97 -2.52
CA UNK B 11 58.99 48.34 -1.49
C UNK B 11 59.20 47.55 -0.21
N UNK B 12 58.70 48.10 0.90
CA UNK B 12 58.74 47.42 2.19
C UNK B 12 57.67 46.33 2.29
N UNK B 13 58.01 45.28 3.02
CA UNK B 13 57.12 44.18 3.38
C UNK B 13 56.84 44.23 4.87
N UNK B 14 55.77 43.59 5.31
CA UNK B 14 55.50 43.49 6.73
C UNK B 14 54.81 42.18 7.04
N UNK B 15 54.92 41.76 8.29
CA UNK B 15 54.28 40.55 8.73
C UNK B 15 53.59 40.74 10.06
N UNK B 16 52.79 41.77 10.13
CA UNK B 16 52.09 42.09 11.37
C UNK B 16 50.91 41.17 11.45
N UNK B 17 51.15 39.94 11.92
CA UNK B 17 50.14 38.89 11.85
C UNK B 17 49.83 38.78 10.38
N UNK B 18 50.86 38.36 9.63
CA UNK B 18 50.81 38.35 8.19
C UNK B 18 49.64 37.61 7.63
N UNK B 19 49.22 36.51 8.28
CA UNK B 19 48.11 35.75 7.76
C UNK B 19 48.40 35.50 6.29
N UNK B 20 49.60 35.02 6.02
CA UNK B 20 50.03 34.85 4.66
C UNK B 20 49.01 34.01 3.95
N UNK B 21 48.75 34.37 2.70
CA UNK B 21 47.91 33.59 1.79
C UNK B 21 46.47 33.20 2.16
N UNK B 22 45.84 33.89 3.10
CA UNK B 22 44.43 33.61 3.41
C UNK B 22 43.58 33.96 2.19
N UNK B 23 43.92 35.10 1.60
CA UNK B 23 43.38 35.70 0.40
C UNK B 23 44.52 36.65 0.04
N UNK B 24 45.11 36.53 -1.15
CA UNK B 24 46.31 37.29 -1.54
C UNK B 24 46.52 38.83 -1.52
N UNK B 25 47.69 39.26 -1.01
CA UNK B 25 48.11 40.65 -1.00
C UNK B 25 48.05 41.32 -2.36
N UNK B 26 47.96 42.63 -2.36
CA UNK B 26 47.94 43.41 -3.57
C UNK B 26 48.63 44.74 -3.38
N UNK B 27 49.11 45.29 -4.49
CA UNK B 27 49.80 46.56 -4.59
C UNK B 27 48.92 47.56 -5.31
N UNK B 28 49.12 48.86 -5.07
CA UNK B 28 48.34 49.87 -5.78
C UNK B 28 49.17 51.11 -6.13
N UNK B 29 48.82 51.65 -7.29
CA UNK B 29 49.44 52.80 -7.88
C UNK B 29 48.78 54.10 -7.48
N UNK B 30 49.42 54.80 -6.56
CA UNK B 30 48.92 56.05 -6.05
C UNK B 30 49.11 57.12 -7.11
N UNK B 31 48.27 58.14 -7.05
CA UNK B 31 48.38 59.28 -7.96
C UNK B 31 47.76 60.48 -7.29
N UNK B 32 48.16 61.66 -7.71
CA UNK B 32 47.55 62.85 -7.15
C UNK B 32 46.09 62.91 -7.54
N UNK B 33 45.24 63.34 -6.60
CA UNK B 33 43.82 63.53 -6.82
C UNK B 33 43.12 62.30 -7.39
N UNK B 34 43.46 61.12 -6.91
CA UNK B 34 42.85 59.91 -7.41
C UNK B 34 42.93 58.78 -6.41
N UNK B 35 42.04 57.82 -6.55
CA UNK B 35 42.15 56.61 -5.78
C UNK B 35 43.28 55.79 -6.39
N UNK B 36 44.08 55.11 -5.58
CA UNK B 36 45.14 54.31 -6.17
C UNK B 36 44.56 53.18 -7.00
N UNK B 37 45.16 52.91 -8.14
CA UNK B 37 44.72 51.84 -9.04
C UNK B 37 45.36 50.51 -8.68
N UNK B 38 44.69 49.40 -8.90
CA UNK B 38 45.41 48.18 -8.60
C UNK B 38 46.66 48.12 -9.44
N UNK B 39 47.78 47.78 -8.83
CA UNK B 39 49.04 47.67 -9.53
C UNK B 39 49.34 46.21 -9.76
N UNK B 40 49.04 45.39 -8.75
CA UNK B 40 49.27 43.95 -8.82
C UNK B 40 48.40 43.24 -7.81
N UNK B 41 48.12 41.96 -8.07
CA UNK B 41 47.35 41.10 -7.19
C UNK B 41 48.11 39.81 -6.97
N UNK B 42 47.48 38.78 -6.40
CA UNK B 42 48.20 37.52 -6.18
C UNK B 42 49.49 37.72 -5.38
N UNK B 43 49.38 38.31 -4.20
CA UNK B 43 50.49 38.62 -3.32
C UNK B 43 51.38 39.62 -4.01
N UNK B 44 50.70 40.49 -4.73
CA UNK B 44 51.21 41.57 -5.55
C UNK B 44 52.15 41.06 -6.64
N UNK B 45 52.14 39.75 -6.91
CA UNK B 45 53.01 39.17 -7.91
C UNK B 45 52.47 39.28 -9.31
N UNK B 46 51.16 39.35 -9.45
CA UNK B 46 50.52 39.37 -10.75
C UNK B 46 50.20 40.78 -11.18
N UNK B 47 50.88 41.27 -12.21
CA UNK B 47 50.64 42.64 -12.62
C UNK B 47 49.16 42.81 -12.94
N UNK B 48 48.56 43.91 -12.49
CA UNK B 48 47.11 44.12 -12.69
C UNK B 48 46.83 44.67 -14.08
N UNK B 49 47.12 43.85 -15.08
CA UNK B 49 47.07 44.21 -16.50
C UNK B 49 48.00 45.39 -16.74
N UNK B 50 49.03 45.47 -15.91
CA UNK B 50 50.03 46.49 -15.90
C UNK B 50 51.24 46.08 -16.72
N UNK B 51 52.09 47.06 -16.99
CA UNK B 51 53.32 46.89 -17.74
C UNK B 51 54.26 45.93 -17.03
N UNK B 52 55.18 45.35 -17.80
CA UNK B 52 56.17 44.36 -17.36
C UNK B 52 57.07 44.87 -16.23
N UNK B 53 57.09 46.18 -16.07
CA UNK B 53 57.86 46.87 -15.03
C UNK B 53 57.28 46.56 -13.64
N UNK B 54 56.05 46.05 -13.60
CA UNK B 54 55.35 45.69 -12.37
C UNK B 54 55.58 44.22 -12.01
N UNK B 55 56.21 43.98 -10.87
CA UNK B 55 56.51 42.64 -10.38
C UNK B 55 56.71 42.70 -8.90
N UNK B 56 56.61 41.56 -8.21
CA UNK B 56 56.86 41.60 -6.76
C UNK B 56 57.60 40.43 -6.24
N UNK B 57 58.33 40.73 -5.18
CA UNK B 57 59.08 39.77 -4.42
C UNK B 57 58.12 39.23 -3.41
N UNK B 58 57.15 38.48 -3.91
CA UNK B 58 56.14 37.95 -3.04
C UNK B 58 56.73 36.87 -2.17
N UNK B 59 56.37 36.86 -0.89
CA UNK B 59 56.81 35.83 0.02
C UNK B 59 55.89 35.77 1.21
N UNK B 60 55.78 34.60 1.84
CA UNK B 60 54.98 34.56 3.04
C UNK B 60 55.66 35.38 4.11
N UNK B 61 54.90 36.26 4.74
CA UNK B 61 55.36 37.16 5.78
C UNK B 61 56.49 38.07 5.31
N UNK B 62 56.67 38.23 4.00
CA UNK B 62 57.70 39.11 3.50
C UNK B 62 57.45 39.50 2.06
N UNK B 63 56.23 39.82 1.71
CA UNK B 63 55.94 40.18 0.34
C UNK B 63 56.02 41.67 0.11
N UNK B 64 56.70 42.07 -0.96
CA UNK B 64 56.73 43.47 -1.35
C UNK B 64 57.03 43.66 -2.82
N UNK B 65 56.55 44.76 -3.38
CA UNK B 65 56.84 45.09 -4.77
C UNK B 65 58.34 45.16 -5.00
N UNK B 66 58.74 44.59 -6.12
CA UNK B 66 60.13 44.49 -6.52
C UNK B 66 60.64 45.74 -7.19
N UNK B 67 61.93 45.95 -7.19
CA UNK B 67 62.45 47.07 -7.94
C UNK B 67 62.95 46.46 -9.23
N UNK B 68 62.15 45.57 -9.82
CA UNK B 68 62.55 44.83 -11.03
C UNK B 68 62.83 45.58 -12.35
N UNK B 69 61.99 46.55 -12.72
CA UNK B 69 62.23 47.27 -13.96
C UNK B 69 62.56 48.70 -13.65
N UNK B 70 63.72 49.12 -14.12
CA UNK B 70 64.23 50.47 -13.91
C UNK B 70 63.55 51.71 -14.54
N UNK B 71 63.08 51.61 -15.77
CA UNK B 71 62.65 52.79 -16.53
C UNK B 71 61.62 53.79 -15.98
N UNK B 72 61.74 54.97 -16.56
CA UNK B 72 60.89 56.12 -16.36
C UNK B 72 60.58 56.54 -14.96
N UNK B 73 59.36 57.00 -14.78
CA UNK B 73 58.91 57.50 -13.50
C UNK B 73 57.81 56.70 -12.78
N UNK B 74 58.07 56.44 -11.51
CA UNK B 74 57.15 55.80 -10.61
C UNK B 74 56.87 56.94 -9.66
N UNK B 75 55.63 57.41 -9.62
CA UNK B 75 55.28 58.59 -8.82
C UNK B 75 55.03 58.32 -7.35
N UNK B 76 56.12 58.04 -6.62
CA UNK B 76 56.10 57.77 -5.19
C UNK B 76 55.02 56.78 -4.82
N UNK B 77 54.54 56.12 -5.88
CA UNK B 77 53.45 55.17 -5.85
C UNK B 77 53.89 53.82 -5.33
N UNK B 78 53.55 53.52 -4.07
CA UNK B 78 53.96 52.26 -3.47
C UNK B 78 52.94 51.77 -2.45
N UNK B 79 51.66 51.82 -2.77
CA UNK B 79 50.61 51.41 -1.84
C UNK B 79 50.44 49.92 -1.93
N UNK B 80 49.92 49.33 -0.87
CA UNK B 80 49.61 47.92 -0.82
C UNK B 80 48.66 47.66 0.34
N UNK B 81 48.02 46.50 0.31
CA UNK B 81 47.13 46.04 1.36
C UNK B 81 46.95 44.54 1.25
N UNK B 82 46.45 43.91 2.30
CA UNK B 82 46.17 42.47 2.19
C UNK B 82 44.98 42.03 3.01
N UNK B 83 44.31 40.98 2.55
CA UNK B 83 43.18 40.46 3.30
C UNK B 83 43.62 40.15 4.69
N UNK B 84 42.84 40.60 5.64
CA UNK B 84 43.11 40.41 7.04
C UNK B 84 42.18 39.41 7.65
N UNK B 85 40.95 39.42 7.17
CA UNK B 85 39.89 38.61 7.72
C UNK B 85 38.77 38.59 6.73
N UNK B 86 37.77 37.77 7.00
CA UNK B 86 36.64 37.85 6.12
C UNK B 86 36.20 39.30 6.09
N UNK B 87 36.03 39.83 4.88
CA UNK B 87 35.59 41.19 4.67
C UNK B 87 36.43 42.21 5.40
N UNK B 88 37.75 42.05 5.43
CA UNK B 88 38.63 43.03 6.04
C UNK B 88 40.03 42.96 5.43
N UNK B 89 40.78 44.07 5.50
CA UNK B 89 42.16 44.11 5.02
C UNK B 89 43.00 45.09 5.80
N UNK B 90 44.31 44.85 5.83
CA UNK B 90 45.28 45.73 6.48
C UNK B 90 46.02 46.57 5.45
N UNK B 91 46.35 47.82 5.82
CA UNK B 91 47.08 48.73 4.93
C UNK B 91 48.62 48.63 5.02
N UNK B 92 49.26 48.94 3.89
CA UNK B 92 50.71 49.02 3.80
C UNK B 92 51.22 50.45 3.97
N UNK B 93 52.55 50.56 3.98
CA UNK B 93 53.26 51.82 4.17
C UNK B 93 52.96 52.89 3.13
N UNK B 94 52.69 52.53 1.86
CA UNK B 94 52.48 53.56 0.84
C UNK B 94 53.68 54.48 0.83
N UNK B 95 54.85 53.86 0.75
CA UNK B 95 56.12 54.53 0.84
C UNK B 95 56.28 55.66 -0.15
N UNK B 96 56.78 56.78 0.37
CA UNK B 96 57.08 57.88 -0.51
C UNK B 96 58.28 57.46 -1.30
N UNK B 97 58.36 57.85 -2.55
CA UNK B 97 59.50 57.46 -3.32
C UNK B 97 59.79 58.42 -4.44
N ASN C 30 27.14 17.50 38.07
CA ASN C 30 28.28 16.61 37.92
C ASN C 30 28.19 15.90 36.56
N LEU C 31 27.32 14.85 36.44
CA LEU C 31 27.10 14.08 35.22
C LEU C 31 25.77 14.43 34.64
N TRP C 32 25.67 14.32 33.32
CA TRP C 32 24.51 14.71 32.56
C TRP C 32 24.02 13.60 31.65
N VAL C 33 22.73 13.62 31.37
CA VAL C 33 22.19 12.63 30.47
C VAL C 33 22.61 12.94 29.05
N THR C 34 23.15 11.95 28.36
CA THR C 34 23.49 12.11 26.96
C THR C 34 22.70 11.10 26.17
N VAL C 35 22.07 11.56 25.13
CA VAL C 35 21.24 10.74 24.29
C VAL C 35 22.02 10.24 23.11
N TYR C 36 21.95 8.94 22.86
CA TYR C 36 22.64 8.38 21.71
C TYR C 36 21.68 7.65 20.79
N TYR C 37 21.89 7.82 19.49
CA TYR C 37 21.08 7.13 18.52
C TYR C 37 21.95 6.32 17.58
N GLY C 38 21.61 5.04 17.45
CA GLY C 38 22.39 4.11 16.65
C GLY C 38 23.10 3.17 17.60
N VAL C 39 22.56 3.00 18.78
CA VAL C 39 23.12 2.14 19.79
C VAL C 39 22.89 0.67 19.43
N PRO C 40 23.92 -0.20 19.41
CA PRO C 40 23.84 -1.59 19.01
C PRO C 40 23.23 -2.53 20.03
N VAL C 41 21.95 -2.34 20.30
CA VAL C 41 21.20 -3.20 21.21
C VAL C 41 19.93 -3.71 20.61
N TRP C 42 19.39 -4.76 21.18
CA TRP C 42 18.17 -5.38 20.70
C TRP C 42 17.38 -6.09 21.77
N LYS C 43 16.12 -6.38 21.43
CA LYS C 43 15.22 -7.13 22.31
C LYS C 43 14.52 -8.26 21.59
N ASP C 44 14.15 -9.31 22.31
CA ASP C 44 13.40 -10.38 21.65
C ASP C 44 12.13 -9.81 21.08
N ALA C 45 11.75 -10.21 19.87
CA ALA C 45 10.53 -9.66 19.33
C ALA C 45 9.85 -10.55 18.34
N GLU C 46 8.56 -10.32 18.15
CA GLU C 46 7.84 -11.06 17.15
C GLU C 46 7.33 -10.13 16.07
N THR C 47 7.80 -10.37 14.87
CA THR C 47 7.39 -9.57 13.73
C THR C 47 7.11 -10.47 12.60
N THR C 48 6.67 -9.88 11.51
CA THR C 48 6.37 -10.59 10.30
C THR C 48 7.61 -10.75 9.46
N LEU C 49 7.90 -11.97 9.05
CA LEU C 49 9.04 -12.17 8.18
C LEU C 49 8.51 -12.35 6.79
N PHE C 50 9.31 -12.01 5.79
CA PHE C 50 8.87 -12.17 4.42
C PHE C 50 9.80 -13.17 3.74
N CYS C 51 9.36 -13.80 2.63
CA CYS C 51 10.17 -14.78 1.91
C CYS C 51 10.91 -14.14 0.74
N ALA C 52 12.09 -14.69 0.49
CA ALA C 52 12.95 -14.28 -0.59
C ALA C 52 13.63 -15.47 -1.24
N SER C 53 12.90 -16.35 -1.90
CA SER C 53 13.46 -17.60 -2.40
C SER C 53 14.54 -17.53 -3.50
N ASP C 54 14.29 -16.78 -4.61
CA ASP C 54 15.18 -16.64 -5.79
C ASP C 54 14.42 -15.91 -6.90
N HIS C 63 6.00 -22.57 -12.00
CA HIS C 63 5.60 -23.97 -12.05
C HIS C 63 6.09 -24.75 -10.85
N ASN C 64 5.50 -24.45 -9.69
CA ASN C 64 5.77 -25.10 -8.41
C ASN C 64 4.74 -24.68 -7.39
N VAL C 65 4.40 -25.63 -6.53
CA VAL C 65 3.42 -25.43 -5.48
C VAL C 65 3.83 -24.34 -4.50
N TRP C 66 5.13 -24.07 -4.39
CA TRP C 66 5.65 -23.02 -3.50
C TRP C 66 5.73 -21.82 -4.41
N ALA C 67 5.13 -20.69 -4.03
CA ALA C 67 5.18 -19.54 -4.91
C ALA C 67 6.46 -18.78 -4.83
N THR C 68 7.50 -19.36 -5.40
CA THR C 68 8.80 -18.76 -5.35
C THR C 68 8.82 -17.54 -6.26
N HIS C 69 7.84 -17.45 -7.16
CA HIS C 69 7.71 -16.30 -8.03
C HIS C 69 7.05 -15.14 -7.29
N CYS C 70 6.38 -15.43 -6.18
CA CYS C 70 5.74 -14.39 -5.37
C CYS C 70 6.76 -13.72 -4.41
N CYS C 71 7.78 -14.50 -3.98
CA CYS C 71 8.85 -14.13 -3.07
C CYS C 71 9.85 -13.16 -3.72
N VAL C 72 10.54 -12.47 -2.85
CA VAL C 72 11.57 -11.52 -3.21
C VAL C 72 12.83 -12.26 -3.74
N PRO C 73 13.47 -11.81 -4.80
CA PRO C 73 14.72 -12.36 -5.28
C PRO C 73 15.80 -12.24 -4.20
N THR C 74 16.75 -13.15 -4.20
CA THR C 74 17.81 -13.16 -3.22
C THR C 74 18.94 -12.21 -3.50
N ASP C 75 19.75 -11.97 -2.49
CA ASP C 75 20.93 -11.13 -2.67
C ASP C 75 22.02 -12.11 -3.11
N PRO C 76 22.82 -11.74 -4.12
CA PRO C 76 23.92 -12.54 -4.68
C PRO C 76 24.74 -13.24 -3.61
N ASN C 77 25.15 -12.46 -2.61
CA ASN C 77 25.90 -12.95 -1.47
C ASN C 77 25.38 -12.14 -0.29
N PRO C 78 25.08 -12.80 0.84
CA PRO C 78 24.54 -12.07 1.96
C PRO C 78 25.63 -11.67 2.92
N GLN C 79 25.38 -10.71 3.81
CA GLN C 79 26.40 -10.39 4.78
C GLN C 79 26.18 -10.98 6.15
N GLU C 80 27.02 -11.93 6.52
CA GLU C 80 26.92 -12.55 7.83
C GLU C 80 27.95 -11.93 8.72
N ILE C 81 27.52 -11.32 9.81
CA ILE C 81 28.46 -10.65 10.68
C ILE C 81 28.70 -11.35 11.99
N HIS C 82 29.92 -11.75 12.23
CA HIS C 82 30.23 -12.45 13.47
C HIS C 82 30.24 -11.48 14.63
N LEU C 83 29.63 -11.84 15.76
CA LEU C 83 29.67 -10.91 16.87
C LEU C 83 30.64 -11.40 17.94
N GLU C 84 31.76 -10.73 18.09
CA GLU C 84 32.68 -11.21 19.09
C GLU C 84 32.16 -10.78 20.45
N ASN C 85 32.39 -11.60 21.50
CA ASN C 85 32.01 -11.36 22.90
C ASN C 85 30.50 -11.19 23.14
N VAL C 86 29.63 -11.87 22.35
CA VAL C 86 28.18 -11.82 22.52
C VAL C 86 27.65 -13.19 22.78
N THR C 87 26.98 -13.34 23.88
CA THR C 87 26.36 -14.60 24.26
C THR C 87 24.90 -14.30 24.30
N GLU C 88 24.11 -15.14 23.68
CA GLU C 88 22.69 -14.88 23.65
C GLU C 88 21.91 -16.14 23.91
N GLU C 89 20.70 -16.00 24.43
CA GLU C 89 19.84 -17.15 24.71
C GLU C 89 18.87 -17.48 23.59
N PHE C 90 18.90 -18.71 23.17
CA PHE C 90 18.02 -19.17 22.12
C PHE C 90 17.07 -20.20 22.70
N ASN C 91 15.87 -20.27 22.17
CA ASN C 91 14.94 -21.29 22.61
C ASN C 91 14.12 -21.75 21.45
N MET C 92 14.53 -22.87 20.88
CA MET C 92 13.95 -23.40 19.67
C MET C 92 12.51 -23.83 19.82
N TRP C 93 12.04 -23.98 21.05
CA TRP C 93 10.70 -24.46 21.27
C TRP C 93 9.70 -23.32 21.40
N LYS C 94 10.19 -22.09 21.46
CA LYS C 94 9.36 -20.91 21.64
C LYS C 94 9.59 -19.94 20.51
N ASN C 95 10.15 -20.45 19.45
CA ASN C 95 10.54 -19.69 18.28
C ASN C 95 9.36 -19.43 17.36
N ASN C 96 8.97 -18.17 17.21
CA ASN C 96 7.77 -17.83 16.44
C ASN C 96 8.01 -17.90 14.94
N MET C 97 9.23 -18.19 14.53
CA MET C 97 9.53 -18.32 13.13
C MET C 97 8.90 -19.61 12.65
N VAL C 98 8.71 -20.56 13.58
CA VAL C 98 8.18 -21.85 13.25
C VAL C 98 6.73 -21.71 12.92
N GLU C 99 6.02 -20.92 13.71
CA GLU C 99 4.62 -20.72 13.47
C GLU C 99 4.41 -20.02 12.17
N GLN C 100 5.27 -19.05 11.84
CA GLN C 100 5.06 -18.40 10.56
C GLN C 100 5.35 -19.32 9.42
N MET C 101 6.37 -20.17 9.53
CA MET C 101 6.63 -21.06 8.42
C MET C 101 5.46 -21.98 8.21
N HIS C 102 4.86 -22.47 9.29
CA HIS C 102 3.72 -23.37 9.18
C HIS C 102 2.59 -22.69 8.47
N GLU C 103 2.25 -21.48 8.88
CA GLU C 103 1.15 -20.79 8.25
C GLU C 103 1.43 -20.46 6.79
N ASP C 104 2.65 -20.06 6.45
CA ASP C 104 2.91 -19.72 5.08
C ASP C 104 2.87 -20.91 4.17
N ILE C 105 3.37 -22.05 4.63
CA ILE C 105 3.34 -23.22 3.80
C ILE C 105 1.93 -23.65 3.56
N ILE C 106 1.09 -23.65 4.57
CA ILE C 106 -0.26 -24.08 4.33
C ILE C 106 -0.94 -23.12 3.39
N SER C 107 -0.76 -21.80 3.58
CA SER C 107 -1.41 -20.87 2.69
C SER C 107 -0.97 -21.02 1.26
N LEU C 108 0.33 -21.23 1.03
CA LEU C 108 0.77 -21.39 -0.35
C LEU C 108 0.21 -22.66 -0.94
N TRP C 109 0.16 -23.70 -0.13
CA TRP C 109 -0.36 -24.96 -0.57
C TRP C 109 -1.77 -24.77 -1.06
N ASP C 110 -2.61 -24.12 -0.26
CA ASP C 110 -3.99 -23.93 -0.68
C ASP C 110 -4.12 -23.04 -1.88
N GLN C 111 -3.29 -22.01 -1.99
CA GLN C 111 -3.42 -21.14 -3.14
C GLN C 111 -3.15 -21.87 -4.43
N SER C 112 -2.23 -22.82 -4.41
CA SER C 112 -1.88 -23.54 -5.62
C SER C 112 -3.01 -24.39 -6.15
N LEU C 113 -4.02 -24.70 -5.32
CA LEU C 113 -5.14 -25.51 -5.73
C LEU C 113 -6.34 -24.70 -6.13
N LYS C 114 -6.29 -23.38 -5.96
CA LYS C 114 -7.46 -22.59 -6.24
C LYS C 114 -7.89 -22.66 -7.70
N PRO C 115 -6.99 -22.62 -8.69
CA PRO C 115 -7.34 -22.69 -10.08
C PRO C 115 -7.48 -24.10 -10.67
N CYS C 116 -7.43 -25.18 -9.85
CA CYS C 116 -7.39 -26.56 -10.33
C CYS C 116 -8.80 -27.17 -10.35
N VAL C 117 -8.97 -28.23 -11.12
CA VAL C 117 -10.25 -28.89 -11.29
C VAL C 117 -10.84 -29.53 -10.05
N LYS C 118 -12.12 -29.23 -9.80
CA LYS C 118 -12.85 -29.80 -8.68
C LYS C 118 -13.47 -31.10 -9.12
N LEU C 119 -13.16 -32.19 -8.46
CA LEU C 119 -13.65 -33.48 -8.91
C LEU C 119 -14.95 -33.86 -8.28
N THR C 120 -15.89 -32.95 -8.33
CA THR C 120 -17.21 -33.16 -7.81
C THR C 120 -17.89 -34.35 -8.47
N PRO C 121 -17.92 -34.46 -9.81
CA PRO C 121 -18.61 -35.50 -10.49
C PRO C 121 -17.95 -36.87 -10.34
N LEU C 122 -16.81 -36.94 -9.67
CA LEU C 122 -16.19 -38.24 -9.48
C LEU C 122 -16.78 -39.04 -8.30
N CYS C 123 -17.52 -38.37 -7.37
CA CYS C 123 -18.05 -39.04 -6.18
C CYS C 123 -19.38 -39.74 -6.52
N VAL C 124 -19.21 -40.93 -7.08
CA VAL C 124 -20.28 -41.81 -7.56
C VAL C 124 -20.09 -43.21 -7.05
N THR C 125 -21.10 -44.04 -7.22
CA THR C 125 -20.94 -45.43 -6.89
C THR C 125 -20.01 -46.05 -7.92
N LEU C 126 -19.01 -46.77 -7.45
CA LEU C 126 -18.06 -47.44 -8.30
C LEU C 126 -18.34 -48.94 -8.30
N GLN C 127 -18.13 -49.58 -9.45
CA GLN C 127 -18.23 -51.04 -9.55
C GLN C 127 -16.83 -51.58 -9.63
N CYS C 128 -16.29 -52.18 -8.52
CA CYS C 128 -14.87 -52.56 -8.48
C CYS C 128 -14.68 -54.06 -8.39
N THR C 129 -13.65 -54.51 -9.09
CA THR C 129 -13.17 -55.87 -9.06
C THR C 129 -11.68 -55.77 -8.73
N ASN C 130 -10.97 -56.90 -8.55
CA ASN C 130 -9.53 -56.90 -8.22
C ASN C 130 -8.70 -56.95 -9.50
N VAL C 131 -7.47 -56.38 -9.43
CA VAL C 131 -6.47 -56.52 -10.48
C VAL C 131 -5.73 -57.79 -10.13
N THR C 132 -5.82 -58.79 -11.00
CA THR C 132 -5.22 -60.09 -10.75
C THR C 132 -4.26 -60.57 -11.84
N ASN C 133 -4.13 -59.82 -12.93
CA ASN C 133 -3.38 -60.32 -14.09
C ASN C 133 -1.88 -60.65 -13.91
N ASN C 134 -1.12 -59.84 -13.16
CA ASN C 134 0.32 -60.03 -12.92
C ASN C 134 0.66 -59.68 -11.46
N ILE C 135 0.01 -60.35 -10.50
CA ILE C 135 0.14 -60.09 -9.07
C ILE C 135 1.01 -61.05 -8.34
N THR C 136 1.99 -60.51 -7.67
CA THR C 136 2.89 -61.28 -6.85
C THR C 136 2.22 -61.41 -5.49
N ASP C 137 2.70 -62.30 -4.65
CA ASP C 137 2.00 -62.53 -3.40
C ASP C 137 1.87 -61.37 -2.44
N ASP C 138 2.83 -60.46 -2.40
CA ASP C 138 2.76 -59.39 -1.44
C ASP C 138 1.75 -58.32 -1.84
N MET C 139 1.84 -57.82 -3.05
CA MET C 139 0.93 -56.76 -3.45
C MET C 139 -0.33 -57.37 -4.04
N ARG C 140 -1.07 -58.05 -3.18
CA ARG C 140 -2.26 -58.73 -3.60
C ARG C 140 -3.46 -58.13 -2.90
N GLY C 141 -4.37 -57.58 -3.68
CA GLY C 141 -5.53 -56.90 -3.09
C GLY C 141 -5.28 -55.41 -2.87
N GLU C 142 -4.15 -54.91 -3.38
CA GLU C 142 -3.78 -53.49 -3.27
C GLU C 142 -4.18 -52.66 -4.47
N LEU C 143 -4.82 -53.30 -5.44
CA LEU C 143 -5.29 -52.60 -6.62
C LEU C 143 -6.65 -53.05 -6.99
N LYS C 144 -7.47 -52.06 -7.24
CA LYS C 144 -8.83 -52.25 -7.67
C LYS C 144 -8.99 -51.70 -9.07
N ASN C 145 -9.83 -52.37 -9.86
CA ASN C 145 -10.22 -51.98 -11.22
C ASN C 145 -11.70 -51.57 -11.17
N CYS C 146 -11.96 -50.24 -11.16
CA CYS C 146 -13.28 -49.67 -10.92
C CYS C 146 -13.87 -49.00 -12.14
N SER C 147 -15.14 -49.29 -12.42
CA SER C 147 -15.82 -48.62 -13.52
C SER C 147 -16.92 -47.74 -12.97
N PHE C 148 -17.21 -46.66 -13.71
CA PHE C 148 -18.22 -45.70 -13.32
C PHE C 148 -18.78 -44.83 -14.46
N ASN C 149 -19.87 -44.15 -14.17
CA ASN C 149 -20.50 -43.23 -15.09
C ASN C 149 -20.01 -41.83 -14.74
N MET C 150 -19.28 -41.24 -15.66
CA MET C 150 -18.69 -39.91 -15.55
C MET C 150 -19.36 -38.92 -16.51
N THR C 151 -19.36 -37.64 -16.16
CA THR C 151 -19.92 -36.60 -17.00
C THR C 151 -18.99 -36.26 -18.14
N THR C 152 -19.49 -35.55 -19.15
CA THR C 152 -18.68 -35.15 -20.29
C THR C 152 -18.82 -33.67 -20.46
N GLU C 153 -18.31 -33.12 -21.55
CA GLU C 153 -18.41 -31.69 -21.79
C GLU C 153 -19.86 -31.23 -21.85
N LEU C 154 -20.76 -32.10 -22.28
CA LEU C 154 -22.14 -31.70 -22.43
C LEU C 154 -22.95 -32.18 -21.25
N ARG C 155 -23.84 -31.33 -20.78
CA ARG C 155 -24.67 -31.68 -19.63
C ARG C 155 -25.55 -32.89 -19.89
N ASP C 156 -25.97 -33.11 -21.13
CA ASP C 156 -26.82 -34.23 -21.44
C ASP C 156 -26.11 -35.53 -21.81
N LYS C 157 -24.78 -35.59 -21.75
CA LYS C 157 -24.09 -36.82 -22.11
C LYS C 157 -23.32 -37.42 -20.96
N LYS C 158 -23.12 -38.73 -21.02
CA LYS C 158 -22.35 -39.48 -20.03
C LYS C 158 -21.36 -40.40 -20.72
N GLN C 159 -20.29 -40.77 -20.02
CA GLN C 159 -19.32 -41.71 -20.53
C GLN C 159 -18.99 -42.77 -19.51
N LYS C 160 -18.67 -43.97 -19.98
CA LYS C 160 -18.26 -45.01 -19.06
C LYS C 160 -16.75 -45.05 -19.03
N VAL C 161 -16.22 -44.94 -17.85
CA VAL C 161 -14.80 -44.85 -17.60
C VAL C 161 -14.33 -45.86 -16.61
N TYR C 162 -13.15 -46.41 -16.81
CA TYR C 162 -12.64 -47.26 -15.78
C TYR C 162 -11.24 -46.82 -15.46
N SER C 163 -10.83 -47.06 -14.24
CA SER C 163 -9.51 -46.67 -13.79
C SER C 163 -9.03 -47.51 -12.63
N LEU C 164 -7.74 -47.40 -12.34
CA LEU C 164 -7.24 -48.16 -11.21
C LEU C 164 -7.08 -47.30 -9.95
N PHE C 165 -7.44 -47.89 -8.82
CA PHE C 165 -7.36 -47.26 -7.50
C PHE C 165 -6.56 -48.13 -6.56
N TYR C 166 -6.06 -47.57 -5.47
CA TYR C 166 -5.15 -48.35 -4.61
C TYR C 166 -5.72 -48.95 -3.37
N ARG C 167 -7.02 -49.03 -3.26
CA ARG C 167 -7.69 -49.59 -2.07
C ARG C 167 -7.65 -48.65 -0.89
N LEU C 168 -6.51 -48.11 -0.55
CA LEU C 168 -6.45 -47.22 0.58
C LEU C 168 -7.33 -46.00 0.39
N ASP C 169 -7.54 -45.58 -0.86
CA ASP C 169 -8.35 -44.44 -1.17
C ASP C 169 -9.79 -44.73 -1.62
N VAL C 170 -10.23 -45.98 -1.46
CA VAL C 170 -11.57 -46.44 -1.81
C VAL C 170 -12.19 -47.24 -0.65
N VAL C 171 -13.45 -46.98 -0.31
CA VAL C 171 -14.06 -47.76 0.77
C VAL C 171 -15.30 -48.41 0.27
N GLN C 172 -15.72 -49.48 0.93
CA GLN C 172 -16.89 -50.19 0.48
C GLN C 172 -18.17 -49.57 0.97
N ILE C 173 -19.18 -49.56 0.11
CA ILE C 173 -20.51 -49.06 0.49
C ILE C 173 -21.35 -50.15 1.14
N ASN C 174 -21.44 -51.35 0.49
CA ASN C 174 -22.24 -52.49 0.97
C ASN C 174 -21.33 -53.55 1.56
N LYS C 186 -19.38 -55.39 -3.66
CA LYS C 186 -18.84 -54.95 -4.95
C LYS C 186 -18.94 -53.42 -5.15
N GLU C 187 -19.94 -52.74 -4.53
CA GLU C 187 -20.14 -51.28 -4.62
C GLU C 187 -19.30 -50.54 -3.62
N TYR C 188 -18.49 -49.63 -4.16
CA TYR C 188 -17.50 -48.79 -3.50
C TYR C 188 -17.67 -47.30 -3.78
N ARG C 189 -17.12 -46.49 -2.91
CA ARG C 189 -17.09 -45.05 -3.08
C ARG C 189 -15.73 -44.54 -2.74
N LEU C 190 -15.40 -43.33 -3.15
CA LEU C 190 -14.10 -42.84 -2.76
C LEU C 190 -14.12 -42.59 -1.28
N ILE C 191 -12.97 -42.79 -0.66
CA ILE C 191 -12.88 -42.66 0.78
C ILE C 191 -13.32 -41.35 1.37
N ASN C 192 -13.17 -40.26 0.67
CA ASN C 192 -13.58 -39.01 1.28
C ASN C 192 -14.96 -38.45 0.88
N CYS C 193 -15.85 -39.25 0.23
CA CYS C 193 -17.18 -38.79 -0.21
C CYS C 193 -18.08 -38.33 0.93
N ASN C 194 -17.87 -38.85 2.12
CA ASN C 194 -18.73 -38.42 3.21
C ASN C 194 -18.15 -37.27 4.06
N THR C 195 -16.93 -36.72 3.74
CA THR C 195 -16.32 -35.63 4.52
C THR C 195 -15.85 -34.44 3.71
N SER C 196 -15.50 -34.59 2.44
CA SER C 196 -14.90 -33.47 1.76
C SER C 196 -14.97 -33.43 0.25
N ALA C 197 -14.70 -32.26 -0.29
CA ALA C 197 -14.56 -32.10 -1.72
C ALA C 197 -13.14 -32.47 -2.10
N ILE C 198 -12.93 -32.91 -3.35
CA ILE C 198 -11.59 -33.24 -3.78
C ILE C 198 -11.11 -32.31 -4.87
N THR C 199 -9.98 -31.70 -4.69
CA THR C 199 -9.45 -30.85 -5.73
C THR C 199 -8.30 -31.58 -6.38
N GLN C 200 -8.30 -31.69 -7.70
CA GLN C 200 -7.21 -32.36 -8.38
C GLN C 200 -6.04 -31.45 -8.41
N ALA C 201 -4.88 -31.93 -8.06
CA ALA C 201 -3.73 -31.06 -8.13
C ALA C 201 -3.46 -30.82 -9.60
N CYS C 202 -3.02 -29.59 -9.99
CA CYS C 202 -2.68 -29.24 -11.37
C CYS C 202 -1.43 -30.05 -11.80
N PRO C 203 -1.49 -30.76 -12.93
CA PRO C 203 -0.45 -31.66 -13.43
C PRO C 203 0.81 -30.95 -13.84
N LYS C 204 0.74 -29.64 -14.01
CA LYS C 204 1.91 -28.88 -14.42
C LYS C 204 2.59 -28.17 -13.27
N VAL C 205 2.12 -28.39 -12.05
CA VAL C 205 2.72 -27.73 -10.91
C VAL C 205 3.48 -28.74 -10.06
N SER C 206 4.78 -28.56 -9.97
CA SER C 206 5.64 -29.46 -9.23
C SER C 206 5.49 -29.37 -7.73
N PHE C 207 5.70 -30.49 -7.06
CA PHE C 207 5.67 -30.52 -5.61
C PHE C 207 7.07 -30.61 -5.00
N GLU C 208 8.09 -30.43 -5.82
CA GLU C 208 9.45 -30.52 -5.34
C GLU C 208 9.82 -29.28 -4.50
N PRO C 209 10.30 -29.44 -3.26
CA PRO C 209 10.72 -28.35 -2.42
C PRO C 209 11.81 -27.51 -3.05
N ILE C 210 11.67 -26.21 -2.92
CA ILE C 210 12.62 -25.23 -3.39
C ILE C 210 13.01 -24.44 -2.17
N PRO C 211 14.29 -24.20 -1.86
CA PRO C 211 14.70 -23.47 -0.70
C PRO C 211 14.06 -22.10 -0.63
N ILE C 212 13.62 -21.75 0.55
CA ILE C 212 13.03 -20.47 0.84
C ILE C 212 13.81 -19.77 1.91
N HIS C 213 14.15 -18.53 1.69
CA HIS C 213 14.89 -17.77 2.67
C HIS C 213 13.94 -16.87 3.44
N TYR C 214 13.98 -16.88 4.76
CA TYR C 214 13.11 -15.99 5.53
C TYR C 214 13.90 -14.78 5.94
N CYS C 215 13.37 -13.57 5.66
CA CYS C 215 14.06 -12.29 5.84
C CYS C 215 13.33 -11.38 6.81
N ALA C 216 14.11 -10.73 7.66
CA ALA C 216 13.58 -9.78 8.60
C ALA C 216 13.33 -8.46 7.88
N PRO C 217 12.34 -7.68 8.30
CA PRO C 217 12.05 -6.35 7.84
C PRO C 217 13.05 -5.39 8.40
N ALA C 218 13.13 -4.21 7.82
CA ALA C 218 14.04 -3.23 8.35
C ALA C 218 13.70 -2.91 9.78
N GLY C 219 14.72 -2.76 10.60
CA GLY C 219 14.53 -2.45 12.01
C GLY C 219 14.64 -3.70 12.89
N PHE C 220 14.68 -4.86 12.24
CA PHE C 220 14.81 -6.17 12.86
C PHE C 220 16.02 -6.90 12.31
N ALA C 221 16.47 -7.89 13.04
CA ALA C 221 17.59 -8.69 12.58
C ALA C 221 17.44 -10.12 13.03
N ILE C 222 18.08 -11.04 12.32
CA ILE C 222 18.03 -12.42 12.74
C ILE C 222 19.35 -12.84 13.32
N LEU C 223 19.33 -13.32 14.52
CA LEU C 223 20.56 -13.74 15.13
C LEU C 223 20.65 -15.22 14.85
N LYS C 224 21.84 -15.69 14.60
CA LYS C 224 22.07 -17.09 14.34
C LYS C 224 23.07 -17.65 15.34
N CYS C 225 22.83 -18.89 15.82
CA CYS C 225 23.70 -19.62 16.75
C CYS C 225 24.67 -20.52 15.97
N LYS C 226 25.97 -20.27 16.15
CA LYS C 226 27.04 -21.00 15.49
C LYS C 226 27.68 -22.04 16.36
N ASP C 227 27.14 -22.20 17.56
CA ASP C 227 27.66 -23.15 18.52
C ASP C 227 27.48 -24.56 18.01
N LYS C 228 28.60 -25.26 17.85
CA LYS C 228 28.52 -26.67 17.45
C LYS C 228 28.07 -27.43 18.71
N LYS C 229 27.32 -28.57 18.51
CA LYS C 229 26.79 -29.36 19.60
C LYS C 229 25.80 -28.55 20.44
N PHE C 230 25.02 -27.72 19.77
CA PHE C 230 24.03 -26.90 20.44
C PHE C 230 22.70 -27.63 20.52
N ASN C 231 22.12 -27.73 21.74
CA ASN C 231 20.86 -28.48 21.97
C ASN C 231 19.57 -27.63 21.82
N GLY C 232 19.66 -26.34 21.45
CA GLY C 232 18.52 -25.46 21.19
C GLY C 232 17.94 -24.62 22.33
N THR C 233 18.32 -24.86 23.60
CA THR C 233 17.66 -24.04 24.64
C THR C 233 18.54 -23.22 25.56
N GLY C 234 19.84 -23.31 25.46
CA GLY C 234 20.66 -22.56 26.40
C GLY C 234 21.35 -21.39 25.74
N PRO C 235 22.25 -20.74 26.46
CA PRO C 235 23.06 -19.66 26.00
C PRO C 235 23.90 -20.23 24.87
N CYS C 236 24.17 -19.43 23.86
CA CYS C 236 24.97 -19.72 22.69
C CYS C 236 26.11 -18.70 22.69
N PRO C 237 27.35 -19.09 22.97
CA PRO C 237 28.53 -18.26 23.10
C PRO C 237 29.08 -17.73 21.78
N SER C 238 28.58 -18.24 20.68
CA SER C 238 29.09 -17.83 19.38
C SER C 238 27.94 -17.57 18.46
N VAL C 239 27.70 -16.30 18.18
CA VAL C 239 26.57 -15.92 17.36
C VAL C 239 26.99 -14.97 16.26
N SER C 240 26.12 -14.85 15.27
CA SER C 240 26.32 -13.93 14.17
C SER C 240 25.00 -13.32 13.76
N THR C 241 25.05 -12.23 13.03
CA THR C 241 23.85 -11.57 12.57
C THR C 241 23.67 -11.67 11.08
N VAL C 242 22.47 -12.04 10.68
CA VAL C 242 22.14 -12.14 9.27
C VAL C 242 20.85 -11.40 9.02
N GLN C 243 20.58 -11.07 7.77
CA GLN C 243 19.27 -10.47 7.47
C GLN C 243 18.22 -11.53 7.06
N CYS C 244 18.68 -12.63 6.41
CA CYS C 244 17.88 -13.73 5.89
C CYS C 244 18.50 -15.05 6.36
N THR C 245 17.67 -16.05 6.53
CA THR C 245 18.09 -17.39 6.89
C THR C 245 18.66 -18.06 5.67
N HIS C 246 19.25 -19.22 5.85
CA HIS C 246 19.76 -20.00 4.75
C HIS C 246 18.53 -20.50 4.04
N GLY C 247 18.67 -21.04 2.86
CA GLY C 247 17.44 -21.50 2.27
C GLY C 247 17.01 -22.75 2.97
N ILE C 248 15.74 -22.84 3.28
CA ILE C 248 15.19 -24.02 3.91
C ILE C 248 14.25 -24.71 2.99
N LYS C 249 14.47 -25.99 2.75
CA LYS C 249 13.58 -26.70 1.88
C LYS C 249 12.39 -27.20 2.67
N PRO C 250 11.15 -26.92 2.28
CA PRO C 250 9.95 -27.35 2.95
C PRO C 250 9.66 -28.79 2.64
N VAL C 251 10.50 -29.67 3.12
CA VAL C 251 10.35 -31.09 2.87
C VAL C 251 9.33 -31.62 3.83
N VAL C 252 8.36 -32.34 3.33
CA VAL C 252 7.34 -32.89 4.19
C VAL C 252 7.52 -34.37 4.37
N SER C 253 7.66 -34.79 5.62
CA SER C 253 7.81 -36.20 5.92
C SER C 253 7.29 -36.48 7.31
N THR C 254 6.99 -37.74 7.62
CA THR C 254 6.50 -38.00 8.98
C THR C 254 7.36 -38.71 10.00
N GLN C 255 8.34 -39.57 9.67
CA GLN C 255 9.06 -40.19 10.80
C GLN C 255 10.53 -39.92 10.73
N LEU C 256 11.04 -39.95 9.53
CA LEU C 256 12.44 -39.69 9.33
C LEU C 256 12.48 -38.33 8.71
N LEU C 257 13.47 -37.55 9.02
CA LEU C 257 13.57 -36.25 8.40
C LEU C 257 14.42 -36.39 7.20
N LEU C 258 14.01 -35.83 6.10
CA LEU C 258 14.79 -35.97 4.89
C LEU C 258 15.34 -34.64 4.40
N ASN C 259 16.53 -34.68 3.76
CA ASN C 259 17.22 -33.60 3.06
C ASN C 259 17.41 -32.32 3.89
N GLY C 260 17.72 -32.43 5.21
CA GLY C 260 17.94 -31.29 6.10
C GLY C 260 19.42 -31.06 6.33
N SER C 261 19.71 -30.27 7.35
CA SER C 261 21.07 -29.97 7.71
C SER C 261 21.64 -31.07 8.59
N LEU C 262 22.91 -31.33 8.46
CA LEU C 262 23.58 -32.29 9.31
C LEU C 262 24.28 -31.64 10.47
N ALA C 263 24.42 -32.40 11.53
CA ALA C 263 25.17 -32.01 12.69
C ALA C 263 26.63 -32.04 12.29
N GLU C 264 27.46 -31.20 12.90
CA GLU C 264 28.87 -31.11 12.51
C GLU C 264 29.88 -31.97 13.27
N GLU C 265 29.55 -32.36 14.50
CA GLU C 265 30.49 -33.15 15.30
C GLU C 265 29.98 -34.51 15.74
N GLU C 266 28.74 -34.57 16.15
CA GLU C 266 28.16 -35.78 16.70
C GLU C 266 26.67 -35.74 16.55
N VAL C 267 26.01 -36.82 16.90
CA VAL C 267 24.57 -36.83 16.87
C VAL C 267 24.05 -35.97 18.01
N ILE C 268 23.13 -35.07 17.72
CA ILE C 268 22.62 -34.18 18.75
C ILE C 268 21.17 -34.47 19.08
N ILE C 269 20.88 -34.68 20.34
CA ILE C 269 19.52 -35.01 20.73
C ILE C 269 18.84 -33.85 21.45
N ARG C 270 17.71 -33.41 20.91
CA ARG C 270 17.00 -32.26 21.46
C ARG C 270 15.52 -32.51 21.77
N SER C 271 15.04 -31.93 22.87
CA SER C 271 13.63 -32.00 23.23
C SER C 271 13.28 -30.84 24.14
N GLU C 272 11.99 -30.53 24.31
CA GLU C 272 11.64 -29.46 25.28
C GLU C 272 12.00 -29.79 26.74
N ASN C 273 11.79 -31.06 27.11
CA ASN C 273 12.00 -31.65 28.43
C ASN C 273 12.28 -33.14 28.23
N ILE C 274 13.54 -33.55 28.41
CA ILE C 274 14.02 -34.91 28.14
C ILE C 274 13.44 -35.95 29.11
N THR C 275 12.86 -35.51 30.22
CA THR C 275 12.31 -36.48 31.15
C THR C 275 10.81 -36.56 31.04
N ASN C 276 10.22 -35.81 30.12
CA ASN C 276 8.79 -35.81 29.93
C ASN C 276 8.45 -36.71 28.74
N ASN C 277 7.85 -37.86 28.98
CA ASN C 277 7.62 -38.83 27.91
C ASN C 277 6.55 -38.40 26.92
N ALA C 278 5.89 -37.29 27.20
CA ALA C 278 4.87 -36.77 26.31
C ALA C 278 5.47 -35.89 25.21
N LYS C 279 6.76 -35.65 25.26
CA LYS C 279 7.40 -34.78 24.29
C LYS C 279 8.14 -35.58 23.24
N ASN C 280 8.29 -35.01 22.05
CA ASN C 280 9.06 -35.69 21.02
C ASN C 280 10.52 -35.34 21.13
N ILE C 281 11.33 -36.24 20.65
CA ILE C 281 12.76 -36.07 20.60
C ILE C 281 13.22 -35.91 19.17
N LEU C 282 13.93 -34.84 18.89
CA LEU C 282 14.45 -34.63 17.57
C LEU C 282 15.91 -34.99 17.55
N VAL C 283 16.28 -35.91 16.70
CA VAL C 283 17.65 -36.34 16.65
C VAL C 283 18.28 -35.88 15.36
N GLN C 284 19.35 -35.13 15.47
CA GLN C 284 20.04 -34.65 14.28
C GLN C 284 21.28 -35.48 14.02
N LEU C 285 21.38 -36.06 12.85
CA LEU C 285 22.50 -36.92 12.55
C LEU C 285 23.64 -36.14 12.00
N ASN C 286 24.88 -36.62 12.18
CA ASN C 286 26.03 -35.93 11.62
C ASN C 286 26.48 -36.55 10.30
N THR C 287 25.78 -37.59 9.89
CA THR C 287 26.03 -38.28 8.65
C THR C 287 24.68 -38.58 8.05
N PRO C 288 24.53 -38.56 6.73
CA PRO C 288 23.32 -38.93 6.08
C PRO C 288 23.19 -40.41 6.01
N VAL C 289 21.98 -40.91 5.94
CA VAL C 289 21.79 -42.30 5.59
C VAL C 289 21.10 -42.28 4.25
N GLN C 290 21.67 -42.91 3.26
CA GLN C 290 21.05 -42.82 1.95
C GLN C 290 19.93 -43.80 1.80
N ILE C 291 18.77 -43.30 1.41
CA ILE C 291 17.59 -44.14 1.20
C ILE C 291 17.09 -44.05 -0.26
N ASN C 292 16.95 -45.21 -0.93
CA ASN C 292 16.53 -45.38 -2.33
C ASN C 292 15.08 -45.85 -2.40
N CYS C 293 14.13 -44.99 -2.85
CA CYS C 293 12.70 -45.32 -2.89
C CYS C 293 12.20 -45.42 -4.32
N THR C 294 11.35 -46.41 -4.53
CA THR C 294 10.79 -46.64 -5.85
C THR C 294 9.38 -47.12 -5.88
N ARG C 295 8.75 -46.84 -7.00
CA ARG C 295 7.43 -47.30 -7.34
C ARG C 295 7.64 -47.99 -8.68
N PRO C 296 8.09 -49.25 -8.66
CA PRO C 296 8.61 -50.00 -9.77
C PRO C 296 7.55 -50.59 -10.65
N ASN C 297 6.69 -49.75 -11.17
CA ASN C 297 5.59 -50.18 -12.02
C ASN C 297 5.51 -49.16 -13.10
N ASN C 298 5.30 -49.61 -14.35
CA ASN C 298 5.18 -48.72 -15.51
C ASN C 298 3.72 -48.35 -15.74
N ASN C 299 3.31 -47.13 -15.28
CA ASN C 299 1.94 -46.65 -15.40
C ASN C 299 1.67 -45.95 -16.69
N THR C 300 0.54 -46.29 -17.27
CA THR C 300 0.06 -45.62 -18.45
C THR C 300 -1.04 -44.74 -17.97
N VAL C 301 -0.91 -43.46 -18.21
CA VAL C 301 -1.85 -42.48 -17.71
C VAL C 301 -2.77 -41.99 -18.79
N LYS C 302 -4.05 -42.01 -18.48
CA LYS C 302 -5.09 -41.60 -19.38
C LYS C 302 -5.73 -40.31 -18.90
N SER C 303 -6.39 -39.61 -19.82
CA SER C 303 -7.06 -38.38 -19.48
C SER C 303 -8.36 -38.25 -20.22
N ILE C 304 -9.38 -37.84 -19.49
CA ILE C 304 -10.70 -37.62 -20.07
C ILE C 304 -11.23 -36.26 -19.74
N ARG C 305 -12.16 -35.78 -20.53
CA ARG C 305 -12.80 -34.53 -20.18
C ARG C 305 -13.97 -34.85 -19.34
N ILE C 306 -14.22 -34.04 -18.34
CA ILE C 306 -15.33 -34.23 -17.44
C ILE C 306 -16.28 -33.07 -17.45
N GLY C 307 -15.92 -32.04 -18.18
CA GLY C 307 -16.70 -30.83 -18.21
C GLY C 307 -16.10 -29.87 -19.20
N PRO C 308 -16.57 -28.64 -19.26
CA PRO C 308 -16.23 -27.65 -20.23
C PRO C 308 -14.85 -27.07 -20.02
N GLY C 309 -13.86 -27.81 -20.48
CA GLY C 309 -12.46 -27.43 -20.34
C GLY C 309 -11.79 -28.06 -19.13
N GLN C 310 -12.43 -29.04 -18.53
CA GLN C 310 -11.87 -29.70 -17.35
C GLN C 310 -11.47 -31.12 -17.66
N TRP C 311 -10.36 -31.56 -17.10
CA TRP C 311 -9.93 -32.92 -17.34
C TRP C 311 -9.45 -33.61 -16.11
N PHE C 312 -9.72 -34.89 -16.09
CA PHE C 312 -9.35 -35.81 -15.03
C PHE C 312 -8.28 -36.76 -15.45
N TYR C 313 -7.27 -36.93 -14.61
CA TYR C 313 -6.19 -37.84 -14.93
C TYR C 313 -6.23 -39.08 -14.08
N TYR C 314 -6.00 -40.21 -14.68
CA TYR C 314 -6.06 -41.44 -13.92
C TYR C 314 -5.18 -42.54 -14.49
N THR C 315 -4.87 -43.54 -13.67
CA THR C 315 -4.07 -44.62 -14.18
C THR C 315 -4.95 -45.49 -15.02
N GLY C 316 -4.49 -45.71 -16.23
CA GLY C 316 -5.16 -46.50 -17.23
C GLY C 316 -4.83 -47.95 -17.05
N ASP C 317 -3.54 -48.25 -17.11
CA ASP C 317 -3.11 -49.62 -16.96
C ASP C 317 -1.68 -49.70 -16.46
N ILE C 318 -1.19 -50.92 -16.25
CA ILE C 318 0.17 -51.18 -15.83
C ILE C 318 0.82 -52.13 -16.81
N ILE C 319 1.98 -51.74 -17.30
CA ILE C 319 2.71 -52.55 -18.25
C ILE C 319 3.73 -53.40 -17.55
N GLY C 320 3.66 -54.70 -17.78
CA GLY C 320 4.55 -55.64 -17.14
C GLY C 320 3.95 -56.09 -15.82
N ASP C 321 4.80 -56.62 -14.94
CA ASP C 321 4.34 -57.16 -13.69
C ASP C 321 4.05 -56.09 -12.66
N ILE C 322 3.20 -56.42 -11.69
CA ILE C 322 2.84 -55.49 -10.65
C ILE C 322 3.57 -55.79 -9.36
N ARG C 323 4.37 -54.84 -8.91
CA ARG C 323 5.22 -55.03 -7.77
C ARG C 323 5.03 -53.98 -6.68
N GLN C 324 5.32 -54.36 -5.46
CA GLN C 324 5.17 -53.47 -4.33
C GLN C 324 6.22 -52.36 -4.30
N ALA C 325 5.78 -51.15 -3.97
CA ALA C 325 6.68 -50.01 -3.82
C ALA C 325 7.52 -50.26 -2.60
N HIS C 326 8.75 -49.78 -2.62
CA HIS C 326 9.62 -50.03 -1.48
C HIS C 326 10.76 -49.03 -1.38
N CYS C 327 11.43 -48.99 -0.20
CA CYS C 327 12.64 -48.21 0.06
C CYS C 327 13.78 -49.09 0.58
N ASN C 328 15.00 -48.80 0.12
CA ASN C 328 16.21 -49.50 0.52
C ASN C 328 17.13 -48.64 1.40
N VAL C 329 17.48 -49.19 2.59
CA VAL C 329 18.41 -48.60 3.58
C VAL C 329 19.57 -49.57 3.83
N SER C 330 20.83 -49.16 3.68
CA SER C 330 21.92 -50.13 3.90
C SER C 330 21.96 -50.60 5.35
N LYS C 331 22.15 -51.92 5.60
CA LYS C 331 22.17 -52.38 6.99
C LYS C 331 23.31 -51.86 7.80
N ALA C 332 24.51 -51.81 7.22
CA ALA C 332 25.64 -51.38 8.01
C ALA C 332 25.53 -49.93 8.39
N THR C 333 25.07 -49.10 7.46
CA THR C 333 24.98 -47.70 7.73
C THR C 333 23.94 -47.47 8.78
N TRP C 334 22.80 -48.13 8.63
CA TRP C 334 21.73 -47.97 9.59
C TRP C 334 22.14 -48.40 11.00
N ASN C 335 22.85 -49.56 11.15
CA ASN C 335 23.29 -50.07 12.45
C ASN C 335 24.31 -49.12 13.11
N GLU C 336 25.23 -48.49 12.32
CA GLU C 336 26.20 -47.50 12.85
C GLU C 336 25.47 -46.27 13.32
N THR C 337 24.44 -45.89 12.56
CA THR C 337 23.65 -44.73 12.90
C THR C 337 22.94 -44.95 14.20
N LEU C 338 22.32 -46.11 14.40
CA LEU C 338 21.66 -46.30 15.67
C LEU C 338 22.68 -46.38 16.77
N GLY C 339 23.84 -46.97 16.52
CA GLY C 339 24.83 -47.04 17.58
C GLY C 339 25.17 -45.64 18.08
N LYS C 340 25.31 -44.68 17.18
CA LYS C 340 25.58 -43.32 17.59
C LYS C 340 24.40 -42.73 18.36
N VAL C 341 23.18 -43.03 17.93
CA VAL C 341 22.01 -42.49 18.61
C VAL C 341 21.93 -43.03 20.03
N VAL C 342 22.16 -44.32 20.24
CA VAL C 342 22.05 -44.84 21.59
C VAL C 342 23.18 -44.32 22.45
N LYS C 343 24.36 -44.16 21.89
CA LYS C 343 25.45 -43.65 22.68
C LYS C 343 25.08 -42.30 23.28
N GLN C 344 24.44 -41.46 22.47
CA GLN C 344 24.03 -40.15 22.94
C GLN C 344 22.81 -40.24 23.89
N LEU C 345 21.90 -41.17 23.67
CA LEU C 345 20.75 -41.29 24.58
C LEU C 345 21.20 -41.66 25.97
N ARG C 346 22.26 -42.44 26.08
CA ARG C 346 22.75 -42.86 27.39
C ARG C 346 23.13 -41.67 28.28
N LYS C 347 23.44 -40.52 27.69
CA LYS C 347 23.81 -39.36 28.48
C LYS C 347 22.64 -38.89 29.32
N HIS C 348 21.42 -39.24 28.92
CA HIS C 348 20.23 -38.83 29.61
C HIS C 348 19.57 -39.99 30.35
N PHE C 349 19.80 -41.21 29.87
CA PHE C 349 19.13 -42.36 30.46
C PHE C 349 19.98 -43.33 31.29
N GLY C 350 21.30 -43.17 31.33
CA GLY C 350 22.17 -44.04 32.13
C GLY C 350 23.12 -44.88 31.32
N ASN C 351 24.28 -45.20 31.90
CA ASN C 351 25.27 -45.98 31.17
C ASN C 351 25.09 -47.47 31.39
N ASN C 352 24.14 -47.81 32.21
CA ASN C 352 23.83 -49.18 32.56
C ASN C 352 22.38 -49.51 32.25
N THR C 353 21.77 -48.73 31.37
CA THR C 353 20.38 -48.93 31.03
C THR C 353 20.25 -49.72 29.75
N ILE C 354 19.04 -50.04 29.38
CA ILE C 354 18.79 -50.76 28.16
C ILE C 354 18.02 -49.88 27.21
N ILE C 355 18.51 -49.76 25.99
CA ILE C 355 17.78 -48.95 25.02
C ILE C 355 17.14 -49.83 23.99
N ARG C 356 15.85 -49.72 23.82
CA ARG C 356 15.18 -50.59 22.87
C ARG C 356 14.37 -49.82 21.87
N PHE C 357 14.47 -50.21 20.63
CA PHE C 357 13.69 -49.57 19.58
C PHE C 357 12.57 -50.48 19.16
N ALA C 358 11.41 -49.88 18.97
CA ALA C 358 10.21 -50.58 18.58
C ALA C 358 9.41 -49.81 17.55
N GLN C 359 8.35 -50.44 17.07
CA GLN C 359 7.53 -49.86 16.02
C GLN C 359 6.60 -48.81 16.53
N SER C 360 5.85 -48.22 15.64
CA SER C 360 4.91 -47.21 16.01
C SER C 360 3.77 -47.86 16.78
N SER C 361 3.10 -47.09 17.62
CA SER C 361 2.05 -47.64 18.47
C SER C 361 0.64 -47.77 17.92
N GLY C 362 0.31 -47.01 16.90
CA GLY C 362 -1.05 -47.05 16.37
C GLY C 362 -1.44 -45.69 15.82
N GLY C 363 -2.68 -45.57 15.35
CA GLY C 363 -3.12 -44.33 14.73
C GLY C 363 -3.21 -44.53 13.22
N ASP C 364 -3.42 -43.45 12.49
CA ASP C 364 -3.61 -43.59 11.06
C ASP C 364 -2.27 -43.71 10.35
N LEU C 365 -2.28 -43.88 9.03
CA LEU C 365 -1.02 -44.06 8.32
C LEU C 365 -0.11 -42.87 8.43
N GLU C 366 -0.66 -41.68 8.52
CA GLU C 366 0.16 -40.49 8.57
C GLU C 366 1.08 -40.46 9.79
N VAL C 367 0.78 -41.23 10.84
CA VAL C 367 1.63 -41.27 11.99
C VAL C 367 2.28 -42.63 12.21
N THR C 368 1.67 -43.71 11.73
CA THR C 368 2.25 -45.02 11.96
C THR C 368 3.29 -45.38 10.94
N THR C 369 3.28 -44.73 9.78
CA THR C 369 4.25 -44.99 8.73
C THR C 369 5.03 -43.75 8.41
N HIS C 370 6.07 -43.93 7.62
CA HIS C 370 6.88 -42.85 7.15
C HIS C 370 6.37 -42.39 5.81
N SER C 371 5.81 -41.20 5.80
CA SER C 371 5.23 -40.66 4.61
C SER C 371 6.09 -39.64 3.96
N PHE C 372 6.09 -39.64 2.63
CA PHE C 372 6.82 -38.64 1.85
C PHE C 372 6.34 -38.54 0.40
N ASN C 373 6.68 -37.43 -0.24
CA ASN C 373 6.42 -37.18 -1.66
C ASN C 373 7.64 -37.53 -2.52
N CYS C 374 7.54 -38.58 -3.35
CA CYS C 374 8.61 -39.10 -4.22
C CYS C 374 8.19 -39.01 -5.67
N GLY C 375 8.65 -37.97 -6.33
CA GLY C 375 8.33 -37.78 -7.73
C GLY C 375 6.88 -37.43 -8.00
N GLY C 376 6.15 -36.89 -7.02
CA GLY C 376 4.74 -36.60 -7.21
C GLY C 376 3.83 -37.67 -6.64
N GLU C 377 4.37 -38.82 -6.26
CA GLU C 377 3.52 -39.84 -5.67
C GLU C 377 3.67 -39.79 -4.16
N PHE C 378 2.63 -40.14 -3.44
CA PHE C 378 2.71 -40.12 -1.99
C PHE C 378 2.78 -41.52 -1.41
N PHE C 379 3.93 -41.78 -0.80
CA PHE C 379 4.34 -43.04 -0.21
C PHE C 379 4.08 -43.11 1.26
N TYR C 380 3.67 -44.29 1.73
CA TYR C 380 3.46 -44.64 3.14
C TYR C 380 4.26 -45.91 3.47
N CYS C 381 5.51 -45.74 3.94
CA CYS C 381 6.50 -46.81 4.12
C CYS C 381 6.54 -47.34 5.55
N ASN C 382 6.62 -48.64 5.64
CA ASN C 382 6.67 -49.33 6.91
C ASN C 382 8.12 -49.40 7.42
N THR C 383 8.42 -48.70 8.53
CA THR C 383 9.71 -48.52 9.17
C THR C 383 9.93 -49.49 10.30
N SER C 384 9.07 -50.49 10.42
CA SER C 384 9.22 -51.51 11.45
C SER C 384 10.46 -52.31 11.32
N GLY C 385 11.03 -52.31 10.12
CA GLY C 385 12.25 -53.02 9.80
C GLY C 385 13.48 -52.22 10.21
N LEU C 386 13.28 -50.97 10.61
CA LEU C 386 14.39 -50.14 11.02
C LEU C 386 14.42 -50.06 12.52
N PHE C 387 13.26 -49.83 13.12
CA PHE C 387 13.19 -49.68 14.56
C PHE C 387 12.86 -50.97 15.28
N ASN C 388 13.77 -51.95 15.17
CA ASN C 388 13.59 -53.30 15.73
C ASN C 388 14.94 -53.83 16.25
N SER C 389 15.34 -53.36 17.46
CA SER C 389 16.63 -53.74 18.09
C SER C 389 16.70 -53.47 19.58
N THR C 390 17.60 -54.17 20.27
CA THR C 390 17.85 -53.87 21.68
C THR C 390 19.34 -53.66 21.85
N TRP C 391 19.70 -52.53 22.44
CA TRP C 391 21.08 -52.16 22.65
C TRP C 391 21.51 -52.19 24.10
N ILE C 392 22.45 -53.09 24.39
CA ILE C 392 23.00 -53.26 25.74
C ILE C 392 24.52 -53.17 25.66
N SER C 393 25.15 -52.35 26.53
CA SER C 393 26.60 -52.14 26.59
C SER C 393 27.28 -53.38 27.22
N SER C 405 28.19 -55.78 4.38
CA SER C 405 28.74 -55.73 3.03
C SER C 405 27.67 -56.04 1.99
N ASN C 406 27.22 -55.00 1.29
CA ASN C 406 26.20 -55.13 0.26
C ASN C 406 24.98 -55.91 0.74
N ASP C 407 24.28 -55.36 1.72
CA ASP C 407 23.11 -56.01 2.27
C ASP C 407 22.15 -54.93 2.77
N SER C 408 21.01 -54.80 2.10
CA SER C 408 20.04 -53.76 2.42
C SER C 408 18.82 -54.21 3.22
N ILE C 409 18.14 -53.25 3.79
CA ILE C 409 16.90 -53.41 4.51
C ILE C 409 15.81 -52.97 3.58
N THR C 410 14.82 -53.81 3.33
CA THR C 410 13.77 -53.39 2.43
C THR C 410 12.53 -53.03 3.21
N LEU C 411 12.04 -51.83 2.99
CA LEU C 411 10.86 -51.33 3.64
C LEU C 411 9.73 -51.35 2.62
N PRO C 412 8.63 -52.07 2.81
CA PRO C 412 7.53 -52.11 1.89
C PRO C 412 6.83 -50.78 2.02
N CYS C 413 6.21 -50.27 0.93
CA CYS C 413 5.47 -49.00 0.91
C CYS C 413 4.14 -49.13 0.14
N ARG C 414 3.16 -48.35 0.58
CA ARG C 414 1.88 -48.24 -0.12
C ARG C 414 1.71 -46.84 -0.69
N ILE C 415 0.86 -46.71 -1.71
CA ILE C 415 0.62 -45.43 -2.36
C ILE C 415 -0.83 -44.97 -2.24
N LYS C 416 -1.04 -43.67 -1.96
CA LYS C 416 -2.41 -43.14 -1.91
C LYS C 416 -2.59 -42.01 -2.89
N GLN C 417 -3.78 -41.86 -3.49
CA GLN C 417 -4.01 -40.70 -4.33
C GLN C 417 -4.86 -39.64 -3.66
N ILE C 418 -5.70 -40.02 -2.69
CA ILE C 418 -6.53 -39.01 -2.02
C ILE C 418 -5.91 -38.69 -0.70
N ILE C 419 -5.44 -37.48 -0.60
CA ILE C 419 -4.63 -37.05 0.50
C ILE C 419 -5.17 -35.91 1.34
N ASN C 420 -5.22 -36.10 2.64
CA ASN C 420 -5.63 -35.04 3.56
C ASN C 420 -4.42 -34.48 4.28
N MET C 421 -3.90 -33.36 3.81
CA MET C 421 -2.70 -32.80 4.42
C MET C 421 -2.94 -31.87 5.56
N TRP C 422 -1.87 -31.68 6.34
CA TRP C 422 -1.78 -30.74 7.46
C TRP C 422 -2.77 -31.05 8.56
N GLN C 423 -3.23 -32.29 8.55
CA GLN C 423 -4.21 -32.84 9.48
C GLN C 423 -5.51 -32.03 9.49
N ARG C 424 -5.91 -31.54 8.33
CA ARG C 424 -7.14 -30.80 8.25
C ARG C 424 -8.26 -31.69 7.81
N ILE C 425 -9.48 -31.24 8.01
CA ILE C 425 -10.66 -31.96 7.59
C ILE C 425 -11.49 -31.09 6.66
N GLY C 426 -11.91 -31.65 5.53
CA GLY C 426 -12.75 -30.93 4.58
C GLY C 426 -12.03 -30.52 3.29
N GLN C 427 -10.71 -30.58 3.29
CA GLN C 427 -9.95 -30.22 2.11
C GLN C 427 -9.10 -31.36 1.58
N ALA C 428 -9.60 -32.15 0.62
CA ALA C 428 -8.81 -33.28 0.15
C ALA C 428 -8.19 -32.94 -1.18
N MET C 429 -7.02 -33.50 -1.44
CA MET C 429 -6.37 -33.32 -2.72
C MET C 429 -6.29 -34.62 -3.46
N TYR C 430 -6.46 -34.60 -4.76
CA TYR C 430 -6.23 -35.78 -5.56
C TYR C 430 -4.93 -35.63 -6.29
N ALA C 431 -4.02 -36.53 -6.05
CA ALA C 431 -2.75 -36.44 -6.71
C ALA C 431 -2.87 -37.22 -8.01
N PRO C 432 -2.71 -36.62 -9.17
CA PRO C 432 -2.85 -37.31 -10.41
C PRO C 432 -1.66 -38.22 -10.44
N PRO C 433 -1.73 -39.35 -11.13
CA PRO C 433 -0.68 -40.31 -11.28
C PRO C 433 0.41 -39.81 -12.16
N ILE C 434 1.59 -40.34 -11.93
CA ILE C 434 2.73 -40.02 -12.75
C ILE C 434 3.02 -41.15 -13.71
N GLN C 435 3.12 -40.81 -14.98
CA GLN C 435 3.38 -41.77 -16.04
C GLN C 435 4.79 -42.30 -15.96
N GLY C 436 4.96 -43.58 -16.25
CA GLY C 436 6.29 -44.16 -16.21
C GLY C 436 6.60 -44.81 -14.88
N VAL C 437 7.89 -44.88 -14.57
CA VAL C 437 8.41 -45.58 -13.39
C VAL C 437 9.15 -44.57 -12.52
N ILE C 438 8.91 -44.61 -11.22
CA ILE C 438 9.54 -43.64 -10.31
C ILE C 438 10.61 -44.14 -9.40
N ARG C 439 11.71 -43.43 -9.41
CA ARG C 439 12.80 -43.70 -8.47
C ARG C 439 13.31 -42.33 -7.97
N CYS C 440 13.55 -42.20 -6.64
CA CYS C 440 14.08 -41.00 -6.00
C CYS C 440 15.08 -41.43 -4.93
N VAL C 441 16.10 -40.62 -4.76
CA VAL C 441 17.11 -40.87 -3.76
C VAL C 441 17.21 -39.72 -2.83
N SER C 442 17.14 -39.98 -1.54
CA SER C 442 17.19 -38.92 -0.56
C SER C 442 18.05 -39.26 0.64
N ASN C 443 18.42 -38.24 1.44
CA ASN C 443 19.22 -38.37 2.64
C ASN C 443 18.37 -38.31 3.90
N ILE C 444 18.55 -39.27 4.83
CA ILE C 444 17.93 -39.22 6.15
C ILE C 444 18.91 -38.45 6.99
N THR C 445 18.46 -37.31 7.48
CA THR C 445 19.31 -36.41 8.22
C THR C 445 18.92 -36.29 9.66
N GLY C 446 17.88 -37.01 10.03
CA GLY C 446 17.39 -36.95 11.39
C GLY C 446 16.21 -37.86 11.62
N LEU C 447 15.83 -37.96 12.88
CA LEU C 447 14.72 -38.80 13.33
C LEU C 447 13.76 -38.10 14.26
N ILE C 448 12.49 -38.49 14.25
CA ILE C 448 11.60 -38.04 15.30
C ILE C 448 11.26 -39.25 16.16
N LEU C 449 11.60 -39.21 17.43
CA LEU C 449 11.34 -40.33 18.35
C LEU C 449 10.47 -39.98 19.54
N THR C 450 9.74 -40.96 20.05
CA THR C 450 8.94 -40.80 21.25
C THR C 450 9.48 -41.78 22.24
N ARG C 451 9.07 -41.66 23.50
CA ARG C 451 9.53 -42.61 24.50
C ARG C 451 8.36 -43.11 25.32
N ASP C 452 8.35 -44.42 25.58
CA ASP C 452 7.29 -45.03 26.39
C ASP C 452 7.41 -44.56 27.83
N GLY C 453 6.26 -44.45 28.55
CA GLY C 453 6.22 -44.08 29.97
C GLY C 453 6.80 -45.19 30.86
N SER C 458 12.20 -51.44 35.94
CA SER C 458 12.35 -50.18 35.24
C SER C 458 13.81 -50.00 34.73
N THR C 459 14.26 -50.94 33.87
CA THR C 459 15.61 -50.99 33.26
C THR C 459 15.64 -50.66 31.78
N THR C 460 14.49 -50.68 31.09
CA THR C 460 14.49 -50.46 29.66
C THR C 460 13.68 -49.26 29.22
N GLU C 461 14.32 -48.44 28.41
CA GLU C 461 13.73 -47.26 27.81
C GLU C 461 13.40 -47.58 26.37
N THR C 462 12.12 -47.64 26.05
CA THR C 462 11.71 -48.00 24.69
C THR C 462 11.36 -46.76 23.89
N PHE C 463 11.94 -46.67 22.70
CA PHE C 463 11.74 -45.57 21.79
C PHE C 463 11.02 -46.00 20.54
N ARG C 464 10.16 -45.13 20.04
CA ARG C 464 9.37 -45.43 18.85
C ARG C 464 9.38 -44.25 17.90
N PRO C 465 9.16 -44.41 16.62
CA PRO C 465 9.00 -43.30 15.71
C PRO C 465 7.83 -42.42 16.13
N GLY C 466 8.01 -41.10 16.02
CA GLY C 466 6.98 -40.11 16.31
C GLY C 466 6.68 -39.37 15.03
N GLY C 467 5.87 -38.31 15.09
CA GLY C 467 5.57 -37.61 13.84
C GLY C 467 4.20 -36.94 13.87
N GLY C 468 3.68 -36.64 12.69
CA GLY C 468 2.37 -36.02 12.53
C GLY C 468 2.33 -34.49 12.59
N ASP C 469 2.89 -33.92 13.63
CA ASP C 469 2.89 -32.47 13.77
C ASP C 469 4.05 -31.87 13.02
N MET C 470 3.72 -31.21 11.92
CA MET C 470 4.69 -30.67 10.98
C MET C 470 5.60 -29.62 11.54
N ARG C 471 5.21 -28.99 12.62
CA ARG C 471 6.06 -27.97 13.14
C ARG C 471 7.36 -28.58 13.62
N ASP C 472 7.36 -29.85 13.97
CA ASP C 472 8.55 -30.49 14.45
C ASP C 472 9.57 -30.66 13.35
N ASN C 473 9.16 -30.64 12.09
CA ASN C 473 10.16 -30.80 11.06
C ASN C 473 10.85 -29.48 10.87
N TRP C 474 10.06 -28.42 10.88
CA TRP C 474 10.63 -27.10 10.68
C TRP C 474 11.57 -26.80 11.78
N ARG C 475 11.25 -27.15 13.04
CA ARG C 475 12.07 -26.81 14.17
C ARG C 475 13.49 -27.31 14.00
N SER C 476 13.72 -28.27 13.11
CA SER C 476 15.05 -28.81 12.94
C SER C 476 15.94 -27.93 12.06
N GLU C 477 15.35 -26.98 11.36
CA GLU C 477 16.14 -26.06 10.55
C GLU C 477 16.19 -24.69 11.18
N LEU C 478 15.13 -24.34 11.89
CA LEU C 478 15.00 -23.03 12.49
C LEU C 478 15.52 -22.94 13.92
N TYR C 479 16.06 -24.02 14.44
CA TYR C 479 16.50 -24.06 15.83
C TYR C 479 17.61 -23.09 16.13
N LYS C 480 18.36 -22.71 15.12
CA LYS C 480 19.49 -21.84 15.30
C LYS C 480 19.17 -20.39 15.10
N TYR C 481 17.91 -20.03 14.80
CA TYR C 481 17.64 -18.63 14.56
C TYR C 481 16.70 -17.97 15.54
N LYS C 482 16.96 -16.70 15.83
CA LYS C 482 16.05 -15.91 16.64
C LYS C 482 15.82 -14.53 16.04
N VAL C 483 14.62 -14.01 16.16
CA VAL C 483 14.34 -12.68 15.64
C VAL C 483 14.33 -11.63 16.72
N VAL C 484 15.10 -10.57 16.53
CA VAL C 484 15.13 -9.51 17.51
C VAL C 484 14.84 -8.17 16.89
N LYS C 485 14.35 -7.26 17.71
CA LYS C 485 14.07 -5.89 17.33
C LYS C 485 15.23 -5.03 17.68
N ILE C 486 15.61 -4.15 16.78
CA ILE C 486 16.71 -3.26 17.07
C ILE C 486 16.15 -2.05 17.78
N GLU C 487 16.80 -1.68 18.87
CA GLU C 487 16.38 -0.55 19.69
C GLU C 487 17.50 0.49 19.76
N PRO C 488 17.67 1.33 18.74
CA PRO C 488 18.78 2.21 18.54
C PRO C 488 18.84 3.41 19.46
N LEU C 489 17.77 3.72 20.18
CA LEU C 489 17.80 4.92 20.99
C LEU C 489 17.98 4.59 22.45
N GLY C 490 18.87 5.31 23.12
CA GLY C 490 19.06 5.10 24.56
C GLY C 490 19.90 6.20 25.18
N VAL C 491 20.09 6.13 26.50
CA VAL C 491 20.82 7.17 27.20
C VAL C 491 21.90 6.61 28.09
N ALA C 492 22.88 7.45 28.44
CA ALA C 492 23.94 7.11 29.38
C ALA C 492 24.54 8.40 29.95
N PRO C 493 25.07 8.43 31.19
CA PRO C 493 25.73 9.59 31.77
C PRO C 493 27.08 9.88 31.17
N THR C 494 27.35 11.16 30.95
CA THR C 494 28.64 11.64 30.49
C THR C 494 28.96 12.93 31.21
N ARG C 495 30.13 13.49 30.93
CA ARG C 495 30.49 14.80 31.51
C ARG C 495 30.13 16.02 30.61
N CYS C 496 29.41 15.79 29.49
CA CYS C 496 29.01 16.74 28.46
C CYS C 496 27.64 17.34 28.76
N LYS C 497 27.53 18.66 28.73
CA LYS C 497 26.21 19.26 28.98
C LYS C 497 25.91 20.35 27.96
N ARG C 498 24.60 20.59 27.69
CA ARG C 498 24.01 21.65 26.85
C ARG C 498 22.71 21.13 26.25
N SER D 1 33.32 -0.36 10.69
CA SER D 1 33.62 -1.30 9.61
C SER D 1 33.49 -2.80 10.01
N LEU D 2 32.84 -3.10 11.17
CA LEU D 2 32.63 -4.44 11.72
C LEU D 2 31.33 -5.07 11.25
N GLY D 3 30.51 -4.34 10.52
CA GLY D 3 29.22 -4.85 10.07
C GLY D 3 28.08 -4.29 10.90
N PHE D 4 26.84 -4.56 10.51
CA PHE D 4 25.70 -3.93 11.15
C PHE D 4 25.65 -4.00 12.67
N LEU D 5 25.75 -5.15 13.29
CA LEU D 5 25.79 -5.16 14.75
C LEU D 5 27.13 -5.57 15.24
N GLY D 6 28.15 -5.38 14.43
CA GLY D 6 29.49 -5.84 14.74
C GLY D 6 30.06 -5.31 16.04
N ALA D 7 29.67 -4.12 16.46
CA ALA D 7 30.21 -3.58 17.69
C ALA D 7 29.48 -4.12 18.91
N ALA D 8 28.42 -4.88 18.74
CA ALA D 8 27.73 -5.35 19.90
C ALA D 8 28.70 -6.19 20.68
N GLY D 9 28.70 -6.03 21.98
CA GLY D 9 29.60 -6.83 22.81
C GLY D 9 30.88 -6.06 23.13
N SER D 10 31.16 -4.99 22.38
CA SER D 10 32.34 -4.21 22.65
C SER D 10 31.95 -3.24 23.75
N THR D 11 32.88 -2.56 24.36
CA THR D 11 32.43 -1.72 25.43
C THR D 11 31.71 -0.50 24.90
N MET D 12 30.98 0.18 25.78
CA MET D 12 30.19 1.34 25.36
C MET D 12 31.05 2.42 24.73
N GLY D 13 32.26 2.61 25.22
CA GLY D 13 33.15 3.63 24.71
C GLY D 13 33.70 3.30 23.33
N ALA D 14 33.55 2.06 22.88
CA ALA D 14 34.02 1.65 21.57
C ALA D 14 32.88 1.69 20.59
N ALA D 15 31.75 1.18 21.05
CA ALA D 15 30.53 1.03 20.29
C ALA D 15 29.95 2.37 19.88
N SER D 16 30.22 3.41 20.64
CA SER D 16 29.72 4.73 20.32
C SER D 16 30.32 5.26 19.02
N MET D 17 31.37 4.63 18.49
CA MET D 17 31.99 5.09 17.27
C MET D 17 31.36 4.50 16.00
N THR D 18 30.34 3.64 16.13
CA THR D 18 29.72 3.01 14.97
C THR D 18 28.26 3.38 14.83
N LEU D 19 27.85 4.52 15.37
CA LEU D 19 26.44 4.87 15.36
C LEU D 19 25.87 4.97 13.95
N THR D 20 26.66 5.34 12.94
CA THR D 20 26.13 5.40 11.59
C THR D 20 25.99 4.03 10.98
N VAL D 21 26.70 3.04 11.51
CA VAL D 21 26.61 1.72 10.98
C VAL D 21 25.25 1.19 11.33
N GLN D 22 24.83 1.44 12.56
CA GLN D 22 23.53 0.95 12.89
C GLN D 22 22.43 1.84 12.32
N ALA D 23 22.59 3.16 12.35
CA ALA D 23 21.52 4.06 11.88
C ALA D 23 21.19 3.87 10.40
N ARG D 24 22.19 3.61 9.57
CA ARG D 24 21.97 3.50 8.13
C ARG D 24 21.28 2.23 7.73
N ASN D 25 21.16 1.29 8.65
CA ASN D 25 20.53 0.03 8.34
C ASN D 25 19.16 -0.05 8.99
N LEU D 26 18.67 1.07 9.45
CA LEU D 26 17.33 1.16 9.96
C LEU D 26 16.63 1.66 8.75
N LEU D 27 15.35 1.45 8.62
CA LEU D 27 14.60 1.98 7.47
C LEU D 27 15.05 1.39 6.09
N SER D 28 15.86 0.29 6.05
CA SER D 28 16.32 -0.38 4.82
C SER D 28 16.57 -1.86 5.11
N THR D 51 -3.76 -13.65 -3.31
CA THR D 51 -2.39 -13.31 -3.00
C THR D 51 -2.34 -12.18 -1.93
N HIS D 52 -2.71 -12.54 -0.68
CA HIS D 52 -2.77 -11.67 0.52
C HIS D 52 -1.37 -11.29 0.98
N TRP D 53 -0.39 -11.86 0.31
CA TRP D 53 1.01 -11.64 0.52
C TRP D 53 1.28 -10.16 0.28
N GLY D 54 0.48 -9.51 -0.56
CA GLY D 54 0.68 -8.10 -0.80
C GLY D 54 0.53 -7.32 0.50
N ILE D 55 -0.39 -7.74 1.36
CA ILE D 55 -0.60 -7.07 2.62
C ILE D 55 0.49 -7.44 3.54
N LYS D 56 0.84 -8.71 3.59
CA LYS D 56 1.88 -9.11 4.51
C LYS D 56 3.18 -8.29 4.28
N GLN D 57 3.58 -8.15 3.03
CA GLN D 57 4.79 -7.39 2.73
C GLN D 57 4.61 -5.91 3.01
N LEU D 58 3.44 -5.39 2.70
CA LEU D 58 3.20 -3.99 2.87
C LEU D 58 3.18 -3.62 4.35
N GLN D 59 2.64 -4.50 5.20
CA GLN D 59 2.64 -4.24 6.63
C GLN D 59 4.06 -4.17 7.14
N ALA D 60 4.93 -5.04 6.64
CA ALA D 60 6.30 -5.02 7.08
C ALA D 60 6.98 -3.69 6.78
N ARG D 61 6.67 -3.12 5.63
CA ARG D 61 7.25 -1.85 5.21
C ARG D 61 6.71 -0.68 6.01
N VAL D 62 5.41 -0.71 6.27
CA VAL D 62 4.79 0.35 7.03
C VAL D 62 5.30 0.36 8.43
N LEU D 63 5.45 -0.82 9.03
CA LEU D 63 5.93 -0.90 10.38
C LEU D 63 7.33 -0.32 10.50
N ALA D 64 8.21 -0.62 9.55
CA ALA D 64 9.56 -0.08 9.64
C ALA D 64 9.53 1.44 9.64
N VAL D 65 8.64 2.01 8.84
CA VAL D 65 8.54 3.46 8.80
C VAL D 65 8.03 4.01 10.10
N GLU D 66 7.01 3.39 10.66
CA GLU D 66 6.46 3.90 11.90
C GLU D 66 7.46 3.89 13.02
N HIS D 67 8.28 2.86 13.10
CA HIS D 67 9.24 2.84 14.18
C HIS D 67 10.30 3.88 13.97
N TYR D 68 10.72 4.07 12.74
CA TYR D 68 11.72 5.09 12.47
C TYR D 68 11.20 6.44 12.91
N LEU D 69 9.97 6.77 12.52
CA LEU D 69 9.44 8.05 12.83
C LEU D 69 9.24 8.28 14.30
N ARG D 70 8.86 7.26 15.07
CA ARG D 70 8.71 7.49 16.49
C ARG D 70 10.03 7.83 17.16
N ASP D 71 11.13 7.23 16.74
CA ASP D 71 12.38 7.59 17.37
C ASP D 71 12.77 8.99 16.98
N GLN D 72 12.49 9.36 15.74
CA GLN D 72 12.83 10.69 15.33
C GLN D 72 11.98 11.72 16.04
N GLN D 73 10.73 11.38 16.32
CA GLN D 73 9.87 12.30 17.01
C GLN D 73 10.38 12.57 18.40
N LEU D 74 10.89 11.55 19.09
CA LEU D 74 11.44 11.80 20.41
C LEU D 74 12.66 12.67 20.33
N LEU D 75 13.52 12.45 19.35
CA LEU D 75 14.68 13.30 19.28
C LEU D 75 14.22 14.72 19.03
N GLY D 76 13.17 14.89 18.26
CA GLY D 76 12.64 16.22 18.00
C GLY D 76 12.19 16.88 19.30
N ILE D 77 11.36 16.19 20.06
CA ILE D 77 10.80 16.70 21.29
C ILE D 77 11.87 17.03 22.31
N TRP D 78 12.90 16.24 22.38
CA TRP D 78 13.98 16.44 23.33
C TRP D 78 15.01 17.46 22.87
N GLY D 79 14.88 18.00 21.66
CA GLY D 79 15.87 18.94 21.13
C GLY D 79 17.16 18.33 20.55
N CYS D 80 17.13 17.04 20.12
CA CYS D 80 18.25 16.27 19.58
C CYS D 80 18.03 15.94 18.12
N SER D 81 17.18 16.68 17.44
CA SER D 81 16.93 16.37 16.06
C SER D 81 18.18 16.52 15.23
N GLY D 82 18.42 15.54 14.37
CA GLY D 82 19.54 15.58 13.46
C GLY D 82 20.86 15.13 14.05
N LYS D 83 20.88 14.69 15.29
CA LYS D 83 22.14 14.30 15.91
C LYS D 83 22.22 12.82 16.22
N LEU D 84 23.43 12.27 16.26
CA LEU D 84 23.60 10.90 16.71
C LEU D 84 24.00 10.94 18.17
N ILE D 85 24.74 11.98 18.54
CA ILE D 85 25.16 12.20 19.92
C ILE D 85 24.57 13.56 20.33
N CYS D 86 23.79 13.61 21.43
CA CYS D 86 23.15 14.83 21.90
C CYS D 86 23.30 15.02 23.40
N CYS D 87 23.84 16.17 23.78
CA CYS D 87 24.07 16.47 25.18
C CYS D 87 22.97 17.38 25.66
N THR D 88 22.33 17.05 26.76
CA THR D 88 21.25 17.87 27.27
C THR D 88 21.55 18.51 28.62
N ASN D 89 20.55 19.14 29.20
CA ASN D 89 20.66 19.85 30.48
C ASN D 89 19.98 19.14 31.65
N VAL D 90 19.72 17.85 31.51
CA VAL D 90 19.14 17.05 32.58
C VAL D 90 20.27 16.36 33.30
N PRO D 91 20.45 16.56 34.62
CA PRO D 91 21.51 15.98 35.41
C PRO D 91 21.23 14.52 35.59
N TRP D 92 22.27 13.75 35.77
CA TRP D 92 22.12 12.34 36.04
C TRP D 92 21.91 12.11 37.53
N ASN D 93 20.91 11.30 37.90
CA ASN D 93 20.57 10.91 39.27
C ASN D 93 21.21 9.55 39.59
N SER D 94 21.92 9.45 40.73
CA SER D 94 22.58 8.23 41.21
C SER D 94 21.57 7.15 41.56
N SER D 95 20.31 7.55 41.74
CA SER D 95 19.25 6.62 42.05
C SER D 95 18.87 5.82 40.82
N TRP D 96 19.21 6.31 39.62
CA TRP D 96 18.90 5.59 38.40
C TRP D 96 19.97 4.56 38.22
N SER D 97 21.19 5.02 38.39
CA SER D 97 22.35 4.15 38.30
C SER D 97 23.54 4.80 38.93
N ASN D 98 24.24 4.07 39.79
CA ASN D 98 25.40 4.65 40.43
C ASN D 98 26.65 3.84 40.18
N ARG D 99 27.36 4.23 39.14
CA ARG D 99 28.57 3.59 38.69
C ARG D 99 29.59 4.64 38.35
N ASN D 100 30.84 4.27 38.37
CA ASN D 100 31.88 5.17 37.95
C ASN D 100 31.77 5.30 36.46
N LEU D 101 32.10 6.45 35.91
CA LEU D 101 32.04 6.53 34.46
C LEU D 101 32.97 5.54 33.82
N SER D 102 34.10 5.20 34.44
CA SER D 102 34.97 4.25 33.81
C SER D 102 34.34 2.87 33.78
N GLU D 103 33.44 2.55 34.69
CA GLU D 103 32.85 1.24 34.61
C GLU D 103 31.89 1.21 33.44
N ILE D 104 31.15 2.29 33.31
CA ILE D 104 30.14 2.35 32.30
C ILE D 104 30.73 2.37 30.93
N TRP D 105 31.73 3.20 30.71
CA TRP D 105 32.27 3.31 29.38
C TRP D 105 33.38 2.32 29.03
N ASP D 106 34.16 1.84 30.01
CA ASP D 106 35.24 0.92 29.70
C ASP D 106 34.96 -0.56 29.95
N ASN D 107 34.05 -0.94 30.85
CA ASN D 107 33.83 -2.37 31.09
C ASN D 107 32.54 -2.87 30.49
N MET D 108 31.47 -2.10 30.66
CA MET D 108 30.16 -2.54 30.20
C MET D 108 29.94 -2.40 28.72
N THR D 109 29.09 -3.25 28.18
CA THR D 109 28.64 -3.09 26.80
C THR D 109 27.26 -2.46 26.83
N TRP D 110 26.71 -2.12 25.67
CA TRP D 110 25.41 -1.45 25.66
C TRP D 110 24.26 -2.36 26.03
N LEU D 111 24.38 -3.64 25.75
CA LEU D 111 23.29 -4.55 26.09
C LEU D 111 23.16 -4.63 27.60
N GLN D 112 24.29 -4.65 28.27
CA GLN D 112 24.31 -4.74 29.72
C GLN D 112 23.76 -3.48 30.31
N TRP D 113 24.13 -2.34 29.74
CA TRP D 113 23.63 -1.07 30.23
C TRP D 113 22.14 -1.00 30.08
N ASP D 114 21.62 -1.41 28.93
CA ASP D 114 20.20 -1.34 28.68
C ASP D 114 19.42 -2.15 29.68
N LYS D 115 19.99 -3.25 30.17
CA LYS D 115 19.29 -4.09 31.13
C LYS D 115 19.34 -3.57 32.57
N GLU D 116 20.15 -2.54 32.84
CA GLU D 116 20.23 -1.99 34.20
C GLU D 116 19.44 -0.71 34.32
N ILE D 117 19.32 0.02 33.22
CA ILE D 117 18.66 1.31 33.23
C ILE D 117 17.23 1.21 32.72
N SER D 118 16.80 0.00 32.41
CA SER D 118 15.47 -0.22 31.82
C SER D 118 14.27 0.22 32.65
N ASN D 119 14.42 0.38 33.95
CA ASN D 119 13.33 0.80 34.80
C ASN D 119 13.20 2.29 34.97
N TYR D 120 14.15 3.03 34.43
CA TYR D 120 14.22 4.48 34.55
C TYR D 120 14.01 5.19 33.23
N THR D 121 13.78 4.47 32.16
CA THR D 121 13.73 5.16 30.88
C THR D 121 12.52 6.04 30.75
N GLN D 122 11.45 5.74 31.45
CA GLN D 122 10.27 6.58 31.31
C GLN D 122 10.34 7.77 32.23
N ILE D 123 11.35 7.83 33.08
CA ILE D 123 11.52 8.95 33.96
C ILE D 123 12.43 9.90 33.24
N ILE D 124 13.49 9.34 32.68
CA ILE D 124 14.47 10.13 32.00
C ILE D 124 13.83 10.76 30.79
N TYR D 125 13.05 10.01 30.02
CA TYR D 125 12.44 10.60 28.85
C TYR D 125 11.51 11.74 29.23
N GLY D 126 10.77 11.59 30.31
CA GLY D 126 9.89 12.65 30.75
C GLY D 126 10.68 13.92 31.08
N LEU D 127 11.79 13.75 31.77
CA LEU D 127 12.61 14.90 32.12
C LEU D 127 13.22 15.56 30.91
N LEU D 128 13.61 14.79 29.90
CA LEU D 128 14.20 15.37 28.72
C LEU D 128 13.19 16.25 28.01
N GLU D 129 11.94 15.80 27.96
CA GLU D 129 10.89 16.59 27.35
C GLU D 129 10.61 17.87 28.09
N GLU D 130 10.57 17.82 29.43
CA GLU D 130 10.29 19.03 30.17
C GLU D 130 11.39 20.05 29.99
N SER D 131 12.64 19.57 29.97
CA SER D 131 13.75 20.48 29.82
C SER D 131 13.70 21.18 28.50
N GLN D 132 13.44 20.45 27.42
CA GLN D 132 13.44 21.13 26.14
C GLN D 132 12.30 22.09 26.03
N ASN D 133 11.14 21.78 26.58
CA ASN D 133 10.05 22.70 26.44
C ASN D 133 10.36 23.98 27.20
N GLN D 134 11.00 23.89 28.37
CA GLN D 134 11.33 25.10 29.09
C GLN D 134 12.36 25.90 28.34
N GLN D 135 13.31 25.24 27.70
CA GLN D 135 14.33 25.96 26.97
C GLN D 135 13.75 26.71 25.80
N GLU D 136 12.78 26.12 25.08
CA GLU D 136 12.23 26.84 23.96
C GLU D 136 11.48 28.04 24.43
N LYS D 137 10.78 27.94 25.56
CA LYS D 137 10.10 29.11 26.04
C LYS D 137 11.11 30.18 26.38
N ASN D 138 12.22 29.81 27.01
CA ASN D 138 13.17 30.82 27.40
C ASN D 138 13.76 31.52 26.19
N GLU D 139 14.03 30.76 25.11
CA GLU D 139 14.58 31.36 23.91
C GLU D 139 13.60 32.33 23.30
N GLN D 140 12.32 31.95 23.24
CA GLN D 140 11.33 32.82 22.66
C GLN D 140 11.25 34.12 23.39
N ASP D 141 11.34 34.08 24.71
CA ASP D 141 11.26 35.33 25.45
C ASP D 141 12.51 36.15 25.25
N LEU D 142 13.66 35.52 25.18
CA LEU D 142 14.90 36.25 25.03
C LEU D 142 14.94 36.98 23.70
N LEU D 143 14.42 36.36 22.65
CA LEU D 143 14.42 36.93 21.33
C LEU D 143 13.47 38.10 21.16
N ALA D 144 12.64 38.37 22.17
CA ALA D 144 11.72 39.50 22.15
C ALA D 144 12.52 40.77 22.30
N LEU D 145 13.74 40.62 22.78
CA LEU D 145 14.64 41.73 22.98
C LEU D 145 15.66 41.94 21.83
N ASP D 146 15.59 41.11 20.75
CA ASP D 146 16.50 41.09 19.60
C ASP D 146 15.87 41.83 18.43
N ASN E 30 40.87 24.59 -3.27
CA ASN E 30 40.24 25.50 -2.33
C ASN E 30 38.68 25.54 -2.40
N LEU E 31 38.05 24.52 -3.04
CA LEU E 31 36.61 24.36 -3.18
C LEU E 31 36.14 23.28 -2.27
N TRP E 32 34.88 23.36 -1.86
CA TRP E 32 34.27 22.44 -0.90
C TRP E 32 32.99 21.84 -1.42
N VAL E 33 32.67 20.65 -0.94
CA VAL E 33 31.44 20.00 -1.36
C VAL E 33 30.23 20.66 -0.72
N THR E 34 29.27 21.09 -1.53
CA THR E 34 28.05 21.67 -1.00
C THR E 34 26.89 20.81 -1.45
N VAL E 35 26.04 20.49 -0.50
CA VAL E 35 24.92 19.62 -0.72
C VAL E 35 23.65 20.40 -0.98
N TYR E 36 22.99 20.11 -2.08
CA TYR E 36 21.76 20.81 -2.43
C TYR E 36 20.58 19.88 -2.46
N TYR E 37 19.48 20.31 -1.87
CA TYR E 37 18.27 19.50 -1.89
C TYR E 37 17.15 20.22 -2.58
N GLY E 38 16.56 19.56 -3.56
CA GLY E 38 15.51 20.14 -4.37
C GLY E 38 16.04 20.40 -5.78
N VAL E 39 17.09 19.71 -6.13
CA VAL E 39 17.74 19.84 -7.41
C VAL E 39 16.86 19.27 -8.53
N PRO E 40 16.59 20.01 -9.62
CA PRO E 40 15.72 19.60 -10.71
C PRO E 40 16.31 18.60 -11.68
N VAL E 41 16.58 17.40 -11.20
CA VAL E 41 17.10 16.32 -12.06
C VAL E 41 16.29 15.05 -11.91
N TRP E 42 16.44 14.16 -12.88
CA TRP E 42 15.71 12.90 -12.88
C TRP E 42 16.40 11.77 -13.61
N LYS E 43 15.87 10.58 -13.43
CA LYS E 43 16.41 9.41 -14.04
C LYS E 43 15.30 8.62 -14.68
N ASP E 44 15.57 7.81 -15.68
CA ASP E 44 14.52 6.95 -16.23
C ASP E 44 14.09 6.00 -15.14
N ALA E 45 12.79 5.75 -15.00
CA ALA E 45 12.39 4.85 -13.95
C ALA E 45 11.10 4.13 -14.20
N GLU E 46 10.94 3.01 -13.53
CA GLU E 46 9.71 2.28 -13.63
C GLU E 46 9.03 2.21 -12.30
N THR E 47 7.81 2.72 -12.26
CA THR E 47 7.01 2.70 -11.06
C THR E 47 5.62 2.35 -11.43
N THR E 48 4.77 2.28 -10.44
CA THR E 48 3.39 1.96 -10.61
C THR E 48 2.57 3.22 -10.80
N LEU E 49 1.80 3.29 -11.85
CA LEU E 49 0.97 4.46 -12.09
C LEU E 49 -0.41 4.16 -11.64
N PHE E 50 -1.16 5.17 -11.25
CA PHE E 50 -2.52 4.92 -10.82
C PHE E 50 -3.54 5.59 -11.74
N CYS E 51 -4.78 5.07 -11.71
CA CYS E 51 -5.92 5.55 -12.51
C CYS E 51 -6.64 6.72 -11.86
N ALA E 52 -6.89 7.70 -12.69
CA ALA E 52 -7.73 8.84 -12.40
C ALA E 52 -8.78 8.86 -13.50
N SER E 53 -9.99 9.32 -13.21
CA SER E 53 -11.06 9.29 -14.22
C SER E 53 -11.72 10.64 -14.54
N ASP E 54 -12.71 11.09 -13.73
CA ASP E 54 -13.47 12.36 -13.88
C ASP E 54 -14.54 12.45 -12.79
N HIS E 63 -20.99 0.93 -13.53
CA HIS E 63 -21.95 0.85 -14.61
C HIS E 63 -21.21 0.99 -15.91
N ASN E 64 -20.02 0.40 -15.92
CA ASN E 64 -19.06 0.38 -17.01
C ASN E 64 -17.92 -0.56 -16.67
N VAL E 65 -17.53 -1.38 -17.63
CA VAL E 65 -16.50 -2.41 -17.44
C VAL E 65 -15.11 -1.89 -17.04
N TRP E 66 -14.88 -0.59 -17.11
CA TRP E 66 -13.55 -0.09 -16.75
C TRP E 66 -13.50 0.30 -15.27
N ALA E 67 -14.64 0.15 -14.58
CA ALA E 67 -14.74 0.43 -13.16
C ALA E 67 -14.15 1.75 -12.77
N THR E 68 -14.55 2.80 -13.46
CA THR E 68 -13.99 4.11 -13.25
C THR E 68 -14.40 4.71 -11.92
N HIS E 69 -15.38 4.10 -11.26
CA HIS E 69 -15.81 4.55 -9.94
C HIS E 69 -14.74 4.25 -8.91
N CYS E 70 -13.85 3.33 -9.27
CA CYS E 70 -12.74 2.92 -8.41
C CYS E 70 -11.46 3.81 -8.57
N CYS E 71 -11.48 4.80 -9.50
CA CYS E 71 -10.37 5.68 -9.86
C CYS E 71 -10.46 7.00 -9.10
N VAL E 72 -9.33 7.65 -9.02
CA VAL E 72 -9.19 8.94 -8.39
C VAL E 72 -9.89 10.01 -9.24
N PRO E 73 -10.72 10.89 -8.71
CA PRO E 73 -11.36 11.93 -9.48
C PRO E 73 -10.26 12.83 -9.98
N THR E 74 -10.42 13.41 -11.14
CA THR E 74 -9.37 14.25 -11.69
C THR E 74 -9.37 15.67 -11.24
N ASP E 75 -8.24 16.29 -11.49
CA ASP E 75 -7.99 17.69 -11.28
C ASP E 75 -8.65 18.44 -12.42
N PRO E 76 -9.64 19.31 -12.20
CA PRO E 76 -10.31 20.07 -13.24
C PRO E 76 -9.38 21.07 -13.92
N ASN E 77 -8.25 21.40 -13.26
CA ASN E 77 -7.30 22.35 -13.79
C ASN E 77 -5.88 21.81 -13.66
N PRO E 78 -5.50 20.76 -14.39
CA PRO E 78 -4.21 20.10 -14.32
C PRO E 78 -3.21 21.04 -14.91
N GLN E 79 -1.96 20.96 -14.49
CA GLN E 79 -0.97 21.84 -15.06
C GLN E 79 -0.01 21.11 -15.98
N GLU E 80 0.55 21.87 -16.89
CA GLU E 80 1.61 21.40 -17.77
C GLU E 80 2.70 22.43 -17.75
N ILE E 81 3.90 22.01 -17.44
CA ILE E 81 4.99 22.95 -17.35
C ILE E 81 6.04 22.75 -18.41
N HIS E 82 6.17 23.73 -19.28
CA HIS E 82 7.11 23.63 -20.39
C HIS E 82 8.53 23.69 -19.88
N LEU E 83 9.42 22.83 -20.37
CA LEU E 83 10.79 22.91 -19.92
C LEU E 83 11.67 23.51 -21.02
N GLU E 84 12.13 24.72 -20.83
CA GLU E 84 12.94 25.31 -21.90
C GLU E 84 14.33 24.70 -21.85
N ASN E 85 14.97 24.52 -23.03
CA ASN E 85 16.33 23.99 -23.20
C ASN E 85 16.55 22.58 -22.62
N VAL E 86 15.52 21.68 -22.69
CA VAL E 86 15.62 20.30 -22.22
C VAL E 86 15.36 19.35 -23.33
N THR E 87 16.33 18.49 -23.60
CA THR E 87 16.18 17.50 -24.66
C THR E 87 16.25 16.15 -24.03
N GLU E 88 15.26 15.34 -24.29
CA GLU E 88 15.18 14.01 -23.69
C GLU E 88 15.11 12.93 -24.71
N GLU E 89 15.58 11.75 -24.36
CA GLU E 89 15.40 10.64 -25.27
C GLU E 89 14.17 9.85 -24.90
N PHE E 90 13.38 9.53 -25.90
CA PHE E 90 12.20 8.73 -25.70
C PHE E 90 12.33 7.48 -26.48
N ASN E 91 11.73 6.41 -25.99
CA ASN E 91 11.72 5.18 -26.75
C ASN E 91 10.40 4.50 -26.50
N MET E 92 9.47 4.70 -27.41
CA MET E 92 8.13 4.19 -27.25
C MET E 92 8.07 2.69 -27.22
N TRP E 93 9.09 2.00 -27.69
CA TRP E 93 9.05 0.57 -27.77
C TRP E 93 9.52 -0.10 -26.50
N LYS E 94 10.04 0.69 -25.56
CA LYS E 94 10.56 0.21 -24.31
C LYS E 94 9.84 0.89 -23.17
N ASN E 95 8.68 1.43 -23.48
CA ASN E 95 7.88 2.19 -22.55
C ASN E 95 7.01 1.31 -21.67
N ASN E 96 7.29 1.27 -20.38
CA ASN E 96 6.58 0.35 -19.47
C ASN E 96 5.19 0.83 -19.10
N MET E 97 4.80 2.00 -19.59
CA MET E 97 3.48 2.49 -19.33
C MET E 97 2.52 1.66 -20.14
N VAL E 98 3.02 1.09 -21.26
CA VAL E 98 2.20 0.32 -22.14
C VAL E 98 1.86 -0.98 -21.46
N GLU E 99 2.84 -1.57 -20.81
CA GLU E 99 2.62 -2.81 -20.14
C GLU E 99 1.65 -2.64 -19.01
N GLN E 100 1.73 -1.54 -18.27
CA GLN E 100 0.77 -1.39 -17.21
C GLN E 100 -0.61 -1.17 -17.73
N MET E 101 -0.76 -0.41 -18.81
CA MET E 101 -2.11 -0.24 -19.28
C MET E 101 -2.66 -1.58 -19.71
N HIS E 102 -1.85 -2.42 -20.33
CA HIS E 102 -2.34 -3.70 -20.77
C HIS E 102 -2.83 -4.51 -19.59
N GLU E 103 -2.05 -4.58 -18.52
CA GLU E 103 -2.46 -5.34 -17.36
C GLU E 103 -3.69 -4.77 -16.69
N ASP E 104 -3.79 -3.45 -16.59
CA ASP E 104 -4.96 -2.90 -15.93
C ASP E 104 -6.21 -3.15 -16.70
N ILE E 105 -6.14 -3.05 -18.02
CA ILE E 105 -7.32 -3.24 -18.80
C ILE E 105 -7.81 -4.65 -18.65
N ILE E 106 -6.92 -5.63 -18.69
CA ILE E 106 -7.39 -7.00 -18.53
C ILE E 106 -7.97 -7.22 -17.15
N SER E 107 -7.32 -6.73 -16.10
CA SER E 107 -7.86 -6.97 -14.78
C SER E 107 -9.22 -6.31 -14.57
N LEU E 108 -9.41 -5.11 -15.10
CA LEU E 108 -10.68 -4.42 -14.96
C LEU E 108 -11.74 -5.18 -15.71
N TRP E 109 -11.37 -5.71 -16.87
CA TRP E 109 -12.28 -6.48 -17.66
C TRP E 109 -12.75 -7.70 -16.88
N ASP E 110 -11.82 -8.47 -16.33
CA ASP E 110 -12.20 -9.70 -15.64
C ASP E 110 -13.03 -9.48 -14.41
N GLN E 111 -12.75 -8.45 -13.64
CA GLN E 111 -13.51 -8.27 -12.41
C GLN E 111 -14.92 -7.84 -12.71
N SER E 112 -15.21 -7.44 -13.95
CA SER E 112 -16.51 -6.97 -14.30
C SER E 112 -17.39 -8.12 -14.72
N LEU E 113 -16.80 -9.30 -14.92
CA LEU E 113 -17.54 -10.48 -15.29
C LEU E 113 -17.70 -11.36 -14.07
N LYS E 114 -16.85 -11.16 -13.07
CA LYS E 114 -16.89 -11.97 -11.83
C LYS E 114 -18.24 -12.17 -11.17
N PRO E 115 -18.99 -11.11 -11.04
CA PRO E 115 -20.31 -11.21 -10.43
C PRO E 115 -21.50 -11.56 -11.34
N CYS E 116 -21.27 -11.89 -12.64
CA CYS E 116 -22.32 -12.08 -13.65
C CYS E 116 -22.72 -13.56 -13.74
N VAL E 117 -23.87 -13.82 -14.36
CA VAL E 117 -24.42 -15.17 -14.51
C VAL E 117 -23.55 -16.11 -15.32
N LYS E 118 -23.30 -17.30 -14.78
CA LYS E 118 -22.51 -18.29 -15.49
C LYS E 118 -23.44 -19.07 -16.39
N LEU E 119 -22.97 -19.45 -17.57
CA LEU E 119 -23.82 -20.19 -18.50
C LEU E 119 -23.48 -21.65 -18.62
N THR E 120 -22.81 -22.19 -17.63
CA THR E 120 -22.47 -23.60 -17.63
C THR E 120 -23.62 -24.52 -18.09
N PRO E 121 -24.87 -24.45 -17.56
CA PRO E 121 -25.97 -25.32 -17.92
C PRO E 121 -26.42 -25.20 -19.36
N LEU E 122 -25.80 -24.30 -20.10
CA LEU E 122 -26.16 -24.02 -21.49
C LEU E 122 -25.35 -24.77 -22.49
N CYS E 123 -24.39 -25.51 -22.03
CA CYS E 123 -23.61 -26.35 -22.92
C CYS E 123 -24.25 -27.73 -23.04
N VAL E 124 -25.19 -27.80 -23.97
CA VAL E 124 -25.97 -28.99 -24.26
C VAL E 124 -26.03 -29.25 -25.73
N THR E 125 -26.42 -30.46 -26.10
CA THR E 125 -26.62 -30.72 -27.52
C THR E 125 -27.75 -29.81 -28.02
N LEU E 126 -27.52 -29.12 -29.14
CA LEU E 126 -28.52 -28.25 -29.74
C LEU E 126 -29.09 -28.90 -30.99
N GLN E 127 -30.37 -28.70 -31.26
CA GLN E 127 -30.99 -29.15 -32.51
C GLN E 127 -31.18 -27.94 -33.39
N CYS E 128 -30.42 -27.78 -34.52
CA CYS E 128 -30.46 -26.54 -35.29
C CYS E 128 -30.83 -26.75 -36.75
N THR E 129 -31.58 -25.80 -37.26
CA THR E 129 -31.94 -25.70 -38.67
C THR E 129 -31.56 -24.29 -39.15
N ASN E 130 -31.50 -24.06 -40.47
CA ASN E 130 -31.16 -22.75 -41.06
C ASN E 130 -32.33 -21.77 -40.94
N VAL E 131 -32.02 -20.46 -40.77
CA VAL E 131 -33.03 -19.39 -40.82
C VAL E 131 -33.13 -18.96 -42.25
N THR E 132 -34.25 -19.25 -42.88
CA THR E 132 -34.43 -19.00 -44.30
C THR E 132 -35.62 -18.11 -44.60
N ASN E 133 -36.20 -17.48 -43.59
CA ASN E 133 -37.43 -16.73 -43.84
C ASN E 133 -37.36 -15.51 -44.78
N ASN E 134 -36.33 -14.64 -44.63
CA ASN E 134 -36.14 -13.44 -45.45
C ASN E 134 -34.63 -13.21 -45.67
N ILE E 135 -34.04 -13.94 -46.63
CA ILE E 135 -32.59 -13.96 -46.92
C ILE E 135 -32.27 -13.30 -48.24
N THR E 136 -31.28 -12.43 -48.14
CA THR E 136 -30.76 -11.71 -49.25
C THR E 136 -29.46 -12.36 -49.64
N ASP E 137 -29.39 -13.66 -49.40
CA ASP E 137 -28.22 -14.50 -49.66
C ASP E 137 -26.88 -13.84 -49.36
N ASP E 138 -26.84 -12.98 -48.34
CA ASP E 138 -25.57 -12.35 -48.03
C ASP E 138 -25.40 -13.12 -46.73
N MET E 139 -26.54 -13.45 -46.14
CA MET E 139 -26.72 -14.13 -44.86
C MET E 139 -27.16 -15.56 -45.05
N ARG E 140 -26.92 -16.09 -46.22
CA ARG E 140 -27.39 -17.43 -46.51
C ARG E 140 -26.65 -18.48 -45.76
N GLY E 141 -27.21 -18.82 -44.62
CA GLY E 141 -26.65 -19.81 -43.71
C GLY E 141 -25.89 -19.21 -42.52
N GLU E 142 -25.93 -17.88 -42.39
CA GLU E 142 -25.25 -17.25 -41.26
C GLU E 142 -26.03 -17.40 -39.97
N LEU E 143 -27.36 -17.44 -40.04
CA LEU E 143 -28.10 -17.60 -38.82
C LEU E 143 -28.70 -18.96 -38.75
N LYS E 144 -28.71 -19.51 -37.54
CA LYS E 144 -29.32 -20.79 -37.28
C LYS E 144 -30.31 -20.71 -36.13
N ASN E 145 -31.43 -21.42 -36.27
CA ASN E 145 -32.53 -21.53 -35.32
C ASN E 145 -32.37 -22.84 -34.53
N CYS E 146 -31.95 -22.73 -33.26
CA CYS E 146 -31.60 -23.87 -32.41
C CYS E 146 -32.60 -24.05 -31.29
N SER E 147 -32.84 -25.31 -30.93
CA SER E 147 -33.66 -25.59 -29.77
C SER E 147 -32.91 -26.48 -28.83
N PHE E 148 -33.19 -26.32 -27.54
CA PHE E 148 -32.52 -27.09 -26.50
C PHE E 148 -33.29 -27.19 -25.18
N ASN E 149 -32.92 -28.17 -24.33
CA ASN E 149 -33.47 -28.37 -22.97
C ASN E 149 -32.55 -27.73 -21.91
N MET E 150 -32.97 -26.61 -21.31
CA MET E 150 -32.20 -25.82 -20.32
C MET E 150 -32.87 -25.90 -18.97
N THR E 151 -32.13 -25.56 -17.93
CA THR E 151 -32.60 -25.64 -16.56
C THR E 151 -33.55 -24.54 -16.15
N THR E 152 -34.23 -24.76 -15.03
CA THR E 152 -35.19 -23.79 -14.53
C THR E 152 -34.94 -23.51 -13.07
N GLU E 153 -35.79 -22.70 -12.46
CA GLU E 153 -35.62 -22.35 -11.06
C GLU E 153 -35.66 -23.56 -10.17
N LEU E 154 -36.49 -24.54 -10.51
CA LEU E 154 -36.61 -25.72 -9.70
C LEU E 154 -35.78 -26.81 -10.32
N ARG E 155 -35.08 -27.56 -9.50
CA ARG E 155 -34.23 -28.61 -10.02
C ARG E 155 -34.95 -29.70 -10.79
N ASP E 156 -36.16 -30.01 -10.40
CA ASP E 156 -36.87 -31.08 -11.08
C ASP E 156 -37.48 -30.68 -12.42
N LYS E 157 -37.47 -29.40 -12.79
CA LYS E 157 -38.09 -29.00 -14.04
C LYS E 157 -37.11 -28.48 -15.08
N LYS E 158 -37.43 -28.79 -16.34
CA LYS E 158 -36.67 -28.34 -17.51
C LYS E 158 -37.54 -27.50 -18.40
N GLN E 159 -36.90 -26.64 -19.19
CA GLN E 159 -37.57 -25.75 -20.12
C GLN E 159 -37.05 -25.87 -21.54
N LYS E 160 -37.96 -25.95 -22.50
CA LYS E 160 -37.50 -26.01 -23.87
C LYS E 160 -37.44 -24.59 -24.43
N VAL E 161 -36.28 -24.24 -24.96
CA VAL E 161 -35.98 -22.92 -25.46
C VAL E 161 -35.55 -22.90 -26.90
N TYR E 162 -36.01 -21.89 -27.63
CA TYR E 162 -35.62 -21.69 -29.02
C TYR E 162 -34.85 -20.39 -29.05
N SER E 163 -33.77 -20.34 -29.80
CA SER E 163 -32.99 -19.11 -29.92
C SER E 163 -32.22 -19.03 -31.23
N LEU E 164 -31.79 -17.83 -31.59
CA LEU E 164 -30.99 -17.74 -32.80
C LEU E 164 -29.52 -17.52 -32.50
N PHE E 165 -28.68 -18.19 -33.27
CA PHE E 165 -27.23 -18.08 -33.16
C PHE E 165 -26.60 -17.67 -34.48
N TYR E 166 -25.43 -17.06 -34.42
CA TYR E 166 -24.74 -16.53 -35.61
C TYR E 166 -23.75 -17.42 -36.35
N ARG E 167 -23.83 -18.73 -36.18
CA ARG E 167 -22.96 -19.71 -36.88
C ARG E 167 -21.55 -19.75 -36.36
N LEU E 168 -20.89 -18.63 -36.27
CA LEU E 168 -19.51 -18.60 -35.82
C LEU E 168 -19.38 -19.06 -34.37
N ASP E 169 -20.49 -19.03 -33.65
CA ASP E 169 -20.56 -19.43 -32.26
C ASP E 169 -20.94 -20.88 -32.05
N VAL E 170 -21.28 -21.60 -33.11
CA VAL E 170 -21.80 -22.96 -33.02
C VAL E 170 -21.07 -23.93 -33.95
N VAL E 171 -20.73 -25.12 -33.47
CA VAL E 171 -20.06 -26.08 -34.33
C VAL E 171 -20.83 -27.36 -34.41
N GLN E 172 -20.70 -28.05 -35.52
CA GLN E 172 -21.43 -29.28 -35.69
C GLN E 172 -20.74 -30.40 -34.97
N ILE E 173 -21.51 -31.22 -34.29
CA ILE E 173 -20.99 -32.37 -33.56
C ILE E 173 -20.54 -33.55 -34.45
N ASN E 174 -21.37 -33.91 -35.45
CA ASN E 174 -21.13 -35.03 -36.37
C ASN E 174 -20.64 -34.47 -37.70
N LYS E 186 -27.12 -32.12 -38.07
CA LYS E 186 -28.20 -31.41 -37.38
C LYS E 186 -27.87 -31.09 -35.90
N GLU E 187 -27.08 -31.96 -35.21
CA GLU E 187 -26.68 -31.79 -33.81
C GLU E 187 -25.46 -30.89 -33.70
N TYR E 188 -25.63 -29.81 -32.95
CA TYR E 188 -24.65 -28.76 -32.76
C TYR E 188 -24.28 -28.51 -31.31
N ARG E 189 -23.14 -27.90 -31.13
CA ARG E 189 -22.61 -27.57 -29.82
C ARG E 189 -22.16 -26.13 -29.78
N LEU E 190 -22.18 -25.49 -28.63
CA LEU E 190 -21.58 -24.16 -28.65
C LEU E 190 -20.10 -24.36 -28.91
N ILE E 191 -19.52 -23.45 -29.67
CA ILE E 191 -18.14 -23.57 -30.08
C ILE E 191 -17.11 -23.71 -29.01
N ASN E 192 -17.32 -23.15 -27.85
CA ASN E 192 -16.29 -23.26 -26.84
C ASN E 192 -16.50 -24.34 -25.76
N CYS E 193 -17.42 -25.32 -25.94
CA CYS E 193 -17.68 -26.36 -24.93
C CYS E 193 -16.49 -27.25 -24.66
N ASN E 194 -15.58 -27.39 -25.59
CA ASN E 194 -14.43 -28.22 -25.31
C ASN E 194 -13.18 -27.42 -24.88
N THR E 195 -13.26 -26.08 -24.67
CA THR E 195 -12.11 -25.25 -24.24
C THR E 195 -12.35 -24.36 -23.04
N SER E 196 -13.59 -23.94 -22.78
CA SER E 196 -13.79 -22.97 -21.71
C SER E 196 -15.17 -22.85 -21.13
N ALA E 197 -15.25 -22.23 -19.97
CA ALA E 197 -16.51 -21.89 -19.36
C ALA E 197 -16.97 -20.59 -19.95
N ILE E 198 -18.28 -20.35 -19.98
CA ILE E 198 -18.76 -19.09 -20.51
C ILE E 198 -19.45 -18.28 -19.44
N THR E 199 -19.08 -17.04 -19.30
CA THR E 199 -19.74 -16.15 -18.37
C THR E 199 -20.53 -15.12 -19.16
N GLN E 200 -21.79 -14.91 -18.83
CA GLN E 200 -22.58 -13.92 -19.55
C GLN E 200 -22.23 -12.56 -19.07
N ALA E 201 -21.99 -11.65 -19.98
CA ALA E 201 -21.70 -10.30 -19.54
C ALA E 201 -22.97 -9.72 -18.95
N CYS E 202 -22.87 -8.91 -17.89
CA CYS E 202 -24.01 -8.26 -17.24
C CYS E 202 -24.62 -7.23 -18.22
N PRO E 203 -25.92 -7.29 -18.51
CA PRO E 203 -26.62 -6.46 -19.49
C PRO E 203 -26.69 -5.00 -19.08
N LYS E 204 -26.47 -4.75 -17.81
CA LYS E 204 -26.52 -3.41 -17.27
C LYS E 204 -25.17 -2.71 -17.27
N VAL E 205 -24.09 -3.39 -17.66
CA VAL E 205 -22.77 -2.79 -17.60
C VAL E 205 -22.24 -2.50 -19.00
N SER E 206 -22.00 -1.24 -19.28
CA SER E 206 -21.55 -0.79 -20.58
C SER E 206 -20.12 -1.16 -20.94
N PHE E 207 -19.89 -1.39 -22.23
CA PHE E 207 -18.55 -1.64 -22.77
C PHE E 207 -17.99 -0.43 -23.47
N GLU E 208 -18.63 0.72 -23.33
CA GLU E 208 -18.16 1.92 -24.01
C GLU E 208 -16.94 2.52 -23.31
N PRO E 209 -15.83 2.77 -24.01
CA PRO E 209 -14.63 3.35 -23.46
C PRO E 209 -14.84 4.70 -22.81
N ILE E 210 -14.24 4.88 -21.65
CA ILE E 210 -14.24 6.11 -20.90
C ILE E 210 -12.79 6.49 -20.75
N PRO E 211 -12.36 7.71 -21.06
CA PRO E 211 -10.98 8.10 -20.96
C PRO E 211 -10.41 7.85 -19.58
N ILE E 212 -9.20 7.31 -19.57
CA ILE E 212 -8.44 7.02 -18.36
C ILE E 212 -7.19 7.82 -18.32
N HIS E 213 -6.94 8.48 -17.20
CA HIS E 213 -5.74 9.27 -17.07
C HIS E 213 -4.75 8.52 -16.21
N TYR E 214 -3.52 8.34 -16.66
CA TYR E 214 -2.55 7.68 -15.81
C TYR E 214 -1.72 8.71 -15.10
N CYS E 215 -1.59 8.57 -13.75
CA CYS E 215 -0.93 9.53 -12.89
C CYS E 215 0.27 8.92 -12.16
N ALA E 216 1.32 9.70 -12.08
CA ALA E 216 2.50 9.26 -11.37
C ALA E 216 2.33 9.57 -9.89
N PRO E 217 2.90 8.76 -8.99
CA PRO E 217 2.94 8.96 -7.57
C PRO E 217 3.90 10.06 -7.23
N ALA E 218 3.79 10.61 -6.05
CA ALA E 218 4.71 11.66 -5.65
C ALA E 218 6.13 11.18 -5.72
N GLY E 219 7.02 12.03 -6.21
CA GLY E 219 8.43 11.69 -6.34
C GLY E 219 8.75 11.32 -7.77
N PHE E 220 7.72 11.13 -8.57
CA PHE E 220 7.81 10.78 -9.98
C PHE E 220 7.07 11.79 -10.81
N ALA E 221 7.42 11.86 -12.08
CA ALA E 221 6.75 12.75 -12.99
C ALA E 221 6.72 12.16 -14.37
N ILE E 222 5.80 12.64 -15.19
CA ILE E 222 5.69 12.14 -16.54
C ILE E 222 6.14 13.22 -17.51
N LEU E 223 7.08 12.89 -18.36
CA LEU E 223 7.51 13.87 -19.31
C LEU E 223 6.80 13.60 -20.60
N LYS E 224 6.34 14.65 -21.23
CA LYS E 224 5.63 14.57 -22.50
C LYS E 224 6.49 15.19 -23.60
N CYS E 225 6.49 14.57 -24.80
CA CYS E 225 7.19 15.08 -25.98
C CYS E 225 6.25 15.94 -26.81
N LYS E 226 6.61 17.21 -26.97
CA LYS E 226 5.80 18.18 -27.69
C LYS E 226 6.18 18.38 -29.13
N ASP E 227 7.25 17.75 -29.56
CA ASP E 227 7.67 17.93 -30.92
C ASP E 227 6.74 17.30 -31.89
N LYS E 228 6.50 18.04 -32.95
CA LYS E 228 5.70 17.56 -34.03
C LYS E 228 6.61 16.71 -34.84
N LYS E 229 6.03 15.78 -35.58
CA LYS E 229 6.80 14.91 -36.45
C LYS E 229 7.82 14.11 -35.67
N PHE E 230 7.43 13.68 -34.48
CA PHE E 230 8.29 12.86 -33.65
C PHE E 230 7.93 11.42 -33.91
N ASN E 231 8.92 10.57 -34.26
CA ASN E 231 8.71 9.17 -34.64
C ASN E 231 8.81 8.16 -33.47
N GLY E 232 8.94 8.64 -32.21
CA GLY E 232 8.95 7.82 -30.98
C GLY E 232 10.28 7.30 -30.44
N THR E 233 11.38 7.38 -31.20
CA THR E 233 12.64 6.84 -30.69
C THR E 233 13.82 7.79 -30.58
N GLY E 234 13.73 8.95 -31.18
CA GLY E 234 14.88 9.82 -31.15
C GLY E 234 14.82 10.78 -29.97
N PRO E 235 15.76 11.73 -29.90
CA PRO E 235 15.80 12.81 -28.95
C PRO E 235 14.59 13.65 -29.29
N CYS E 236 14.00 14.31 -28.28
CA CYS E 236 12.86 15.21 -28.37
C CYS E 236 13.30 16.55 -27.79
N PRO E 237 13.64 17.54 -28.64
CA PRO E 237 14.07 18.89 -28.30
C PRO E 237 13.08 19.70 -27.48
N SER E 238 11.79 19.39 -27.53
CA SER E 238 10.83 20.16 -26.76
C SER E 238 9.94 19.28 -25.90
N VAL E 239 10.10 19.40 -24.58
CA VAL E 239 9.34 18.58 -23.65
C VAL E 239 8.68 19.40 -22.58
N SER E 240 7.73 18.79 -21.90
CA SER E 240 7.05 19.40 -20.78
C SER E 240 6.72 18.40 -19.71
N THR E 241 6.51 18.87 -18.49
CA THR E 241 6.19 17.97 -17.40
C THR E 241 4.74 18.03 -16.99
N VAL E 242 4.16 16.85 -16.85
CA VAL E 242 2.80 16.74 -16.39
C VAL E 242 2.78 15.74 -15.25
N GLN E 243 1.75 15.77 -14.43
CA GLN E 243 1.66 14.73 -13.41
C GLN E 243 0.81 13.52 -13.87
N CYS E 244 -0.19 13.78 -14.75
CA CYS E 244 -1.15 12.84 -15.30
C CYS E 244 -1.17 13.00 -16.82
N THR E 245 -1.41 11.90 -17.52
CA THR E 245 -1.53 11.91 -18.96
C THR E 245 -2.89 12.44 -19.33
N HIS E 246 -3.10 12.67 -20.62
CA HIS E 246 -4.39 13.10 -21.09
C HIS E 246 -5.25 11.89 -20.98
N GLY E 247 -6.55 12.02 -21.18
CA GLY E 247 -7.32 10.81 -21.05
C GLY E 247 -7.15 9.97 -22.29
N ILE E 248 -6.98 8.68 -22.10
CA ILE E 248 -6.89 7.75 -23.21
C ILE E 248 -8.06 6.83 -23.20
N LYS E 249 -8.76 6.75 -24.30
CA LYS E 249 -9.89 5.86 -24.34
C LYS E 249 -9.38 4.47 -24.65
N PRO E 250 -9.69 3.44 -23.85
CA PRO E 250 -9.27 2.08 -24.06
C PRO E 250 -10.08 1.43 -25.14
N VAL E 251 -9.92 1.90 -26.35
CA VAL E 251 -10.66 1.35 -27.46
C VAL E 251 -9.96 0.10 -27.90
N VAL E 252 -10.70 -0.97 -28.04
CA VAL E 252 -10.12 -2.22 -28.46
C VAL E 252 -10.48 -2.54 -29.89
N SER E 253 -9.48 -2.62 -30.75
CA SER E 253 -9.71 -2.90 -32.14
C SER E 253 -8.50 -3.55 -32.80
N THR E 254 -8.72 -4.08 -33.99
CA THR E 254 -7.60 -4.62 -34.76
C THR E 254 -7.50 -3.93 -36.09
N GLN E 255 -6.32 -3.97 -36.67
CA GLN E 255 -5.97 -3.44 -38.01
C GLN E 255 -6.06 -1.92 -38.11
N LEU E 256 -7.21 -1.36 -37.84
CA LEU E 256 -7.40 0.07 -37.85
C LEU E 256 -7.63 0.53 -36.45
N LEU E 257 -7.04 1.65 -36.12
CA LEU E 257 -7.18 2.21 -34.80
C LEU E 257 -8.31 3.19 -34.85
N LEU E 258 -9.19 3.11 -33.89
CA LEU E 258 -10.32 4.01 -33.89
C LEU E 258 -10.26 4.97 -32.72
N ASN E 259 -10.80 6.19 -32.92
CA ASN E 259 -11.01 7.27 -31.96
C ASN E 259 -9.74 7.66 -31.16
N GLY E 260 -8.56 7.69 -31.79
CA GLY E 260 -7.30 8.06 -31.18
C GLY E 260 -6.94 9.49 -31.51
N SER E 261 -5.69 9.82 -31.27
CA SER E 261 -5.20 11.14 -31.53
C SER E 261 -4.73 11.27 -32.97
N LEU E 262 -4.88 12.44 -33.54
CA LEU E 262 -4.38 12.70 -34.87
C LEU E 262 -3.06 13.41 -34.84
N ALA E 263 -2.27 13.20 -35.88
CA ALA E 263 -1.00 13.86 -36.06
C ALA E 263 -1.29 15.31 -36.36
N GLU E 264 -0.41 16.21 -35.94
CA GLU E 264 -0.64 17.63 -36.16
C GLU E 264 -0.47 18.12 -37.60
N GLU E 265 0.57 17.66 -38.29
CA GLU E 265 0.86 18.19 -39.61
C GLU E 265 0.84 17.20 -40.77
N GLU E 266 1.34 16.01 -40.53
CA GLU E 266 1.51 15.05 -41.61
C GLU E 266 1.37 13.66 -41.07
N VAL E 267 1.20 12.70 -41.95
CA VAL E 267 1.11 11.32 -41.53
C VAL E 267 2.46 10.89 -41.00
N ILE E 268 2.47 10.26 -39.83
CA ILE E 268 3.72 9.84 -39.22
C ILE E 268 3.83 8.33 -39.16
N ILE E 269 4.92 7.82 -39.69
CA ILE E 269 5.12 6.39 -39.68
C ILE E 269 6.14 6.00 -38.63
N ARG E 270 5.73 5.17 -37.69
CA ARG E 270 6.60 4.77 -36.59
C ARG E 270 6.80 3.26 -36.56
N SER E 271 7.99 2.84 -36.26
CA SER E 271 8.26 1.42 -36.13
C SER E 271 9.44 1.20 -35.22
N GLU E 272 9.54 0.03 -34.61
CA GLU E 272 10.73 -0.25 -33.80
C GLU E 272 12.01 -0.33 -34.64
N ASN E 273 11.92 -0.99 -35.81
CA ASN E 273 12.97 -1.22 -36.79
C ASN E 273 12.31 -1.33 -38.17
N ILE E 274 12.36 -0.24 -38.98
CA ILE E 274 11.65 -0.10 -40.26
C ILE E 274 12.11 -1.08 -41.33
N THR E 275 13.35 -1.55 -41.22
CA THR E 275 13.87 -2.47 -42.20
C THR E 275 13.64 -3.93 -41.81
N ASN E 276 13.00 -4.21 -40.69
CA ASN E 276 12.75 -5.59 -40.35
C ASN E 276 11.42 -5.97 -40.97
N ASN E 277 11.00 -7.22 -40.81
CA ASN E 277 9.73 -7.69 -41.31
C ASN E 277 8.98 -8.25 -40.14
N ALA E 278 9.70 -8.37 -39.05
CA ALA E 278 9.19 -8.94 -37.81
C ALA E 278 8.48 -7.92 -36.96
N LYS E 279 8.48 -6.68 -37.39
CA LYS E 279 7.90 -5.61 -36.62
C LYS E 279 6.72 -5.00 -37.34
N ASN E 280 5.75 -4.51 -36.58
CA ASN E 280 4.62 -3.84 -37.20
C ASN E 280 4.92 -2.38 -37.37
N ILE E 281 4.24 -1.79 -38.32
CA ILE E 281 4.34 -0.37 -38.59
C ILE E 281 3.10 0.34 -38.12
N LEU E 282 3.28 1.35 -37.29
CA LEU E 282 2.14 2.10 -36.80
C LEU E 282 2.06 3.41 -37.53
N VAL E 283 0.94 3.65 -38.17
CA VAL E 283 0.81 4.86 -38.95
C VAL E 283 -0.22 5.76 -38.32
N GLN E 284 0.19 6.97 -37.98
CA GLN E 284 -0.73 7.92 -37.39
C GLN E 284 -1.21 8.91 -38.43
N LEU E 285 -2.51 9.04 -38.59
CA LEU E 285 -3.04 9.92 -39.62
C LEU E 285 -3.17 11.32 -39.11
N ASN E 286 -3.12 12.32 -40.01
CA ASN E 286 -3.31 13.70 -39.60
C ASN E 286 -4.73 14.18 -39.86
N THR E 287 -5.53 13.31 -40.42
CA THR E 287 -6.92 13.57 -40.70
C THR E 287 -7.65 12.30 -40.36
N PRO E 288 -8.88 12.34 -39.86
CA PRO E 288 -9.66 11.19 -39.59
C PRO E 288 -10.26 10.66 -40.85
N VAL E 289 -10.54 9.38 -40.90
CA VAL E 289 -11.37 8.87 -41.96
C VAL E 289 -12.64 8.41 -41.31
N GLN E 290 -13.76 8.93 -41.73
CA GLN E 290 -14.99 8.53 -41.07
C GLN E 290 -15.48 7.20 -41.55
N ILE E 291 -15.83 6.35 -40.60
CA ILE E 291 -16.39 5.04 -40.90
C ILE E 291 -17.74 4.86 -40.17
N ASN E 292 -18.80 4.49 -40.93
CA ASN E 292 -20.18 4.28 -40.45
C ASN E 292 -20.54 2.80 -40.45
N CYS E 293 -20.72 2.19 -39.26
CA CYS E 293 -20.98 0.74 -39.11
C CYS E 293 -22.38 0.49 -38.60
N THR E 294 -22.99 -0.56 -39.11
CA THR E 294 -24.33 -0.90 -38.68
C THR E 294 -24.73 -2.35 -38.79
N ARG E 295 -25.68 -2.72 -37.95
CA ARG E 295 -26.34 -3.99 -38.00
C ARG E 295 -27.82 -3.72 -38.21
N PRO E 296 -28.31 -3.70 -39.44
CA PRO E 296 -29.63 -3.29 -39.84
C PRO E 296 -30.67 -4.38 -39.63
N ASN E 297 -30.79 -4.87 -38.42
CA ASN E 297 -31.72 -5.94 -38.10
C ASN E 297 -32.45 -5.65 -36.81
N ASN E 298 -33.80 -5.57 -36.84
CA ASN E 298 -34.57 -5.22 -35.65
C ASN E 298 -34.78 -6.48 -34.78
N ASN E 299 -33.70 -6.85 -34.05
CA ASN E 299 -33.66 -8.04 -33.19
C ASN E 299 -34.48 -7.89 -31.93
N THR E 300 -35.29 -8.89 -31.65
CA THR E 300 -36.12 -8.94 -30.45
C THR E 300 -35.47 -9.86 -29.46
N VAL E 301 -35.20 -9.33 -28.29
CA VAL E 301 -34.51 -10.04 -27.23
C VAL E 301 -35.43 -10.59 -26.16
N LYS E 302 -35.21 -11.85 -25.81
CA LYS E 302 -35.96 -12.58 -24.81
C LYS E 302 -35.10 -12.90 -23.60
N SER E 303 -35.74 -13.10 -22.45
CA SER E 303 -35.03 -13.42 -21.22
C SER E 303 -35.68 -14.54 -20.44
N ILE E 304 -34.89 -15.57 -20.15
CA ILE E 304 -35.35 -16.75 -19.43
C ILE E 304 -34.60 -17.10 -18.15
N ARG E 305 -35.35 -17.31 -17.06
CA ARG E 305 -34.67 -17.72 -15.84
C ARG E 305 -34.09 -19.10 -16.06
N ILE E 306 -32.83 -19.23 -15.70
CA ILE E 306 -32.08 -20.46 -15.90
C ILE E 306 -31.71 -21.09 -14.57
N GLY E 307 -32.09 -20.41 -13.50
CA GLY E 307 -31.78 -20.84 -12.17
C GLY E 307 -32.32 -19.83 -11.17
N PRO E 308 -32.01 -19.95 -9.89
CA PRO E 308 -32.53 -19.15 -8.81
C PRO E 308 -32.01 -17.74 -8.83
N GLY E 309 -32.66 -16.91 -9.64
CA GLY E 309 -32.27 -15.52 -9.81
C GLY E 309 -31.30 -15.33 -10.96
N GLN E 310 -31.11 -16.37 -11.74
CA GLN E 310 -30.20 -16.32 -12.86
C GLN E 310 -31.00 -16.09 -14.12
N TRP E 311 -30.44 -15.42 -15.12
CA TRP E 311 -31.20 -15.27 -16.36
C TRP E 311 -30.30 -15.20 -17.56
N PHE E 312 -30.77 -15.84 -18.62
CA PHE E 312 -30.11 -15.89 -19.91
C PHE E 312 -30.80 -15.04 -20.94
N TYR E 313 -30.02 -14.23 -21.64
CA TYR E 313 -30.58 -13.36 -22.69
C TYR E 313 -30.22 -13.86 -24.05
N TYR E 314 -31.17 -13.82 -24.95
CA TYR E 314 -30.90 -14.30 -26.29
C TYR E 314 -31.80 -13.68 -27.35
N THR E 315 -31.42 -13.80 -28.61
CA THR E 315 -32.27 -13.29 -29.66
C THR E 315 -33.39 -14.25 -29.90
N GLY E 316 -34.60 -13.75 -29.83
CA GLY E 316 -35.82 -14.51 -30.01
C GLY E 316 -36.15 -14.58 -31.47
N ASP E 317 -36.26 -13.42 -32.08
CA ASP E 317 -36.59 -13.36 -33.49
C ASP E 317 -36.06 -12.08 -34.12
N ILE E 318 -36.25 -11.94 -35.41
CA ILE E 318 -35.83 -10.74 -36.13
C ILE E 318 -37.02 -10.16 -36.88
N ILE E 319 -37.30 -8.91 -36.64
CA ILE E 319 -38.39 -8.23 -37.30
C ILE E 319 -37.93 -7.69 -38.63
N GLY E 320 -38.67 -8.01 -39.68
CA GLY E 320 -38.32 -7.57 -41.02
C GLY E 320 -37.38 -8.54 -41.67
N ASP E 321 -36.69 -8.09 -42.71
CA ASP E 321 -35.81 -8.93 -43.46
C ASP E 321 -34.45 -9.04 -42.79
N ILE E 322 -33.69 -10.09 -43.13
CA ILE E 322 -32.39 -10.29 -42.53
C ILE E 322 -31.27 -9.83 -43.44
N ARG E 323 -30.47 -8.91 -42.94
CA ARG E 323 -29.42 -8.31 -43.73
C ARG E 323 -28.05 -8.40 -43.09
N GLN E 324 -27.03 -8.31 -43.92
CA GLN E 324 -25.67 -8.36 -43.46
C GLN E 324 -25.19 -7.06 -42.84
N ALA E 325 -24.48 -7.19 -41.72
CA ALA E 325 -23.88 -6.05 -41.05
C ALA E 325 -22.78 -5.54 -41.93
N HIS E 326 -22.55 -4.24 -41.92
CA HIS E 326 -21.52 -3.66 -42.79
C HIS E 326 -21.00 -2.31 -42.30
N CYS E 327 -19.84 -1.88 -42.85
CA CYS E 327 -19.23 -0.56 -42.62
C CYS E 327 -18.97 0.19 -43.93
N ASN E 328 -19.25 1.48 -43.90
CA ASN E 328 -19.07 2.38 -45.05
C ASN E 328 -17.91 3.36 -44.84
N VAL E 329 -16.95 3.35 -45.79
CA VAL E 329 -15.78 4.26 -45.85
C VAL E 329 -15.82 5.02 -47.17
N SER E 330 -15.79 6.34 -47.17
CA SER E 330 -15.87 7.07 -48.45
C SER E 330 -14.65 6.80 -49.31
N LYS E 331 -14.83 6.53 -50.62
CA LYS E 331 -13.66 6.26 -51.45
C LYS E 331 -12.72 7.41 -51.61
N ALA E 332 -13.24 8.63 -51.73
CA ALA E 332 -12.33 9.73 -51.95
C ALA E 332 -11.46 9.98 -50.76
N THR E 333 -12.05 9.91 -49.57
CA THR E 333 -11.27 10.17 -48.39
C THR E 333 -10.27 9.09 -48.22
N TRP E 334 -10.71 7.84 -48.39
CA TRP E 334 -9.78 6.74 -48.22
C TRP E 334 -8.62 6.81 -49.19
N ASN E 335 -8.86 7.09 -50.51
CA ASN E 335 -7.80 7.15 -51.52
C ASN E 335 -6.80 8.26 -51.23
N GLU E 336 -7.25 9.46 -50.74
CA GLU E 336 -6.36 10.58 -50.37
C GLU E 336 -5.52 10.20 -49.18
N THR E 337 -6.14 9.52 -48.22
CA THR E 337 -5.48 9.11 -47.03
C THR E 337 -4.42 8.10 -47.35
N LEU E 338 -4.75 7.15 -48.20
CA LEU E 338 -3.82 6.12 -48.52
C LEU E 338 -2.67 6.73 -49.30
N GLY E 339 -2.95 7.69 -50.18
CA GLY E 339 -1.88 8.32 -50.93
C GLY E 339 -0.89 9.01 -50.00
N LYS E 340 -1.38 9.66 -48.93
CA LYS E 340 -0.50 10.30 -47.96
C LYS E 340 0.37 9.27 -47.25
N VAL E 341 -0.21 8.11 -46.95
CA VAL E 341 0.52 7.05 -46.30
C VAL E 341 1.65 6.60 -47.18
N VAL E 342 1.36 6.47 -48.47
CA VAL E 342 2.39 6.05 -49.40
C VAL E 342 3.49 7.10 -49.51
N LYS E 343 3.14 8.37 -49.62
CA LYS E 343 4.17 9.39 -49.76
C LYS E 343 5.22 9.34 -48.67
N GLN E 344 4.79 9.10 -47.45
CA GLN E 344 5.70 9.09 -46.32
C GLN E 344 6.39 7.75 -46.13
N LEU E 345 6.00 6.76 -46.90
CA LEU E 345 6.51 5.41 -46.78
C LEU E 345 7.68 5.31 -47.72
N ARG E 346 7.61 6.07 -48.80
CA ARG E 346 8.67 6.12 -49.80
C ARG E 346 9.94 6.68 -49.19
N LYS E 347 9.82 7.45 -48.13
CA LYS E 347 10.98 8.00 -47.48
C LYS E 347 11.90 6.91 -46.96
N HIS E 348 11.36 5.73 -46.65
CA HIS E 348 12.20 4.66 -46.16
C HIS E 348 12.45 3.61 -47.22
N PHE E 349 11.54 3.50 -48.20
CA PHE E 349 11.69 2.45 -49.20
C PHE E 349 12.13 2.87 -50.61
N GLY E 350 12.28 4.16 -50.87
CA GLY E 350 12.72 4.65 -52.18
C GLY E 350 11.64 5.43 -52.89
N ASN E 351 12.01 6.53 -53.53
CA ASN E 351 11.01 7.35 -54.20
C ASN E 351 10.74 6.91 -55.61
N ASN E 352 11.31 5.79 -55.97
CA ASN E 352 11.11 5.15 -57.24
C ASN E 352 10.66 3.71 -57.03
N THR E 353 10.20 3.37 -55.83
CA THR E 353 9.81 1.98 -55.59
C THR E 353 8.34 1.77 -55.85
N ILE E 354 7.89 0.54 -55.72
CA ILE E 354 6.48 0.28 -55.89
C ILE E 354 5.86 -0.12 -54.58
N ILE E 355 4.77 0.55 -54.22
CA ILE E 355 4.08 0.21 -52.99
C ILE E 355 2.77 -0.50 -53.28
N ARG E 356 2.61 -1.68 -52.73
CA ARG E 356 1.40 -2.45 -52.97
C ARG E 356 0.70 -2.85 -51.70
N PHE E 357 -0.60 -2.65 -51.68
CA PHE E 357 -1.40 -3.02 -50.54
C PHE E 357 -2.22 -4.25 -50.84
N ALA E 358 -2.30 -5.13 -49.85
CA ALA E 358 -3.02 -6.37 -49.97
C ALA E 358 -3.69 -6.78 -48.66
N GLN E 359 -4.63 -7.72 -48.76
CA GLN E 359 -5.35 -8.25 -47.62
C GLN E 359 -4.47 -9.13 -46.74
N SER E 360 -4.83 -9.25 -45.47
CA SER E 360 -4.06 -10.07 -44.54
C SER E 360 -4.09 -11.51 -45.02
N SER E 361 -2.96 -12.20 -44.89
CA SER E 361 -2.78 -13.55 -45.39
C SER E 361 -3.38 -14.74 -44.65
N GLY E 362 -3.70 -14.63 -43.38
CA GLY E 362 -4.22 -15.80 -42.71
C GLY E 362 -4.33 -15.62 -41.21
N GLY E 363 -4.81 -16.66 -40.54
CA GLY E 363 -5.00 -16.60 -39.09
C GLY E 363 -6.49 -16.53 -38.79
N ASP E 364 -6.83 -16.34 -37.53
CA ASP E 364 -8.22 -16.34 -37.14
C ASP E 364 -8.85 -14.98 -37.38
N LEU E 365 -10.14 -14.84 -37.09
CA LEU E 365 -10.79 -13.57 -37.35
C LEU E 365 -10.21 -12.43 -36.56
N GLU E 366 -9.66 -12.71 -35.39
CA GLU E 366 -9.12 -11.64 -34.58
C GLU E 366 -8.00 -10.89 -35.31
N VAL E 367 -7.30 -11.54 -36.23
CA VAL E 367 -6.22 -10.87 -36.92
C VAL E 367 -6.49 -10.63 -38.40
N THR E 368 -7.37 -11.42 -39.01
CA THR E 368 -7.63 -11.23 -40.44
C THR E 368 -8.68 -10.18 -40.69
N THR E 369 -9.49 -9.86 -39.70
CA THR E 369 -10.51 -8.86 -39.87
C THR E 369 -10.32 -7.72 -38.90
N HIS E 370 -11.09 -6.66 -39.12
CA HIS E 370 -11.14 -5.50 -38.28
C HIS E 370 -12.19 -5.70 -37.23
N SER E 371 -11.73 -5.96 -36.03
CA SER E 371 -12.59 -6.21 -34.91
C SER E 371 -12.87 -4.96 -34.14
N PHE E 372 -14.11 -4.79 -33.71
CA PHE E 372 -14.49 -3.68 -32.84
C PHE E 372 -15.82 -3.90 -32.13
N ASN E 373 -16.04 -3.15 -31.07
CA ASN E 373 -17.30 -3.14 -30.33
C ASN E 373 -18.17 -1.95 -30.74
N CYS E 374 -19.32 -2.21 -31.39
CA CYS E 374 -20.28 -1.23 -31.90
C CYS E 374 -21.62 -1.41 -31.22
N GLY E 375 -21.90 -0.57 -30.26
CA GLY E 375 -23.18 -0.65 -29.54
C GLY E 375 -23.28 -1.86 -28.64
N GLY E 376 -22.17 -2.46 -28.25
CA GLY E 376 -22.20 -3.66 -27.45
C GLY E 376 -22.05 -4.91 -28.28
N GLU E 377 -22.19 -4.82 -29.60
CA GLU E 377 -22.03 -6.01 -30.41
C GLU E 377 -20.60 -6.10 -30.90
N PHE E 378 -20.12 -7.30 -31.12
CA PHE E 378 -18.76 -7.46 -31.59
C PHE E 378 -18.73 -7.85 -33.06
N PHE E 379 -18.17 -6.92 -33.84
CA PHE E 379 -18.06 -6.97 -35.29
C PHE E 379 -16.70 -7.44 -35.75
N TYR E 380 -16.71 -8.21 -36.83
CA TYR E 380 -15.53 -8.71 -37.54
C TYR E 380 -15.62 -8.36 -39.03
N CYS E 381 -15.09 -7.18 -39.42
CA CYS E 381 -15.24 -6.58 -40.74
C CYS E 381 -14.08 -6.90 -41.68
N ASN E 382 -14.43 -7.23 -42.89
CA ASN E 382 -13.45 -7.58 -43.91
C ASN E 382 -12.96 -6.31 -44.64
N THR E 383 -11.66 -5.97 -44.46
CA THR E 383 -10.95 -4.77 -44.94
C THR E 383 -10.20 -4.95 -46.24
N SER E 384 -10.41 -6.07 -46.92
CA SER E 384 -9.75 -6.32 -48.21
C SER E 384 -10.21 -5.33 -49.25
N GLY E 385 -11.34 -4.67 -48.99
CA GLY E 385 -11.87 -3.66 -49.87
C GLY E 385 -11.14 -2.34 -49.71
N LEU E 386 -10.31 -2.23 -48.69
CA LEU E 386 -9.55 -1.01 -48.47
C LEU E 386 -8.11 -1.21 -48.91
N PHE E 387 -7.53 -2.33 -48.51
CA PHE E 387 -6.12 -2.59 -48.80
C PHE E 387 -5.95 -3.40 -50.06
N ASN E 388 -6.31 -2.79 -51.21
CA ASN E 388 -6.27 -3.41 -52.54
C ASN E 388 -5.90 -2.37 -53.62
N SER E 389 -4.58 -2.09 -53.77
CA SER E 389 -4.07 -1.09 -54.73
C SER E 389 -2.58 -1.21 -55.00
N THR E 390 -2.13 -0.64 -56.12
CA THR E 390 -0.69 -0.53 -56.38
C THR E 390 -0.36 0.91 -56.72
N TRP E 391 0.60 1.48 -56.03
CA TRP E 391 1.01 2.85 -56.20
C TRP E 391 2.40 2.98 -56.84
N ILE E 392 2.44 3.53 -58.04
CA ILE E 392 3.70 3.65 -58.77
C ILE E 392 4.03 5.11 -59.08
N SER E 393 5.28 5.55 -58.73
CA SER E 393 5.81 6.91 -58.94
C SER E 393 5.65 7.39 -60.40
N SER E 405 -18.16 11.36 -56.26
CA SER E 405 -18.95 11.98 -55.20
C SER E 405 -19.91 10.94 -54.56
N ASN E 406 -19.76 10.76 -53.22
CA ASN E 406 -20.54 9.86 -52.33
C ASN E 406 -20.49 8.39 -52.74
N ASP E 407 -19.36 7.97 -53.27
CA ASP E 407 -19.19 6.59 -53.66
C ASP E 407 -18.40 5.92 -52.53
N SER E 408 -19.06 5.07 -51.74
CA SER E 408 -18.43 4.46 -50.59
C SER E 408 -18.02 3.01 -50.81
N ILE E 409 -17.02 2.59 -50.06
CA ILE E 409 -16.53 1.24 -50.02
C ILE E 409 -17.34 0.52 -48.99
N THR E 410 -17.93 -0.60 -49.33
CA THR E 410 -18.71 -1.30 -48.32
C THR E 410 -17.96 -2.53 -47.87
N LEU E 411 -17.77 -2.62 -46.57
CA LEU E 411 -17.07 -3.72 -45.95
C LEU E 411 -18.11 -4.63 -45.30
N PRO E 412 -18.25 -5.91 -45.67
CA PRO E 412 -19.20 -6.81 -45.07
C PRO E 412 -18.63 -7.12 -43.71
N CYS E 413 -19.48 -7.38 -42.68
CA CYS E 413 -19.07 -7.73 -41.31
C CYS E 413 -19.85 -8.92 -40.76
N ARG E 414 -19.20 -9.71 -39.92
CA ARG E 414 -19.87 -10.79 -39.21
C ARG E 414 -19.96 -10.45 -37.73
N ILE E 415 -20.93 -11.03 -37.06
CA ILE E 415 -21.16 -10.78 -35.65
C ILE E 415 -20.95 -12.03 -34.82
N LYS E 416 -20.27 -11.91 -33.68
CA LYS E 416 -20.11 -13.07 -32.79
C LYS E 416 -20.59 -12.79 -31.40
N GLN E 417 -21.15 -13.80 -30.72
CA GLN E 417 -21.53 -13.65 -29.33
C GLN E 417 -20.57 -14.34 -28.37
N ILE E 418 -19.85 -15.38 -28.80
CA ILE E 418 -18.94 -16.04 -27.86
C ILE E 418 -17.54 -15.58 -28.16
N ILE E 419 -17.03 -14.83 -27.22
CA ILE E 419 -15.83 -14.07 -27.32
C ILE E 419 -14.69 -14.49 -26.40
N ASN E 420 -13.48 -14.57 -26.95
CA ASN E 420 -12.30 -14.94 -26.19
C ASN E 420 -11.24 -13.86 -26.32
N MET E 421 -11.37 -12.82 -25.50
CA MET E 421 -10.50 -11.65 -25.59
C MET E 421 -9.13 -11.83 -25.01
N TRP E 422 -8.25 -10.94 -25.45
CA TRP E 422 -6.87 -10.81 -25.01
C TRP E 422 -6.06 -12.03 -25.38
N GLN E 423 -6.59 -12.79 -26.32
CA GLN E 423 -6.05 -14.01 -26.85
C GLN E 423 -5.80 -15.06 -25.78
N ARG E 424 -6.66 -15.09 -24.77
CA ARG E 424 -6.52 -16.08 -23.73
C ARG E 424 -7.38 -17.28 -24.03
N ILE E 425 -7.03 -18.41 -23.45
CA ILE E 425 -7.85 -19.60 -23.58
C ILE E 425 -8.33 -20.06 -22.23
N GLY E 426 -9.64 -20.31 -22.10
CA GLY E 426 -10.24 -20.77 -20.85
C GLY E 426 -11.27 -19.79 -20.28
N GLN E 427 -11.27 -18.56 -20.75
CA GLN E 427 -12.22 -17.57 -20.29
C GLN E 427 -13.09 -17.04 -21.41
N ALA E 428 -14.28 -17.58 -21.62
CA ALA E 428 -15.09 -17.09 -22.71
C ALA E 428 -16.17 -16.20 -22.15
N MET E 429 -16.59 -15.23 -22.93
CA MET E 429 -17.65 -14.35 -22.56
C MET E 429 -18.81 -14.49 -23.50
N TYR E 430 -20.01 -14.42 -22.99
CA TYR E 430 -21.17 -14.37 -23.85
C TYR E 430 -21.68 -12.97 -23.87
N ALA E 431 -21.71 -12.38 -25.05
CA ALA E 431 -22.21 -11.04 -25.14
C ALA E 431 -23.71 -11.14 -25.41
N PRO E 432 -24.58 -10.68 -24.54
CA PRO E 432 -25.99 -10.79 -24.71
C PRO E 432 -26.27 -9.88 -25.86
N PRO E 433 -27.31 -10.10 -26.64
CA PRO E 433 -27.73 -9.29 -27.74
C PRO E 433 -28.31 -7.99 -27.29
N ILE E 434 -28.17 -6.99 -28.14
CA ILE E 434 -28.77 -5.71 -27.90
C ILE E 434 -30.00 -5.52 -28.76
N GLN E 435 -31.10 -5.20 -28.13
CA GLN E 435 -32.38 -5.07 -28.82
C GLN E 435 -32.44 -3.91 -29.79
N GLY E 436 -33.02 -4.17 -30.96
CA GLY E 436 -33.21 -3.15 -31.98
C GLY E 436 -32.05 -3.04 -32.95
N VAL E 437 -32.03 -1.94 -33.68
CA VAL E 437 -31.06 -1.71 -34.74
C VAL E 437 -29.89 -0.91 -34.23
N ILE E 438 -28.69 -1.34 -34.58
CA ILE E 438 -27.48 -0.68 -34.09
C ILE E 438 -26.68 0.05 -35.12
N ARG E 439 -26.36 1.28 -34.81
CA ARG E 439 -25.51 2.07 -35.68
C ARG E 439 -24.53 2.87 -34.82
N CYS E 440 -23.25 2.98 -35.28
CA CYS E 440 -22.20 3.76 -34.64
C CYS E 440 -21.32 4.41 -35.71
N VAL E 441 -20.82 5.59 -35.38
CA VAL E 441 -19.91 6.30 -36.26
C VAL E 441 -18.63 6.58 -35.54
N SER E 442 -17.53 6.23 -36.15
CA SER E 442 -16.23 6.41 -35.53
C SER E 442 -15.19 6.93 -36.50
N ASN E 443 -14.06 7.41 -35.95
CA ASN E 443 -12.93 7.95 -36.71
C ASN E 443 -11.78 6.94 -36.78
N ILE E 444 -11.21 6.72 -37.99
CA ILE E 444 -10.01 5.92 -38.19
C ILE E 444 -8.89 6.92 -38.05
N THR E 445 -8.05 6.71 -37.07
CA THR E 445 -6.99 7.65 -36.76
C THR E 445 -5.61 7.04 -36.97
N GLY E 446 -5.59 5.84 -37.48
CA GLY E 446 -4.33 5.16 -37.70
C GLY E 446 -4.47 3.75 -38.22
N LEU E 447 -3.35 3.21 -38.64
CA LEU E 447 -3.25 1.87 -39.22
C LEU E 447 -2.16 1.01 -38.60
N ILE E 448 -2.37 -0.30 -38.57
CA ILE E 448 -1.31 -1.22 -38.22
C ILE E 448 -0.96 -2.03 -39.46
N LEU E 449 0.25 -1.89 -39.96
CA LEU E 449 0.65 -2.59 -41.18
C LEU E 449 1.85 -3.51 -41.01
N THR E 450 1.90 -4.56 -41.79
CA THR E 450 3.04 -5.47 -41.80
C THR E 450 3.68 -5.36 -43.15
N ARG E 451 4.91 -5.84 -43.30
CA ARG E 451 5.57 -5.80 -44.60
C ARG E 451 6.08 -7.18 -44.95
N ASP E 452 5.78 -7.65 -46.16
CA ASP E 452 6.22 -8.95 -46.64
C ASP E 452 7.74 -9.00 -46.80
N GLY E 453 8.36 -10.17 -46.55
CA GLY E 453 9.80 -10.40 -46.71
C GLY E 453 10.24 -10.24 -48.17
N SER E 458 13.81 -7.06 -54.72
CA SER E 458 12.98 -6.86 -55.88
C SER E 458 12.61 -5.34 -55.96
N THR E 459 11.49 -5.01 -56.65
CA THR E 459 10.99 -3.64 -56.89
C THR E 459 9.72 -3.29 -56.13
N THR E 460 9.00 -4.30 -55.61
CA THR E 460 7.74 -4.01 -54.95
C THR E 460 7.69 -4.45 -53.51
N GLU E 461 7.31 -3.50 -52.67
CA GLU E 461 7.12 -3.71 -51.24
C GLU E 461 5.63 -3.96 -51.02
N THR E 462 5.29 -5.06 -50.37
CA THR E 462 3.88 -5.35 -50.13
C THR E 462 3.53 -5.23 -48.67
N PHE E 463 2.45 -4.49 -48.40
CA PHE E 463 1.99 -4.23 -47.05
C PHE E 463 0.61 -4.80 -46.81
N ARG E 464 0.39 -5.30 -45.61
CA ARG E 464 -0.90 -5.89 -45.27
C ARG E 464 -1.33 -5.42 -43.89
N PRO E 465 -2.59 -5.41 -43.53
CA PRO E 465 -3.01 -5.12 -42.18
C PRO E 465 -2.45 -6.12 -41.18
N GLY E 466 -2.04 -5.61 -40.02
CA GLY E 466 -1.53 -6.40 -38.90
C GLY E 466 -2.43 -6.20 -37.68
N GLY E 467 -2.04 -6.70 -36.52
CA GLY E 467 -2.91 -6.51 -35.36
C GLY E 467 -2.84 -7.69 -34.39
N GLY E 468 -3.88 -7.85 -33.59
CA GLY E 468 -3.95 -8.93 -32.60
C GLY E 468 -3.32 -8.60 -31.26
N ASP E 469 -2.09 -8.11 -31.29
CA ASP E 469 -1.40 -7.77 -30.05
C ASP E 469 -1.81 -6.38 -29.62
N MET E 470 -2.58 -6.32 -28.57
CA MET E 470 -3.18 -5.11 -28.06
C MET E 470 -2.24 -4.05 -27.59
N ARG E 471 -1.02 -4.43 -27.30
CA ARG E 471 -0.10 -3.44 -26.81
C ARG E 471 0.28 -2.48 -27.92
N ASP E 472 0.04 -2.88 -29.18
CA ASP E 472 0.33 -2.02 -30.29
C ASP E 472 -0.69 -0.91 -30.37
N ASN E 473 -1.87 -1.10 -29.78
CA ASN E 473 -2.85 -0.05 -29.86
C ASN E 473 -2.56 0.98 -28.81
N TRP E 474 -2.21 0.52 -27.64
CA TRP E 474 -2.00 1.47 -26.56
C TRP E 474 -0.72 2.21 -26.72
N ARG E 475 0.20 1.61 -27.41
CA ARG E 475 1.45 2.24 -27.65
C ARG E 475 1.28 3.43 -28.60
N SER E 476 0.16 3.53 -29.32
CA SER E 476 -0.04 4.63 -30.25
C SER E 476 -0.50 5.88 -29.53
N GLU E 477 -0.93 5.76 -28.27
CA GLU E 477 -1.38 6.91 -27.51
C GLU E 477 -0.34 7.30 -26.47
N LEU E 478 0.38 6.31 -25.99
CA LEU E 478 1.39 6.51 -24.95
C LEU E 478 2.78 6.77 -25.47
N TYR E 479 2.93 6.87 -26.78
CA TYR E 479 4.25 7.05 -27.38
C TYR E 479 4.93 8.34 -26.99
N LYS E 480 4.16 9.32 -26.58
CA LYS E 480 4.71 10.61 -26.25
C LYS E 480 5.05 10.75 -24.79
N TYR E 481 4.84 9.72 -23.98
CA TYR E 481 5.12 9.87 -22.55
C TYR E 481 6.19 8.96 -22.01
N LYS E 482 6.94 9.47 -21.04
CA LYS E 482 7.88 8.60 -20.30
C LYS E 482 7.85 8.93 -18.82
N VAL E 483 8.11 7.94 -17.99
CA VAL E 483 8.14 8.14 -16.55
C VAL E 483 9.53 8.30 -16.00
N VAL E 484 9.74 9.35 -15.22
CA VAL E 484 11.05 9.54 -14.62
C VAL E 484 10.95 9.72 -13.12
N LYS E 485 11.99 9.29 -12.42
CA LYS E 485 12.11 9.42 -10.99
C LYS E 485 12.86 10.65 -10.68
N ILE E 486 12.36 11.43 -9.75
CA ILE E 486 13.05 12.64 -9.39
C ILE E 486 14.10 12.37 -8.34
N GLU E 487 15.29 12.90 -8.57
CA GLU E 487 16.42 12.71 -7.68
C GLU E 487 16.89 14.05 -7.14
N PRO E 488 16.25 14.59 -6.10
CA PRO E 488 16.43 15.93 -5.60
C PRO E 488 17.72 16.19 -4.86
N LEU E 489 18.46 15.16 -4.55
CA LEU E 489 19.66 15.38 -3.76
C LEU E 489 20.92 15.29 -4.61
N GLY E 490 21.82 16.25 -4.46
CA GLY E 490 23.06 16.18 -5.21
C GLY E 490 24.11 17.13 -4.68
N VAL E 491 25.33 17.03 -5.21
CA VAL E 491 26.40 17.88 -4.72
C VAL E 491 27.13 18.58 -5.83
N ALA E 492 27.82 19.67 -5.50
CA ALA E 492 28.66 20.41 -6.45
C ALA E 492 29.67 21.25 -5.66
N PRO E 493 30.86 21.57 -6.18
CA PRO E 493 31.83 22.43 -5.54
C PRO E 493 31.44 23.88 -5.49
N THR E 494 31.66 24.52 -4.35
CA THR E 494 31.45 25.96 -4.16
C THR E 494 32.58 26.47 -3.30
N ARG E 495 32.61 27.76 -3.04
CA ARG E 495 33.64 28.28 -2.12
C ARG E 495 33.22 28.36 -0.63
N CYS E 496 32.04 27.80 -0.27
CA CYS E 496 31.43 27.83 1.07
C CYS E 496 31.88 26.63 1.90
N LYS E 497 32.31 26.85 3.14
CA LYS E 497 32.73 25.73 3.99
C LYS E 497 32.35 25.84 5.45
N ARG E 498 31.81 24.75 5.99
CA ARG E 498 31.34 24.62 7.38
C ARG E 498 30.87 23.19 7.58
N SER F 1 5.63 30.86 -11.31
CA SER F 1 6.82 31.09 -12.10
C SER F 1 7.68 29.80 -12.06
N LEU F 2 7.71 29.04 -13.20
CA LEU F 2 8.45 27.75 -13.36
C LEU F 2 8.11 26.76 -12.25
N GLY F 3 6.83 26.43 -12.14
CA GLY F 3 6.27 25.64 -11.04
C GLY F 3 6.86 24.28 -10.70
N PHE F 4 7.42 23.53 -11.62
CA PHE F 4 7.96 22.26 -11.22
C PHE F 4 8.91 21.75 -12.23
N LEU F 5 10.18 21.65 -11.86
CA LEU F 5 11.24 21.26 -12.76
C LEU F 5 11.37 22.25 -13.90
N GLY F 6 10.80 23.43 -13.75
CA GLY F 6 10.85 24.43 -14.81
C GLY F 6 12.23 25.00 -14.96
N ALA F 7 13.05 24.79 -13.96
CA ALA F 7 14.40 25.26 -13.97
C ALA F 7 15.28 24.24 -14.65
N ALA F 8 14.77 23.08 -14.98
CA ALA F 8 15.64 22.13 -15.63
C ALA F 8 16.05 22.75 -16.91
N GLY F 9 17.31 22.63 -17.24
CA GLY F 9 17.83 23.21 -18.48
C GLY F 9 18.47 24.58 -18.23
N SER F 10 18.17 25.20 -17.09
CA SER F 10 18.76 26.48 -16.77
C SER F 10 20.10 26.18 -16.15
N THR F 11 20.93 27.16 -15.95
CA THR F 11 22.22 26.79 -15.41
C THR F 11 22.14 26.41 -13.96
N MET F 12 23.19 25.76 -13.45
CA MET F 12 23.16 25.32 -12.08
C MET F 12 22.94 26.40 -11.07
N GLY F 13 23.53 27.57 -11.32
CA GLY F 13 23.37 28.67 -10.39
C GLY F 13 22.02 29.38 -10.52
N ALA F 14 21.28 29.09 -11.57
CA ALA F 14 19.99 29.71 -11.77
C ALA F 14 18.95 28.90 -11.07
N ALA F 15 19.11 27.59 -11.19
CA ALA F 15 18.21 26.58 -10.68
C ALA F 15 18.29 26.47 -9.18
N SER F 16 19.31 27.09 -8.62
CA SER F 16 19.55 27.06 -7.20
C SER F 16 18.54 27.92 -6.49
N MET F 17 17.80 28.73 -7.22
CA MET F 17 16.82 29.60 -6.64
C MET F 17 15.43 28.99 -6.63
N THR F 18 15.31 27.76 -7.11
CA THR F 18 14.03 27.09 -7.21
C THR F 18 14.01 25.80 -6.41
N LEU F 19 14.80 25.70 -5.35
CA LEU F 19 14.86 24.43 -4.65
C LEU F 19 13.55 24.06 -3.95
N THR F 20 12.83 25.06 -3.44
CA THR F 20 11.60 24.80 -2.70
C THR F 20 10.51 24.34 -3.64
N VAL F 21 10.69 24.65 -4.89
CA VAL F 21 9.73 24.34 -5.90
C VAL F 21 9.63 22.84 -6.05
N GLN F 22 10.75 22.14 -6.04
CA GLN F 22 10.71 20.70 -6.17
C GLN F 22 10.48 20.05 -4.82
N ALA F 23 11.01 20.62 -3.74
CA ALA F 23 10.84 19.97 -2.45
C ALA F 23 9.36 19.82 -2.09
N ARG F 24 8.55 20.80 -2.45
CA ARG F 24 7.13 20.78 -2.13
C ARG F 24 6.34 19.78 -2.93
N ASN F 25 6.92 19.18 -3.96
CA ASN F 25 6.22 18.22 -4.78
C ASN F 25 6.58 16.79 -4.43
N LEU F 26 7.30 16.63 -3.34
CA LEU F 26 7.61 15.32 -2.86
C LEU F 26 6.49 15.06 -1.87
N LEU F 27 6.12 13.83 -1.66
CA LEU F 27 5.03 13.47 -0.75
C LEU F 27 3.60 13.96 -1.13
N SER F 28 3.39 14.58 -2.32
CA SER F 28 2.08 15.04 -2.78
C SER F 28 2.06 15.06 -4.33
N THR F 51 -10.68 -2.94 -5.24
CA THR F 51 -10.53 -4.16 -4.45
C THR F 51 -9.06 -4.58 -4.35
N HIS F 52 -8.53 -5.11 -5.44
CA HIS F 52 -7.12 -5.44 -5.58
C HIS F 52 -6.28 -4.15 -5.60
N TRP F 53 -6.85 -3.12 -6.21
CA TRP F 53 -6.25 -1.79 -6.41
C TRP F 53 -5.93 -1.10 -5.11
N GLY F 54 -6.80 -1.30 -4.14
CA GLY F 54 -6.63 -0.76 -2.82
C GLY F 54 -5.24 -1.07 -2.31
N ILE F 55 -4.57 -1.99 -2.98
CA ILE F 55 -3.19 -2.27 -2.64
C ILE F 55 -2.35 -1.54 -3.63
N LYS F 56 -2.70 -1.62 -4.90
CA LYS F 56 -1.87 -0.94 -5.89
C LYS F 56 -1.68 0.54 -5.50
N GLN F 57 -2.76 1.21 -5.12
CA GLN F 57 -2.67 2.61 -4.74
C GLN F 57 -1.91 2.79 -3.44
N LEU F 58 -2.13 1.91 -2.49
CA LEU F 58 -1.49 2.06 -1.20
C LEU F 58 0.00 1.85 -1.32
N GLN F 59 0.45 0.94 -2.17
CA GLN F 59 1.86 0.69 -2.34
C GLN F 59 2.52 1.92 -2.92
N ALA F 60 1.85 2.58 -3.86
CA ALA F 60 2.41 3.79 -4.44
C ALA F 60 2.61 4.87 -3.38
N ARG F 61 1.67 4.97 -2.44
CA ARG F 61 1.78 5.96 -1.39
C ARG F 61 2.88 5.64 -0.41
N VAL F 62 3.03 4.36 -0.07
CA VAL F 62 4.06 3.95 0.84
C VAL F 62 5.41 4.17 0.24
N LEU F 63 5.56 3.85 -1.04
CA LEU F 63 6.82 4.01 -1.68
C LEU F 63 7.25 5.45 -1.71
N ALA F 64 6.32 6.38 -1.98
CA ALA F 64 6.69 7.78 -1.99
C ALA F 64 7.25 8.19 -0.65
N VAL F 65 6.66 7.68 0.43
CA VAL F 65 7.16 7.98 1.75
C VAL F 65 8.53 7.40 1.96
N GLU F 66 8.75 6.15 1.56
CA GLU F 66 10.04 5.58 1.79
C GLU F 66 11.15 6.33 1.07
N HIS F 67 10.90 6.80 -0.15
CA HIS F 67 11.98 7.50 -0.82
C HIS F 67 12.26 8.81 -0.14
N TYR F 68 11.22 9.50 0.29
CA TYR F 68 11.41 10.76 0.96
C TYR F 68 12.28 10.57 2.18
N LEU F 69 11.96 9.57 2.98
CA LEU F 69 12.70 9.36 4.20
C LEU F 69 14.13 8.96 3.97
N ARG F 70 14.44 8.18 2.92
CA ARG F 70 15.82 7.82 2.71
C ARG F 70 16.69 9.05 2.45
N ASP F 71 16.17 10.00 1.69
CA ASP F 71 16.95 11.19 1.44
C ASP F 71 17.09 12.02 2.68
N GLN F 72 16.04 12.06 3.49
CA GLN F 72 16.15 12.85 4.70
C GLN F 72 17.13 12.23 5.64
N GLN F 73 17.22 10.89 5.68
CA GLN F 73 18.17 10.28 6.59
C GLN F 73 19.58 10.65 6.19
N LEU F 74 19.88 10.66 4.88
CA LEU F 74 21.22 11.05 4.48
C LEU F 74 21.51 12.45 4.86
N LEU F 75 20.55 13.35 4.72
CA LEU F 75 20.90 14.70 5.11
C LEU F 75 21.16 14.73 6.60
N GLY F 76 20.38 13.99 7.36
CA GLY F 76 20.56 13.98 8.80
C GLY F 76 21.95 13.55 9.22
N ILE F 77 22.42 12.43 8.70
CA ILE F 77 23.74 11.94 9.09
C ILE F 77 24.91 12.73 8.51
N TRP F 78 24.64 13.72 7.67
CA TRP F 78 25.66 14.59 7.12
C TRP F 78 25.62 15.93 7.83
N GLY F 79 24.70 16.08 8.79
CA GLY F 79 24.51 17.35 9.50
C GLY F 79 23.76 18.43 8.71
N CYS F 80 22.92 18.05 7.73
CA CYS F 80 22.20 18.93 6.83
C CYS F 80 20.69 18.78 7.00
N SER F 81 20.26 18.36 8.17
CA SER F 81 18.86 18.04 8.40
C SER F 81 17.83 19.13 8.20
N GLY F 82 18.19 20.37 8.42
CA GLY F 82 17.23 21.45 8.26
C GLY F 82 17.52 22.35 7.07
N LYS F 83 18.41 21.94 6.19
CA LYS F 83 18.82 22.85 5.13
C LYS F 83 18.51 22.44 3.71
N LEU F 84 18.40 23.43 2.83
CA LEU F 84 18.28 23.18 1.40
C LEU F 84 19.65 23.32 0.80
N ILE F 85 20.44 24.26 1.35
CA ILE F 85 21.80 24.44 0.88
C ILE F 85 22.73 24.23 2.08
N CYS F 86 23.48 23.12 2.12
CA CYS F 86 24.31 22.75 3.27
C CYS F 86 25.79 22.74 2.90
N CYS F 87 26.55 23.55 3.61
CA CYS F 87 27.96 23.65 3.37
C CYS F 87 28.63 22.62 4.26
N THR F 88 29.65 21.95 3.75
CA THR F 88 30.28 20.90 4.53
C THR F 88 31.75 21.14 4.69
N ASN F 89 32.42 20.22 5.38
CA ASN F 89 33.86 20.28 5.62
C ASN F 89 34.67 19.32 4.75
N VAL F 90 34.07 18.78 3.69
CA VAL F 90 34.80 17.90 2.80
C VAL F 90 35.28 18.69 1.59
N PRO F 91 36.59 18.76 1.31
CA PRO F 91 37.16 19.50 0.22
C PRO F 91 36.84 18.81 -1.06
N TRP F 92 36.79 19.57 -2.14
CA TRP F 92 36.56 19.02 -3.45
C TRP F 92 37.87 18.51 -4.05
N ASN F 93 37.85 17.29 -4.59
CA ASN F 93 38.96 16.63 -5.26
C ASN F 93 38.85 16.84 -6.77
N SER F 94 39.94 17.31 -7.41
CA SER F 94 40.01 17.56 -8.85
C SER F 94 39.91 16.27 -9.65
N SER F 95 40.12 15.14 -9.00
CA SER F 95 40.00 13.85 -9.63
C SER F 95 38.54 13.50 -9.87
N TRP F 96 37.61 14.14 -9.15
CA TRP F 96 36.20 13.85 -9.35
C TRP F 96 35.77 14.70 -10.52
N SER F 97 36.22 15.94 -10.49
CA SER F 97 35.95 16.88 -11.56
C SER F 97 36.89 18.04 -11.52
N ASN F 98 37.56 18.31 -12.64
CA ASN F 98 38.49 19.43 -12.69
C ASN F 98 38.03 20.47 -13.69
N ARG F 99 37.17 21.34 -13.21
CA ARG F 99 36.55 22.41 -13.99
C ARG F 99 36.62 23.66 -13.13
N ASN F 100 36.33 24.81 -13.71
CA ASN F 100 36.34 26.04 -12.97
C ASN F 100 34.93 26.35 -12.49
N LEU F 101 34.77 27.30 -11.58
CA LEU F 101 33.43 27.60 -11.08
C LEU F 101 32.51 28.15 -12.15
N SER F 102 33.03 28.92 -13.09
CA SER F 102 32.17 29.47 -14.10
C SER F 102 31.84 28.46 -15.16
N GLU F 103 32.44 27.29 -15.10
CA GLU F 103 32.10 26.31 -16.09
C GLU F 103 31.04 25.47 -15.49
N ILE F 104 31.06 25.29 -14.17
CA ILE F 104 30.03 24.52 -13.54
C ILE F 104 28.79 25.35 -13.25
N TRP F 105 28.93 26.50 -12.61
CA TRP F 105 27.75 27.24 -12.20
C TRP F 105 27.07 28.10 -13.25
N ASP F 106 27.81 28.62 -14.23
CA ASP F 106 27.22 29.49 -15.25
C ASP F 106 27.00 28.83 -16.60
N ASN F 107 27.83 27.87 -16.97
CA ASN F 107 27.72 27.25 -18.30
C ASN F 107 27.26 25.80 -18.34
N MET F 108 26.65 25.30 -17.28
CA MET F 108 26.21 23.90 -17.24
C MET F 108 24.89 23.79 -16.50
N THR F 109 24.07 22.79 -16.81
CA THR F 109 22.83 22.56 -16.02
C THR F 109 22.99 21.41 -15.05
N TRP F 110 21.97 21.16 -14.23
CA TRP F 110 22.10 20.10 -13.21
C TRP F 110 22.03 18.71 -13.77
N LEU F 111 21.34 18.51 -14.88
CA LEU F 111 21.25 17.20 -15.48
C LEU F 111 22.62 16.79 -16.00
N GLN F 112 23.33 17.76 -16.55
CA GLN F 112 24.65 17.53 -17.11
C GLN F 112 25.65 17.29 -16.01
N TRP F 113 25.53 18.05 -14.93
CA TRP F 113 26.43 17.88 -13.82
C TRP F 113 26.23 16.51 -13.20
N ASP F 114 24.98 16.11 -13.03
CA ASP F 114 24.74 14.83 -12.43
C ASP F 114 25.39 13.73 -13.24
N LYS F 115 25.33 13.81 -14.57
CA LYS F 115 26.00 12.78 -15.34
C LYS F 115 27.52 12.88 -15.18
N GLU F 116 28.05 14.09 -15.18
CA GLU F 116 29.48 14.35 -15.13
C GLU F 116 30.15 13.71 -13.94
N ILE F 117 29.50 13.71 -12.79
CA ILE F 117 30.11 13.10 -11.61
C ILE F 117 29.35 11.91 -11.07
N SER F 118 28.55 11.24 -11.88
CA SER F 118 27.78 10.11 -11.33
C SER F 118 28.62 8.95 -10.77
N ASN F 119 29.89 8.82 -11.21
CA ASN F 119 30.84 7.79 -10.79
C ASN F 119 31.39 8.00 -9.36
N TYR F 120 31.34 9.23 -8.82
CA TYR F 120 31.98 9.60 -7.56
C TYR F 120 31.01 9.89 -6.44
N THR F 121 29.73 9.66 -6.66
CA THR F 121 28.78 10.04 -5.63
C THR F 121 28.90 9.20 -4.40
N GLN F 122 29.30 7.95 -4.56
CA GLN F 122 29.43 7.10 -3.40
C GLN F 122 30.62 7.49 -2.57
N ILE F 123 31.66 8.00 -3.22
CA ILE F 123 32.86 8.40 -2.52
C ILE F 123 32.55 9.62 -1.71
N ILE F 124 31.88 10.56 -2.33
CA ILE F 124 31.56 11.79 -1.68
C ILE F 124 30.65 11.53 -0.52
N TYR F 125 29.64 10.68 -0.69
CA TYR F 125 28.74 10.42 0.41
C TYR F 125 29.49 9.80 1.56
N GLY F 126 30.41 8.88 1.29
CA GLY F 126 31.14 8.28 2.39
C GLY F 126 31.94 9.32 3.15
N LEU F 127 32.56 10.25 2.44
CA LEU F 127 33.34 11.29 3.09
C LEU F 127 32.47 12.20 3.92
N LEU F 128 31.28 12.51 3.44
CA LEU F 128 30.39 13.37 4.20
C LEU F 128 29.95 12.70 5.49
N GLU F 129 29.70 11.39 5.44
CA GLU F 129 29.28 10.70 6.65
C GLU F 129 30.41 10.70 7.66
N GLU F 130 31.64 10.52 7.19
CA GLU F 130 32.74 10.50 8.12
C GLU F 130 33.03 11.87 8.72
N SER F 131 32.96 12.94 7.94
CA SER F 131 33.29 14.21 8.53
C SER F 131 32.27 14.61 9.56
N GLN F 132 31.01 14.19 9.39
CA GLN F 132 30.03 14.52 10.39
C GLN F 132 30.31 13.77 11.66
N ASN F 133 30.77 12.53 11.58
CA ASN F 133 31.06 11.82 12.80
C ASN F 133 32.22 12.44 13.53
N GLN F 134 33.21 12.95 12.80
CA GLN F 134 34.33 13.55 13.48
C GLN F 134 33.88 14.79 14.18
N GLN F 135 32.97 15.52 13.54
CA GLN F 135 32.48 16.73 14.13
C GLN F 135 31.65 16.49 15.37
N GLU F 136 30.76 15.49 15.35
CA GLU F 136 29.96 15.31 16.54
C GLU F 136 30.79 14.89 17.70
N LYS F 137 31.81 14.07 17.48
CA LYS F 137 32.62 13.70 18.62
C LYS F 137 33.36 14.93 19.15
N ASN F 138 33.85 15.81 18.29
CA ASN F 138 34.55 16.96 18.81
C ASN F 138 33.62 17.88 19.58
N GLU F 139 32.37 18.00 19.15
CA GLU F 139 31.46 18.86 19.87
C GLU F 139 31.21 18.30 21.26
N GLN F 140 31.07 16.98 21.35
CA GLN F 140 30.83 16.35 22.64
C GLN F 140 31.99 16.57 23.57
N ASP F 141 33.20 16.52 23.07
CA ASP F 141 34.31 16.73 23.97
C ASP F 141 34.41 18.18 24.44
N LEU F 142 34.15 19.14 23.57
CA LEU F 142 34.28 20.54 23.99
C LEU F 142 33.24 20.92 25.00
N LEU F 143 32.06 20.34 24.90
CA LEU F 143 30.99 20.67 25.82
C LEU F 143 31.18 20.04 27.18
N ALA F 144 32.21 19.21 27.33
CA ALA F 144 32.51 18.60 28.59
C ALA F 144 33.56 19.43 29.34
N LEU F 145 34.05 20.51 28.71
CA LEU F 145 35.07 21.32 29.34
C LEU F 145 34.47 22.63 29.87
N ASP F 146 34.48 22.82 31.21
CA ASP F 146 33.91 23.96 31.94
C ASP F 146 34.18 23.74 33.43
N ASN G 30 6.63 45.93 14.16
CA ASN G 30 6.53 45.77 15.61
C ASN G 30 6.36 44.28 16.00
N LEU G 31 5.38 43.60 15.37
CA LEU G 31 5.05 42.20 15.63
C LEU G 31 5.51 41.36 14.49
N TRP G 32 5.85 40.12 14.80
CA TRP G 32 6.39 39.14 13.89
C TRP G 32 5.61 37.85 13.91
N VAL G 33 5.66 37.12 12.80
CA VAL G 33 4.99 35.86 12.74
C VAL G 33 5.75 34.82 13.52
N THR G 34 5.07 34.09 14.38
CA THR G 34 5.67 32.98 15.09
C THR G 34 4.88 31.73 14.84
N VAL G 35 5.60 30.69 14.51
CA VAL G 35 5.02 29.42 14.19
C VAL G 35 4.98 28.51 15.40
N TYR G 36 3.82 27.91 15.64
CA TYR G 36 3.69 26.99 16.76
C TYR G 36 3.22 25.63 16.30
N TYR G 37 3.80 24.59 16.88
CA TYR G 37 3.40 23.24 16.56
C TYR G 37 2.97 22.49 17.81
N GLY G 38 1.79 21.90 17.75
CA GLY G 38 1.20 21.21 18.89
C GLY G 38 0.02 22.00 19.41
N VAL G 39 -0.51 22.86 18.57
CA VAL G 39 -1.64 23.71 18.88
C VAL G 39 -2.93 22.90 18.99
N PRO G 40 -3.71 23.01 20.07
CA PRO G 40 -4.92 22.23 20.31
C PRO G 40 -6.15 22.68 19.54
N VAL G 41 -6.09 22.54 18.23
CA VAL G 41 -7.23 22.88 17.38
C VAL G 41 -7.59 21.75 16.45
N TRP G 42 -8.80 21.80 15.92
CA TRP G 42 -9.29 20.78 15.04
C TRP G 42 -10.32 21.25 14.05
N LYS G 43 -10.60 20.38 13.10
CA LYS G 43 -11.52 20.70 12.06
C LYS G 43 -12.47 19.55 11.88
N ASP G 44 -13.69 19.78 11.41
CA ASP G 44 -14.58 18.66 11.13
C ASP G 44 -13.93 17.85 10.04
N ALA G 45 -13.91 16.54 10.14
CA ALA G 45 -13.27 15.77 9.09
C ALA G 45 -13.80 14.38 8.97
N GLU G 46 -13.62 13.78 7.81
CA GLU G 46 -14.04 12.41 7.66
C GLU G 46 -12.87 11.52 7.37
N THR G 47 -12.71 10.50 8.19
CA THR G 47 -11.66 9.55 8.00
C THR G 47 -12.22 8.19 8.20
N THR G 48 -11.41 7.19 7.99
CA THR G 48 -11.82 5.80 8.18
C THR G 48 -11.52 5.38 9.59
N LEU G 49 -12.52 4.84 10.26
CA LEU G 49 -12.34 4.37 11.62
C LEU G 49 -12.08 2.88 11.63
N PHE G 50 -11.45 2.39 12.67
CA PHE G 50 -11.20 0.96 12.80
C PHE G 50 -11.90 0.47 14.05
N CYS G 51 -12.15 -0.86 14.18
CA CYS G 51 -12.83 -1.44 15.33
C CYS G 51 -11.87 -2.05 16.35
N ALA G 52 -12.37 -2.05 17.57
CA ALA G 52 -11.79 -2.68 18.72
C ALA G 52 -12.93 -3.48 19.38
N SER G 53 -12.63 -4.60 20.05
CA SER G 53 -13.76 -5.44 20.51
C SER G 53 -13.90 -6.05 21.92
N ASP G 54 -13.00 -5.79 22.89
CA ASP G 54 -13.10 -6.38 24.25
C ASP G 54 -12.76 -5.35 25.33
N HIS G 63 -16.29 -17.29 15.15
CA HIS G 63 -17.34 -17.78 16.02
C HIS G 63 -18.35 -16.72 16.35
N ASN G 64 -18.18 -15.51 15.84
CA ASN G 64 -19.21 -14.51 16.02
C ASN G 64 -19.41 -13.84 14.70
N VAL G 65 -20.67 -13.76 14.30
CA VAL G 65 -21.04 -13.18 13.03
C VAL G 65 -20.46 -11.81 12.86
N TRP G 66 -19.93 -11.24 13.93
CA TRP G 66 -19.30 -9.93 13.78
C TRP G 66 -17.79 -10.02 13.64
N ALA G 67 -17.24 -11.24 13.63
CA ALA G 67 -15.81 -11.45 13.41
C ALA G 67 -14.97 -10.56 14.28
N THR G 68 -15.24 -10.55 15.56
CA THR G 68 -14.60 -9.68 16.51
C THR G 68 -13.14 -10.04 16.73
N HIS G 69 -12.73 -11.21 16.28
CA HIS G 69 -11.36 -11.64 16.38
C HIS G 69 -10.49 -10.82 15.45
N CYS G 70 -11.11 -10.18 14.47
CA CYS G 70 -10.42 -9.32 13.51
C CYS G 70 -10.20 -7.87 14.02
N CYS G 71 -10.76 -7.50 15.21
CA CYS G 71 -10.72 -6.19 15.81
C CYS G 71 -9.58 -6.10 16.83
N VAL G 72 -9.20 -4.88 17.08
CA VAL G 72 -8.17 -4.52 18.03
C VAL G 72 -8.59 -4.71 19.51
N PRO G 73 -7.78 -5.32 20.38
CA PRO G 73 -8.04 -5.44 21.81
C PRO G 73 -8.21 -4.03 22.39
N THR G 74 -9.02 -3.86 23.40
CA THR G 74 -9.22 -2.52 23.94
C THR G 74 -8.29 -2.13 25.07
N ASP G 75 -8.31 -0.84 25.36
CA ASP G 75 -7.59 -0.23 26.46
C ASP G 75 -8.37 -0.47 27.75
N PRO G 76 -7.84 -1.21 28.74
CA PRO G 76 -8.51 -1.51 29.99
C PRO G 76 -8.75 -0.27 30.85
N ASN G 77 -8.01 0.81 30.56
CA ASN G 77 -8.14 2.05 31.32
C ASN G 77 -8.22 3.22 30.36
N PRO G 78 -9.30 3.35 29.58
CA PRO G 78 -9.44 4.30 28.51
C PRO G 78 -9.48 5.68 29.07
N GLN G 79 -8.97 6.63 28.33
CA GLN G 79 -9.00 7.98 28.79
C GLN G 79 -10.15 8.75 28.21
N GLU G 80 -10.62 9.71 28.97
CA GLU G 80 -11.61 10.65 28.53
C GLU G 80 -11.21 11.98 29.07
N ILE G 81 -11.01 12.95 28.19
CA ILE G 81 -10.54 14.23 28.66
C ILE G 81 -11.61 15.27 28.59
N HIS G 82 -12.02 15.78 29.71
CA HIS G 82 -13.08 16.76 29.71
C HIS G 82 -12.55 18.06 29.15
N LEU G 83 -13.28 18.72 28.25
CA LEU G 83 -12.76 19.98 27.74
C LEU G 83 -13.50 21.15 28.37
N GLU G 84 -12.86 21.87 29.27
CA GLU G 84 -13.59 22.96 29.90
C GLU G 84 -13.64 24.12 28.91
N ASN G 85 -14.75 24.89 28.91
CA ASN G 85 -14.99 26.09 28.08
C ASN G 85 -14.91 25.84 26.57
N VAL G 86 -15.37 24.66 26.08
CA VAL G 86 -15.40 24.31 24.66
C VAL G 86 -16.81 23.96 24.25
N THR G 87 -17.33 24.67 23.26
CA THR G 87 -18.67 24.38 22.78
C THR G 87 -18.56 23.97 21.34
N GLU G 88 -19.13 22.84 21.03
CA GLU G 88 -19.05 22.31 19.67
C GLU G 88 -20.38 22.12 19.02
N GLU G 89 -20.40 22.19 17.71
CA GLU G 89 -21.61 21.92 16.97
C GLU G 89 -21.68 20.46 16.54
N PHE G 90 -22.77 19.79 16.92
CA PHE G 90 -22.97 18.40 16.57
C PHE G 90 -24.14 18.27 15.65
N ASN G 91 -24.11 17.29 14.75
CA ASN G 91 -25.25 17.04 13.90
C ASN G 91 -25.34 15.57 13.60
N MET G 92 -26.21 14.88 14.33
CA MET G 92 -26.35 13.45 14.26
C MET G 92 -26.90 12.95 12.93
N TRP G 93 -27.47 13.85 12.15
CA TRP G 93 -28.08 13.46 10.91
C TRP G 93 -27.12 13.53 9.76
N LYS G 94 -25.93 14.08 10.00
CA LYS G 94 -24.93 14.27 8.96
C LYS G 94 -23.64 13.60 9.38
N ASN G 95 -23.76 12.72 10.35
CA ASN G 95 -22.66 12.03 10.97
C ASN G 95 -22.23 10.80 10.17
N ASN G 96 -21.04 10.84 9.59
CA ASN G 96 -20.60 9.77 8.70
C ASN G 96 -20.18 8.51 9.43
N MET G 97 -20.20 8.55 10.75
CA MET G 97 -19.87 7.37 11.52
C MET G 97 -20.98 6.38 11.34
N VAL G 98 -22.18 6.88 11.03
CA VAL G 98 -23.34 6.04 10.88
C VAL G 98 -23.17 5.25 9.61
N GLU G 99 -22.72 5.92 8.56
CA GLU G 99 -22.52 5.25 7.30
C GLU G 99 -21.41 4.23 7.39
N GLN G 100 -20.33 4.53 8.13
CA GLN G 100 -19.31 3.51 8.22
C GLN G 100 -19.79 2.32 9.02
N MET G 101 -20.56 2.54 10.09
CA MET G 101 -21.01 1.40 10.82
C MET G 101 -21.88 0.55 9.92
N HIS G 102 -22.75 1.18 9.15
CA HIS G 102 -23.64 0.43 8.28
C HIS G 102 -22.85 -0.44 7.33
N GLU G 103 -21.84 0.14 6.69
CA GLU G 103 -21.07 -0.67 5.77
C GLU G 103 -20.30 -1.78 6.46
N ASP G 104 -19.73 -1.53 7.64
CA ASP G 104 -18.98 -2.60 8.27
C ASP G 104 -19.88 -3.71 8.72
N ILE G 105 -21.07 -3.39 9.20
CA ILE G 105 -21.98 -4.42 9.65
C ILE G 105 -22.39 -5.30 8.50
N ILE G 106 -22.70 -4.71 7.37
CA ILE G 106 -23.07 -5.53 6.25
C ILE G 106 -21.91 -6.37 5.79
N SER G 107 -20.72 -5.82 5.68
CA SER G 107 -19.60 -6.60 5.21
C SER G 107 -19.27 -7.75 6.13
N LEU G 108 -19.34 -7.54 7.45
CA LEU G 108 -19.03 -8.60 8.38
C LEU G 108 -20.05 -9.70 8.24
N TRP G 109 -21.31 -9.30 8.07
CA TRP G 109 -22.38 -10.23 7.93
C TRP G 109 -22.13 -11.11 6.72
N ASP G 110 -21.84 -10.50 5.58
CA ASP G 110 -21.63 -11.31 4.39
C ASP G 110 -20.42 -12.20 4.49
N GLN G 111 -19.36 -11.74 5.13
CA GLN G 111 -18.18 -12.58 5.23
C GLN G 111 -18.46 -13.83 6.02
N SER G 112 -19.31 -13.73 7.04
CA SER G 112 -19.58 -14.88 7.88
C SER G 112 -20.29 -15.99 7.15
N LEU G 113 -20.89 -15.69 6.00
CA LEU G 113 -21.60 -16.71 5.25
C LEU G 113 -20.76 -17.31 4.14
N LYS G 114 -19.57 -16.77 3.91
CA LYS G 114 -18.81 -17.24 2.78
C LYS G 114 -18.44 -18.71 2.85
N PRO G 115 -18.02 -19.27 3.99
CA PRO G 115 -17.68 -20.67 4.11
C PRO G 115 -18.82 -21.63 4.45
N CYS G 116 -20.10 -21.17 4.44
CA CYS G 116 -21.23 -21.97 4.92
C CYS G 116 -21.87 -22.73 3.77
N VAL G 117 -22.58 -23.80 4.11
CA VAL G 117 -23.21 -24.66 3.12
C VAL G 117 -24.29 -23.95 2.33
N LYS G 118 -24.22 -24.07 1.01
CA LYS G 118 -25.22 -23.46 0.14
C LYS G 118 -26.37 -24.41 0.04
N LEU G 119 -27.57 -23.90 -0.14
CA LEU G 119 -28.73 -24.77 -0.22
C LEU G 119 -29.33 -24.87 -1.59
N THR G 120 -28.56 -24.67 -2.63
CA THR G 120 -29.08 -24.81 -3.97
C THR G 120 -29.88 -26.10 -4.18
N PRO G 121 -29.43 -27.29 -3.72
CA PRO G 121 -30.12 -28.56 -3.87
C PRO G 121 -31.50 -28.60 -3.25
N LEU G 122 -31.82 -27.66 -2.39
CA LEU G 122 -33.11 -27.58 -1.71
C LEU G 122 -34.22 -26.93 -2.54
N CYS G 123 -33.90 -26.15 -3.61
CA CYS G 123 -34.92 -25.47 -4.39
C CYS G 123 -35.51 -26.46 -5.40
N VAL G 124 -36.45 -27.24 -4.87
CA VAL G 124 -37.16 -28.31 -5.56
C VAL G 124 -38.63 -28.16 -5.32
N THR G 125 -39.44 -28.84 -6.12
CA THR G 125 -40.86 -28.85 -5.82
C THR G 125 -41.08 -29.63 -4.54
N LEU G 126 -41.87 -29.05 -3.63
CA LEU G 126 -42.24 -29.66 -2.37
C LEU G 126 -43.67 -30.17 -2.44
N GLN G 127 -43.96 -31.28 -1.77
CA GLN G 127 -45.31 -31.79 -1.64
C GLN G 127 -45.76 -31.53 -0.20
N CYS G 128 -46.71 -30.60 0.05
CA CYS G 128 -47.02 -30.16 1.42
C CYS G 128 -48.47 -30.40 1.82
N THR G 129 -48.61 -30.78 3.08
CA THR G 129 -49.89 -30.91 3.77
C THR G 129 -49.81 -30.05 5.03
N ASN G 130 -50.94 -29.85 5.74
CA ASN G 130 -51.01 -29.05 6.96
C ASN G 130 -50.56 -29.85 8.19
N VAL G 131 -49.97 -29.15 9.20
CA VAL G 131 -49.68 -29.74 10.50
C VAL G 131 -50.90 -29.49 11.35
N THR G 132 -51.64 -30.54 11.63
CA THR G 132 -52.90 -30.43 12.34
C THR G 132 -52.90 -31.21 13.64
N ASN G 133 -51.77 -31.78 14.00
CA ASN G 133 -51.74 -32.70 15.14
C ASN G 133 -52.06 -32.14 16.56
N ASN G 134 -51.59 -30.92 16.90
CA ASN G 134 -51.81 -30.29 18.21
C ASN G 134 -52.02 -28.77 18.06
N ILE G 135 -53.04 -28.35 17.32
CA ILE G 135 -53.31 -26.95 17.00
C ILE G 135 -54.35 -26.37 17.95
N THR G 136 -54.02 -25.21 18.51
CA THR G 136 -54.79 -24.47 19.53
C THR G 136 -55.63 -23.37 18.90
N ASP G 137 -55.77 -23.46 17.61
CA ASP G 137 -56.48 -22.56 16.69
C ASP G 137 -55.82 -21.23 16.46
N ASP G 138 -54.64 -21.05 17.01
CA ASP G 138 -53.84 -19.85 16.80
C ASP G 138 -52.92 -20.09 15.63
N MET G 139 -52.55 -21.36 15.49
CA MET G 139 -51.59 -21.87 14.54
C MET G 139 -52.19 -22.59 13.34
N ARG G 140 -53.47 -22.41 13.06
CA ARG G 140 -54.02 -23.12 11.91
C ARG G 140 -53.40 -22.59 10.66
N GLY G 141 -52.79 -23.48 9.90
CA GLY G 141 -52.16 -23.10 8.65
C GLY G 141 -50.78 -22.48 8.83
N GLU G 142 -50.28 -22.40 10.05
CA GLU G 142 -48.98 -21.77 10.25
C GLU G 142 -47.82 -22.70 9.98
N LEU G 143 -48.03 -23.99 10.15
CA LEU G 143 -46.95 -24.93 9.90
C LEU G 143 -47.39 -25.88 8.85
N LYS G 144 -46.48 -26.16 7.93
CA LYS G 144 -46.77 -27.10 6.87
C LYS G 144 -45.72 -28.20 6.89
N ASN G 145 -46.18 -29.43 6.61
CA ASN G 145 -45.40 -30.67 6.56
C ASN G 145 -45.07 -31.01 5.10
N CYS G 146 -43.81 -30.74 4.68
CA CYS G 146 -43.39 -30.84 3.28
C CYS G 146 -42.38 -31.95 3.04
N SER G 147 -42.62 -32.73 1.99
CA SER G 147 -41.69 -33.77 1.59
C SER G 147 -41.08 -33.45 0.24
N PHE G 148 -39.85 -33.88 0.07
CA PHE G 148 -39.11 -33.64 -1.15
C PHE G 148 -37.97 -34.63 -1.40
N ASN G 149 -37.46 -34.62 -2.63
CA ASN G 149 -36.31 -35.43 -2.98
C ASN G 149 -35.10 -34.52 -2.97
N MET G 150 -34.21 -34.88 -2.08
CA MET G 150 -32.95 -34.18 -1.81
C MET G 150 -31.77 -34.99 -2.35
N THR G 151 -30.68 -34.31 -2.68
CA THR G 151 -29.47 -34.95 -3.15
C THR G 151 -28.75 -35.56 -1.99
N THR G 152 -27.75 -36.39 -2.26
CA THR G 152 -27.01 -36.98 -1.16
C THR G 152 -25.53 -36.99 -1.45
N GLU G 153 -24.77 -37.73 -0.66
CA GLU G 153 -23.31 -37.71 -0.77
C GLU G 153 -22.84 -38.16 -2.14
N LEU G 154 -23.50 -39.16 -2.69
CA LEU G 154 -23.12 -39.65 -4.01
C LEU G 154 -24.06 -38.96 -4.98
N ARG G 155 -23.55 -38.55 -6.13
CA ARG G 155 -24.42 -37.82 -7.05
C ARG G 155 -25.40 -38.66 -7.84
N ASP G 156 -25.27 -39.97 -7.74
CA ASP G 156 -26.15 -40.86 -8.43
C ASP G 156 -27.25 -41.44 -7.53
N LYS G 157 -27.38 -40.88 -6.32
CA LYS G 157 -28.39 -41.30 -5.36
C LYS G 157 -29.27 -40.13 -4.92
N LYS G 158 -30.49 -40.46 -4.48
CA LYS G 158 -31.42 -39.48 -3.93
C LYS G 158 -31.99 -39.97 -2.62
N GLN G 159 -32.45 -39.04 -1.79
CA GLN G 159 -33.09 -39.43 -0.54
C GLN G 159 -34.38 -38.66 -0.35
N LYS G 160 -35.36 -39.29 0.28
CA LYS G 160 -36.61 -38.62 0.55
C LYS G 160 -36.58 -38.08 1.97
N VAL G 161 -36.85 -36.81 2.08
CA VAL G 161 -36.78 -36.06 3.31
C VAL G 161 -38.05 -35.29 3.56
N TYR G 162 -38.46 -35.19 4.80
CA TYR G 162 -39.58 -34.32 5.06
C TYR G 162 -39.20 -33.41 6.19
N SER G 163 -39.79 -32.24 6.21
CA SER G 163 -39.51 -31.28 7.23
C SER G 163 -40.64 -30.31 7.45
N LEU G 164 -40.58 -29.57 8.55
CA LEU G 164 -41.62 -28.59 8.77
C LEU G 164 -41.18 -27.19 8.40
N PHE G 165 -42.07 -26.45 7.78
CA PHE G 165 -41.83 -25.07 7.40
C PHE G 165 -42.88 -24.14 7.99
N TYR G 166 -42.55 -22.87 8.11
CA TYR G 166 -43.43 -21.89 8.74
C TYR G 166 -44.35 -21.08 7.86
N ARG G 167 -44.65 -21.54 6.66
CA ARG G 167 -45.57 -20.87 5.74
C ARG G 167 -45.03 -19.61 5.09
N LEU G 168 -44.50 -18.70 5.86
CA LEU G 168 -44.00 -17.46 5.32
C LEU G 168 -42.84 -17.70 4.36
N ASP G 169 -42.19 -18.84 4.50
CA ASP G 169 -41.05 -19.25 3.69
C ASP G 169 -41.42 -20.06 2.46
N VAL G 170 -42.69 -20.42 2.31
CA VAL G 170 -43.13 -21.30 1.24
C VAL G 170 -44.27 -20.72 0.42
N VAL G 171 -44.17 -20.78 -0.89
CA VAL G 171 -45.25 -20.27 -1.71
C VAL G 171 -45.80 -21.33 -2.62
N GLN G 172 -47.05 -21.21 -2.94
CA GLN G 172 -47.71 -22.18 -3.79
C GLN G 172 -47.36 -22.00 -5.24
N ILE G 173 -47.19 -23.12 -5.94
CA ILE G 173 -46.89 -23.09 -7.36
C ILE G 173 -48.11 -22.99 -8.27
N ASN G 174 -49.15 -23.84 -8.06
CA ASN G 174 -50.36 -23.89 -8.88
C ASN G 174 -51.52 -23.19 -8.14
N LYS G 186 -51.28 -29.16 -4.12
CA LYS G 186 -50.38 -29.34 -2.97
C LYS G 186 -48.87 -29.09 -3.31
N GLU G 187 -48.57 -28.49 -4.49
CA GLU G 187 -47.19 -28.20 -4.94
C GLU G 187 -46.78 -26.82 -4.51
N TYR G 188 -45.69 -26.79 -3.78
CA TYR G 188 -45.08 -25.60 -3.19
C TYR G 188 -43.59 -25.52 -3.45
N ARG G 189 -43.05 -24.33 -3.35
CA ARG G 189 -41.62 -24.14 -3.47
C ARG G 189 -41.15 -23.16 -2.43
N LEU G 190 -39.86 -23.11 -2.17
CA LEU G 190 -39.43 -22.11 -1.24
C LEU G 190 -39.58 -20.76 -1.88
N ILE G 191 -39.92 -19.78 -1.08
CA ILE G 191 -40.20 -18.44 -1.55
C ILE G 191 -39.10 -17.74 -2.31
N ASN G 192 -37.85 -18.04 -2.04
CA ASN G 192 -36.77 -17.41 -2.74
C ASN G 192 -36.39 -17.96 -4.12
N CYS G 193 -37.01 -19.07 -4.60
CA CYS G 193 -36.59 -19.76 -5.83
C CYS G 193 -36.67 -18.91 -7.10
N ASN G 194 -37.54 -17.92 -7.15
CA ASN G 194 -37.57 -17.11 -8.36
C ASN G 194 -36.78 -15.78 -8.24
N THR G 195 -36.09 -15.52 -7.09
CA THR G 195 -35.34 -14.28 -6.83
C THR G 195 -33.88 -14.49 -6.47
N SER G 196 -33.59 -15.41 -5.57
CA SER G 196 -32.25 -15.48 -5.02
C SER G 196 -31.75 -16.83 -4.56
N ALA G 197 -30.44 -16.93 -4.44
CA ALA G 197 -29.82 -18.11 -3.88
C ALA G 197 -29.79 -18.02 -2.37
N ILE G 198 -29.86 -19.18 -1.72
CA ILE G 198 -29.76 -19.28 -0.28
C ILE G 198 -28.52 -19.91 0.25
N THR G 199 -27.92 -19.26 1.24
CA THR G 199 -26.78 -19.80 1.96
C THR G 199 -27.25 -20.11 3.37
N GLN G 200 -26.97 -21.31 3.87
CA GLN G 200 -27.35 -21.67 5.23
C GLN G 200 -26.40 -21.04 6.17
N ALA G 201 -26.89 -20.43 7.22
CA ALA G 201 -25.98 -19.88 8.19
C ALA G 201 -25.29 -21.03 8.89
N CYS G 202 -23.99 -20.88 9.25
CA CYS G 202 -23.22 -21.89 9.98
C CYS G 202 -23.80 -22.02 11.40
N PRO G 203 -24.18 -23.23 11.84
CA PRO G 203 -24.82 -23.50 13.12
C PRO G 203 -23.94 -23.24 14.32
N LYS G 204 -22.65 -23.15 14.06
CA LYS G 204 -21.66 -22.92 15.10
C LYS G 204 -21.35 -21.43 15.31
N VAL G 205 -21.91 -20.56 14.49
CA VAL G 205 -21.60 -19.14 14.59
C VAL G 205 -22.75 -18.37 15.18
N SER G 206 -22.50 -17.75 16.32
CA SER G 206 -23.53 -17.00 17.01
C SER G 206 -23.89 -15.69 16.34
N PHE G 207 -25.16 -15.29 16.46
CA PHE G 207 -25.59 -14.00 15.95
C PHE G 207 -25.72 -12.97 17.06
N GLU G 208 -25.37 -13.37 18.27
CA GLU G 208 -25.49 -12.51 19.42
C GLU G 208 -24.61 -11.27 19.25
N PRO G 209 -25.10 -10.06 19.46
CA PRO G 209 -24.32 -8.87 19.34
C PRO G 209 -23.26 -8.80 20.42
N ILE G 210 -22.10 -8.32 20.03
CA ILE G 210 -20.96 -8.08 20.90
C ILE G 210 -20.64 -6.62 20.73
N PRO G 211 -20.47 -5.82 21.79
CA PRO G 211 -20.17 -4.42 21.67
C PRO G 211 -18.93 -4.18 20.83
N ILE G 212 -19.02 -3.22 19.93
CA ILE G 212 -17.93 -2.84 19.05
C ILE G 212 -17.56 -1.41 19.32
N HIS G 213 -16.29 -1.15 19.49
CA HIS G 213 -15.82 0.20 19.77
C HIS G 213 -15.24 0.78 18.50
N TYR G 214 -15.64 1.97 18.10
CA TYR G 214 -15.04 2.57 16.91
C TYR G 214 -13.96 3.54 17.34
N CYS G 215 -12.75 3.38 16.77
CA CYS G 215 -11.55 4.11 17.15
C CYS G 215 -10.99 4.94 16.00
N ALA G 216 -10.58 6.15 16.34
CA ALA G 216 -9.98 7.03 15.36
C ALA G 216 -8.49 6.72 15.25
N PRO G 217 -7.89 6.90 14.07
CA PRO G 217 -6.47 6.77 13.82
C PRO G 217 -5.71 7.92 14.41
N ALA G 218 -4.42 7.75 14.58
CA ALA G 218 -3.64 8.84 15.11
C ALA G 218 -3.77 10.04 14.22
N GLY G 219 -3.88 11.21 14.82
CA GLY G 219 -4.02 12.45 14.07
C GLY G 219 -5.47 12.92 14.05
N PHE G 220 -6.35 12.04 14.49
CA PHE G 220 -7.79 12.25 14.59
C PHE G 220 -8.29 11.98 16.00
N ALA G 221 -9.43 12.55 16.34
CA ALA G 221 -10.00 12.32 17.66
C ALA G 221 -11.50 12.33 17.60
N ILE G 222 -12.14 11.69 18.57
CA ILE G 222 -13.58 11.68 18.61
C ILE G 222 -14.07 12.56 19.74
N LEU G 223 -14.93 13.50 19.42
CA LEU G 223 -15.42 14.34 20.48
C LEU G 223 -16.77 13.80 20.88
N LYS G 224 -17.02 13.76 22.17
CA LYS G 224 -18.26 13.25 22.73
C LYS G 224 -19.05 14.38 23.39
N CYS G 225 -20.39 14.39 23.20
CA CYS G 225 -21.32 15.34 23.81
C CYS G 225 -21.86 14.78 25.13
N LYS G 226 -21.62 15.50 26.22
CA LYS G 226 -21.99 15.09 27.56
C LYS G 226 -23.24 15.77 28.12
N ASP G 227 -23.87 16.59 27.32
CA ASP G 227 -25.04 17.29 27.80
C ASP G 227 -26.26 16.45 27.84
N LYS G 228 -27.07 16.71 28.84
CA LYS G 228 -28.32 16.03 28.96
C LYS G 228 -29.29 16.85 28.20
N LYS G 229 -30.35 16.23 27.76
CA LYS G 229 -31.36 16.88 26.98
C LYS G 229 -30.76 17.41 25.69
N PHE G 230 -29.83 16.66 25.12
CA PHE G 230 -29.22 17.06 23.87
C PHE G 230 -30.05 16.41 22.76
N ASN G 231 -30.58 17.24 21.83
CA ASN G 231 -31.50 16.84 20.78
C ASN G 231 -30.85 16.38 19.45
N GLY G 232 -29.50 16.32 19.39
CA GLY G 232 -28.73 15.85 18.24
C GLY G 232 -28.26 16.90 17.23
N THR G 233 -28.80 18.12 17.24
CA THR G 233 -28.34 19.08 16.22
C THR G 233 -27.82 20.41 16.71
N GLY G 234 -28.00 20.73 17.96
CA GLY G 234 -27.57 22.03 18.40
C GLY G 234 -26.13 22.02 18.88
N PRO G 235 -25.65 23.14 19.41
CA PRO G 235 -24.38 23.30 20.03
C PRO G 235 -24.47 22.43 21.26
N CYS G 236 -23.33 21.89 21.71
CA CYS G 236 -23.18 21.07 22.90
C CYS G 236 -22.15 21.76 23.80
N PRO G 237 -22.62 22.47 24.85
CA PRO G 237 -21.83 23.18 25.86
C PRO G 237 -20.85 22.35 26.67
N SER G 238 -21.06 21.04 26.78
CA SER G 238 -20.13 20.24 27.56
C SER G 238 -19.67 19.03 26.77
N VAL G 239 -18.39 19.03 26.41
CA VAL G 239 -17.83 17.97 25.60
C VAL G 239 -16.56 17.40 26.20
N SER G 240 -16.18 16.23 25.71
CA SER G 240 -14.94 15.59 26.11
C SER G 240 -14.31 14.85 24.95
N THR G 241 -13.01 14.58 25.04
CA THR G 241 -12.34 13.85 23.97
C THR G 241 -11.99 12.44 24.33
N VAL G 242 -12.31 11.54 23.42
CA VAL G 242 -11.99 10.14 23.58
C VAL G 242 -11.31 9.67 22.31
N GLN G 243 -10.60 8.56 22.38
CA GLN G 243 -10.02 8.02 21.15
C GLN G 243 -10.93 6.97 20.47
N CYS G 244 -11.73 6.22 21.29
CA CYS G 244 -12.65 5.17 20.91
C CYS G 244 -14.00 5.46 21.53
N THR G 245 -15.06 5.05 20.86
CA THR G 245 -16.40 5.18 21.38
C THR G 245 -16.60 4.11 22.40
N HIS G 246 -17.69 4.18 23.14
CA HIS G 246 -18.00 3.11 24.06
C HIS G 246 -18.42 1.95 23.20
N GLY G 247 -18.60 0.78 23.79
CA GLY G 247 -18.99 -0.29 22.89
C GLY G 247 -20.43 -0.12 22.51
N ILE G 248 -20.74 -0.37 21.25
CA ILE G 248 -22.09 -0.32 20.76
C ILE G 248 -22.51 -1.67 20.27
N LYS G 249 -23.62 -2.15 20.76
CA LYS G 249 -24.06 -3.46 20.34
C LYS G 249 -24.86 -3.32 19.05
N PRO G 250 -24.53 -4.04 17.99
CA PRO G 250 -25.19 -4.00 16.71
C PRO G 250 -26.48 -4.78 16.76
N VAL G 251 -27.43 -4.28 17.52
CA VAL G 251 -28.69 -4.95 17.66
C VAL G 251 -29.55 -4.62 16.48
N VAL G 252 -30.12 -5.62 15.86
CA VAL G 252 -30.96 -5.40 14.72
C VAL G 252 -32.41 -5.55 15.11
N SER G 253 -33.19 -4.51 14.88
CA SER G 253 -34.60 -4.54 15.18
C SER G 253 -35.34 -3.60 14.25
N THR G 254 -36.65 -3.78 14.08
CA THR G 254 -37.32 -2.85 13.17
C THR G 254 -38.24 -1.78 13.72
N GLN G 255 -38.89 -1.91 14.89
CA GLN G 255 -39.77 -0.79 15.29
C GLN G 255 -39.38 -0.19 16.61
N LEU G 256 -39.04 -1.06 17.53
CA LEU G 256 -38.64 -0.62 18.84
C LEU G 256 -37.15 -0.81 18.89
N LEU G 257 -36.46 0.02 19.62
CA LEU G 257 -35.04 -0.18 19.74
C LEU G 257 -34.80 -1.00 20.95
N LEU G 258 -33.96 -1.99 20.83
CA LEU G 258 -33.69 -2.86 21.94
C LEU G 258 -32.25 -2.74 22.41
N ASN G 259 -32.04 -2.91 23.73
CA ASN G 259 -30.77 -3.01 24.44
C ASN G 259 -29.78 -1.85 24.14
N GLY G 260 -30.29 -0.60 24.03
CA GLY G 260 -29.49 0.60 23.77
C GLY G 260 -29.25 1.39 25.03
N SER G 261 -28.86 2.63 24.84
CA SER G 261 -28.60 3.52 25.95
C SER G 261 -29.87 4.22 26.38
N LEU G 262 -29.98 4.49 27.66
CA LEU G 262 -31.12 5.22 28.19
C LEU G 262 -30.82 6.68 28.38
N ALA G 263 -31.86 7.49 28.29
CA ALA G 263 -31.79 8.90 28.59
C ALA G 263 -31.71 9.00 30.10
N GLU G 264 -31.06 10.00 30.65
CA GLU G 264 -31.02 10.04 32.11
C GLU G 264 -32.04 10.92 32.81
N GLU G 265 -32.50 11.98 32.17
CA GLU G 265 -33.39 12.88 32.89
C GLU G 265 -34.85 12.86 32.42
N GLU G 266 -35.06 12.64 31.15
CA GLU G 266 -36.38 12.71 30.56
C GLU G 266 -36.38 11.95 29.26
N VAL G 267 -37.55 11.69 28.71
CA VAL G 267 -37.60 11.10 27.39
C VAL G 267 -37.16 12.16 26.40
N ILE G 268 -36.25 11.84 25.50
CA ILE G 268 -35.75 12.82 24.55
C ILE G 268 -36.22 12.52 23.15
N ILE G 269 -36.85 13.48 22.51
CA ILE G 269 -37.34 13.27 21.17
C ILE G 269 -36.48 13.97 20.15
N ARG G 270 -35.91 13.19 19.23
CA ARG G 270 -35.01 13.73 18.24
C ARG G 270 -35.48 13.47 16.83
N SER G 271 -35.29 14.43 15.96
CA SER G 271 -35.60 14.24 14.57
C SER G 271 -34.78 15.22 13.77
N GLU G 272 -34.58 14.94 12.49
CA GLU G 272 -33.88 15.90 11.63
C GLU G 272 -34.67 17.20 11.44
N ASN G 273 -35.99 17.08 11.23
CA ASN G 273 -36.97 18.13 11.02
C ASN G 273 -38.32 17.66 11.56
N ILE G 274 -38.69 18.08 12.78
CA ILE G 274 -39.89 17.61 13.49
C ILE G 274 -41.18 18.11 12.88
N THR G 275 -41.11 19.08 11.98
CA THR G 275 -42.34 19.57 11.41
C THR G 275 -42.59 18.94 10.06
N ASN G 276 -41.68 18.07 9.63
CA ASN G 276 -41.86 17.42 8.36
C ASN G 276 -42.64 16.14 8.63
N ASN G 277 -42.96 15.38 7.60
CA ASN G 277 -43.64 14.11 7.74
C ASN G 277 -42.81 13.06 7.07
N ALA G 278 -41.79 13.54 6.39
CA ALA G 278 -40.89 12.70 5.64
C ALA G 278 -39.76 12.13 6.49
N LYS G 279 -39.71 12.53 7.74
CA LYS G 279 -38.64 12.13 8.63
C LYS G 279 -39.15 11.28 9.76
N ASN G 280 -38.31 10.36 10.24
CA ASN G 280 -38.69 9.54 11.37
C ASN G 280 -38.33 10.24 12.64
N ILE G 281 -39.03 9.91 13.70
CA ILE G 281 -38.77 10.44 15.02
C ILE G 281 -38.16 9.39 15.90
N LEU G 282 -37.00 9.70 16.48
CA LEU G 282 -36.34 8.77 17.35
C LEU G 282 -36.58 9.16 18.78
N VAL G 283 -37.17 8.27 19.52
CA VAL G 283 -37.49 8.57 20.90
C VAL G 283 -36.59 7.78 21.81
N GLN G 284 -35.83 8.45 22.65
CA GLN G 284 -34.95 7.76 23.58
C GLN G 284 -35.59 7.73 24.96
N LEU G 285 -35.80 6.55 25.49
CA LEU G 285 -36.49 6.44 26.75
C LEU G 285 -35.61 6.61 27.93
N ASN G 286 -36.19 7.08 29.02
CA ASN G 286 -35.55 7.23 30.31
C ASN G 286 -35.48 5.95 31.13
N THR G 287 -36.48 5.10 31.00
CA THR G 287 -36.49 3.86 31.74
C THR G 287 -36.70 2.80 30.69
N PRO G 288 -36.23 1.58 30.88
CA PRO G 288 -36.44 0.48 29.98
C PRO G 288 -37.81 -0.05 30.16
N VAL G 289 -38.35 -0.66 29.13
CA VAL G 289 -39.55 -1.43 29.30
C VAL G 289 -39.16 -2.87 29.07
N GLN G 290 -39.41 -3.72 30.02
CA GLN G 290 -38.97 -5.09 29.85
C GLN G 290 -39.93 -5.84 28.98
N ILE G 291 -39.39 -6.55 28.01
CA ILE G 291 -40.18 -7.38 27.12
C ILE G 291 -39.67 -8.84 27.15
N ASN G 292 -40.59 -9.81 27.40
CA ASN G 292 -40.32 -11.26 27.49
C ASN G 292 -40.84 -11.99 26.27
N CYS G 293 -39.94 -12.52 25.41
CA CYS G 293 -40.31 -13.17 24.14
C CYS G 293 -40.03 -14.66 24.18
N THR G 294 -40.92 -15.42 23.59
CA THR G 294 -40.75 -16.85 23.54
C THR G 294 -41.31 -17.53 22.32
N ARG G 295 -40.73 -18.69 22.04
CA ARG G 295 -41.16 -19.59 21.01
C ARG G 295 -41.39 -20.90 21.75
N PRO G 296 -42.58 -21.07 22.35
CA PRO G 296 -42.94 -22.07 23.33
C PRO G 296 -43.28 -23.43 22.73
N ASN G 297 -42.36 -23.96 21.96
CA ASN G 297 -42.54 -25.24 21.29
C ASN G 297 -41.21 -25.95 21.42
N ASN G 298 -41.23 -27.26 21.71
CA ASN G 298 -40.04 -28.09 21.85
C ASN G 298 -39.68 -28.76 20.52
N ASN G 299 -38.73 -28.15 19.77
CA ASN G 299 -38.32 -28.63 18.44
C ASN G 299 -37.28 -29.72 18.48
N THR G 300 -37.48 -30.70 17.63
CA THR G 300 -36.50 -31.73 17.43
C THR G 300 -35.89 -31.44 16.10
N VAL G 301 -34.58 -31.23 16.12
CA VAL G 301 -33.82 -30.86 14.93
C VAL G 301 -33.05 -32.02 14.39
N LYS G 302 -33.23 -32.25 13.11
CA LYS G 302 -32.61 -33.34 12.41
C LYS G 302 -31.72 -32.82 11.32
N SER G 303 -30.78 -33.62 10.87
CA SER G 303 -29.95 -33.18 9.77
C SER G 303 -29.65 -34.29 8.82
N ILE G 304 -29.39 -33.88 7.59
CA ILE G 304 -29.02 -34.80 6.53
C ILE G 304 -27.81 -34.33 5.76
N ARG G 305 -27.13 -35.25 5.13
CA ARG G 305 -26.04 -34.89 4.27
C ARG G 305 -26.57 -34.76 2.87
N ILE G 306 -26.27 -33.65 2.21
CA ILE G 306 -26.78 -33.35 0.88
C ILE G 306 -25.67 -33.31 -0.16
N GLY G 307 -24.48 -33.64 0.27
CA GLY G 307 -23.31 -33.64 -0.58
C GLY G 307 -22.10 -33.92 0.29
N PRO G 308 -20.90 -34.00 -0.27
CA PRO G 308 -19.70 -34.28 0.47
C PRO G 308 -19.36 -33.17 1.42
N GLY G 309 -19.61 -33.43 2.69
CA GLY G 309 -19.33 -32.48 3.77
C GLY G 309 -20.41 -31.40 3.90
N GLN G 310 -21.52 -31.58 3.22
CA GLN G 310 -22.57 -30.57 3.22
C GLN G 310 -23.77 -30.97 4.06
N TRP G 311 -23.98 -30.33 5.20
CA TRP G 311 -25.12 -30.72 6.02
C TRP G 311 -26.21 -29.69 6.00
N PHE G 312 -27.44 -30.18 5.98
CA PHE G 312 -28.66 -29.38 6.04
C PHE G 312 -29.42 -29.63 7.31
N TYR G 313 -29.84 -28.56 7.98
CA TYR G 313 -30.58 -28.70 9.23
C TYR G 313 -32.03 -28.29 9.09
N TYR G 314 -32.91 -29.06 9.69
CA TYR G 314 -34.32 -28.77 9.60
C TYR G 314 -35.10 -29.26 10.80
N THR G 315 -36.31 -28.72 10.98
CA THR G 315 -37.13 -29.19 12.08
C THR G 315 -37.77 -30.47 11.65
N GLY G 316 -37.58 -31.49 12.47
CA GLY G 316 -38.09 -32.82 12.24
C GLY G 316 -39.49 -32.90 12.76
N ASP G 317 -39.64 -32.57 14.02
CA ASP G 317 -40.95 -32.61 14.66
C ASP G 317 -41.06 -31.63 15.82
N ILE G 318 -42.27 -31.57 16.40
CA ILE G 318 -42.57 -30.78 17.57
C ILE G 318 -43.17 -31.68 18.64
N ILE G 319 -42.60 -31.62 19.82
CA ILE G 319 -43.09 -32.41 20.92
C ILE G 319 -44.09 -31.62 21.75
N GLY G 320 -45.27 -32.20 21.96
CA GLY G 320 -46.31 -31.54 22.73
C GLY G 320 -47.13 -30.59 21.89
N ASP G 321 -47.82 -29.68 22.55
CA ASP G 321 -48.75 -28.77 21.91
C ASP G 321 -48.03 -27.78 21.03
N ILE G 322 -48.69 -27.33 19.96
CA ILE G 322 -48.12 -26.32 19.10
C ILE G 322 -48.75 -24.96 19.39
N ARG G 323 -47.93 -24.02 19.82
CA ARG G 323 -48.41 -22.70 20.22
C ARG G 323 -47.71 -21.58 19.48
N GLN G 324 -48.36 -20.44 19.40
CA GLN G 324 -47.73 -19.33 18.73
C GLN G 324 -46.68 -18.65 19.57
N ALA G 325 -45.68 -18.12 18.89
CA ALA G 325 -44.66 -17.33 19.52
C ALA G 325 -45.31 -16.05 19.94
N HIS G 326 -44.82 -15.48 21.02
CA HIS G 326 -45.38 -14.23 21.49
C HIS G 326 -44.41 -13.46 22.39
N CYS G 327 -44.69 -12.15 22.63
CA CYS G 327 -43.95 -11.29 23.55
C CYS G 327 -44.89 -10.63 24.58
N ASN G 328 -44.42 -10.54 25.81
CA ASN G 328 -45.14 -9.91 26.91
C ASN G 328 -44.54 -8.56 27.31
N VAL G 329 -45.41 -7.52 27.37
CA VAL G 329 -45.11 -6.15 27.81
C VAL G 329 -46.06 -5.81 28.96
N SER G 330 -45.58 -5.36 30.10
CA SER G 330 -46.50 -5.06 31.20
C SER G 330 -47.36 -3.84 30.88
N LYS G 331 -48.68 -3.89 31.13
CA LYS G 331 -49.50 -2.73 30.81
C LYS G 331 -49.17 -1.51 31.61
N ALA G 332 -48.88 -1.66 32.88
CA ALA G 332 -48.67 -0.47 33.67
C ALA G 332 -47.44 0.28 33.23
N THR G 333 -46.36 -0.44 32.96
CA THR G 333 -45.13 0.19 32.58
C THR G 333 -45.31 0.82 31.23
N TRP G 334 -45.94 0.09 30.32
CA TRP G 334 -46.10 0.64 29.01
C TRP G 334 -46.94 1.89 29.04
N ASN G 335 -48.02 1.89 29.82
CA ASN G 335 -48.88 3.06 29.86
C ASN G 335 -48.12 4.26 30.36
N GLU G 336 -47.30 4.11 31.41
CA GLU G 336 -46.58 5.28 31.89
C GLU G 336 -45.59 5.74 30.86
N THR G 337 -44.93 4.80 30.21
CA THR G 337 -43.92 5.13 29.23
C THR G 337 -44.50 5.87 28.07
N LEU G 338 -45.63 5.41 27.58
CA LEU G 338 -46.21 6.05 26.45
C LEU G 338 -46.69 7.43 26.86
N GLY G 339 -47.21 7.57 28.08
CA GLY G 339 -47.65 8.86 28.54
C GLY G 339 -46.50 9.87 28.57
N LYS G 340 -45.29 9.41 28.95
CA LYS G 340 -44.11 10.28 28.97
C LYS G 340 -43.79 10.73 27.57
N VAL G 341 -43.95 9.84 26.60
CA VAL G 341 -43.67 10.18 25.22
C VAL G 341 -44.63 11.26 24.77
N VAL G 342 -45.90 11.12 25.14
CA VAL G 342 -46.88 12.09 24.74
C VAL G 342 -46.56 13.44 25.36
N LYS G 343 -46.20 13.47 26.63
CA LYS G 343 -45.89 14.73 27.28
C LYS G 343 -44.79 15.47 26.54
N GLN G 344 -43.77 14.76 26.11
CA GLN G 344 -42.69 15.41 25.39
C GLN G 344 -43.11 15.82 23.98
N LEU G 345 -43.98 15.06 23.33
CA LEU G 345 -44.44 15.44 22.00
C LEU G 345 -45.19 16.76 22.07
N ARG G 346 -45.89 17.00 23.16
CA ARG G 346 -46.66 18.23 23.29
C ARG G 346 -45.79 19.48 23.23
N LYS G 347 -44.49 19.37 23.50
CA LYS G 347 -43.64 20.54 23.45
C LYS G 347 -43.56 21.08 22.03
N HIS G 348 -43.82 20.22 21.05
CA HIS G 348 -43.75 20.62 19.66
C HIS G 348 -45.12 20.66 19.00
N PHE G 349 -46.08 19.92 19.55
CA PHE G 349 -47.40 19.85 18.92
C PHE G 349 -48.54 20.58 19.65
N GLY G 350 -48.32 21.08 20.87
CA GLY G 350 -49.33 21.82 21.60
C GLY G 350 -49.85 21.15 22.86
N ASN G 351 -50.27 21.97 23.81
CA ASN G 351 -50.80 21.47 25.07
C ASN G 351 -52.30 21.35 24.98
N ASN G 352 -52.82 21.69 23.82
CA ASN G 352 -54.23 21.68 23.51
C ASN G 352 -54.53 20.84 22.29
N THR G 353 -53.67 19.86 22.00
CA THR G 353 -53.87 19.03 20.81
C THR G 353 -54.15 17.60 21.19
N ILE G 354 -54.47 16.79 20.21
CA ILE G 354 -54.72 15.38 20.47
C ILE G 354 -53.66 14.51 19.87
N ILE G 355 -53.08 13.64 20.70
CA ILE G 355 -52.06 12.72 20.22
C ILE G 355 -52.54 11.30 20.16
N ARG G 356 -52.58 10.76 18.95
CA ARG G 356 -53.09 9.43 18.72
C ARG G 356 -52.05 8.45 18.22
N PHE G 357 -52.05 7.27 18.79
CA PHE G 357 -51.16 6.22 18.36
C PHE G 357 -51.92 5.16 17.60
N ALA G 358 -51.32 4.72 16.50
CA ALA G 358 -51.93 3.73 15.63
C ALA G 358 -50.90 2.80 15.01
N GLN G 359 -51.39 1.75 14.38
CA GLN G 359 -50.60 0.71 13.73
C GLN G 359 -49.98 1.18 12.45
N SER G 360 -48.88 0.54 12.04
CA SER G 360 -48.26 0.91 10.79
C SER G 360 -49.27 0.63 9.69
N SER G 361 -49.32 1.52 8.70
CA SER G 361 -50.30 1.45 7.64
C SER G 361 -50.19 0.31 6.64
N GLY G 362 -49.04 -0.27 6.48
CA GLY G 362 -48.92 -1.34 5.52
C GLY G 362 -47.53 -1.42 4.99
N GLY G 363 -47.29 -2.34 4.07
CA GLY G 363 -45.96 -2.57 3.54
C GLY G 363 -45.47 -3.94 3.96
N ASP G 364 -44.20 -4.20 3.69
CA ASP G 364 -43.60 -5.49 3.95
C ASP G 364 -43.57 -5.83 5.43
N LEU G 365 -43.59 -7.13 5.74
CA LEU G 365 -43.62 -7.59 7.12
C LEU G 365 -42.44 -7.03 7.90
N GLU G 366 -41.30 -6.90 7.26
CA GLU G 366 -40.10 -6.39 7.88
C GLU G 366 -40.21 -4.93 8.35
N VAL G 367 -41.22 -4.22 7.88
CA VAL G 367 -41.45 -2.84 8.23
C VAL G 367 -42.64 -2.68 9.17
N THR G 368 -43.74 -3.39 8.88
CA THR G 368 -44.98 -3.23 9.62
C THR G 368 -44.98 -3.98 10.93
N THR G 369 -44.11 -4.94 11.04
CA THR G 369 -44.03 -5.78 12.20
C THR G 369 -42.66 -5.60 12.86
N HIS G 370 -42.61 -5.78 14.18
CA HIS G 370 -41.37 -5.63 14.91
C HIS G 370 -40.54 -6.88 14.86
N SER G 371 -39.44 -6.80 14.15
CA SER G 371 -38.58 -7.91 13.93
C SER G 371 -37.35 -7.90 14.79
N PHE G 372 -36.94 -9.08 15.21
CA PHE G 372 -35.70 -9.26 15.97
C PHE G 372 -35.21 -10.70 15.99
N ASN G 373 -33.93 -10.88 16.32
CA ASN G 373 -33.32 -12.18 16.52
C ASN G 373 -33.34 -12.58 18.01
N CYS G 374 -34.07 -13.66 18.38
CA CYS G 374 -34.24 -14.17 19.73
C CYS G 374 -33.78 -15.61 19.80
N GLY G 375 -32.58 -15.81 20.29
CA GLY G 375 -32.03 -17.14 20.43
C GLY G 375 -31.64 -17.78 19.10
N GLY G 376 -31.46 -17.00 18.05
CA GLY G 376 -31.16 -17.56 16.75
C GLY G 376 -32.40 -17.64 15.86
N GLU G 377 -33.59 -17.49 16.41
CA GLU G 377 -34.77 -17.53 15.55
C GLU G 377 -35.15 -16.12 15.22
N PHE G 378 -35.75 -15.92 14.06
CA PHE G 378 -36.19 -14.59 13.69
C PHE G 378 -37.68 -14.41 13.81
N PHE G 379 -38.03 -13.53 14.75
CA PHE G 379 -39.38 -13.19 15.15
C PHE G 379 -39.92 -11.97 14.47
N TYR G 380 -41.20 -12.02 14.16
CA TYR G 380 -41.98 -10.93 13.59
C TYR G 380 -43.23 -10.67 14.44
N CYS G 381 -43.14 -9.74 15.41
CA CYS G 381 -44.14 -9.48 16.44
C CYS G 381 -45.04 -8.31 16.10
N ASN G 382 -46.32 -8.52 16.28
CA ASN G 382 -47.34 -7.54 15.99
C ASN G 382 -47.52 -6.59 17.19
N THR G 383 -47.21 -5.29 16.98
CA THR G 383 -47.19 -4.19 17.95
C THR G 383 -48.47 -3.39 17.99
N SER G 384 -49.53 -3.90 17.39
CA SER G 384 -50.81 -3.20 17.38
C SER G 384 -51.38 -3.05 18.74
N GLY G 385 -50.91 -3.87 19.67
CA GLY G 385 -51.33 -3.85 21.05
C GLY G 385 -50.59 -2.79 21.85
N LEU G 386 -49.54 -2.20 21.28
CA LEU G 386 -48.78 -1.19 21.98
C LEU G 386 -49.15 0.20 21.54
N PHE G 387 -49.57 0.32 20.29
CA PHE G 387 -49.89 1.63 19.75
C PHE G 387 -51.34 1.72 19.32
N ASN G 388 -52.25 1.73 20.32
CA ASN G 388 -53.69 1.72 20.14
C ASN G 388 -54.35 2.59 21.22
N SER G 389 -54.19 3.94 21.12
CA SER G 389 -54.73 4.89 22.13
C SER G 389 -54.85 6.32 21.63
N THR G 390 -55.72 7.10 22.27
CA THR G 390 -55.79 8.52 22.00
C THR G 390 -55.63 9.28 23.31
N TRP G 391 -54.67 10.18 23.33
CA TRP G 391 -54.34 10.96 24.51
C TRP G 391 -54.82 12.41 24.38
N ILE G 392 -55.76 12.79 25.22
CA ILE G 392 -56.35 14.13 25.14
C ILE G 392 -56.07 14.96 26.39
N SER G 393 -55.54 16.19 26.21
CA SER G 393 -55.23 17.14 27.28
C SER G 393 -56.53 17.66 27.92
N SER G 405 -50.04 -4.64 39.18
CA SER G 405 -51.24 -5.18 38.56
C SER G 405 -51.02 -6.59 37.92
N ASN G 406 -49.83 -6.79 37.29
CA ASN G 406 -49.36 -8.00 36.56
C ASN G 406 -50.25 -8.37 35.38
N ASP G 407 -50.91 -7.37 34.84
CA ASP G 407 -51.76 -7.53 33.70
C ASP G 407 -50.93 -7.18 32.47
N SER G 408 -50.54 -8.19 31.70
CA SER G 408 -49.66 -8.00 30.55
C SER G 408 -50.39 -7.86 29.22
N ILE G 409 -49.65 -7.37 28.24
CA ILE G 409 -50.06 -7.21 26.86
C ILE G 409 -49.39 -8.32 26.08
N THR G 410 -50.15 -9.12 25.34
CA THR G 410 -49.52 -10.17 24.58
C THR G 410 -49.48 -9.81 23.12
N LEU G 411 -48.29 -9.84 22.56
CA LEU G 411 -48.07 -9.54 21.16
C LEU G 411 -47.85 -10.86 20.45
N PRO G 412 -48.66 -11.27 19.48
CA PRO G 412 -48.47 -12.52 18.76
C PRO G 412 -47.28 -12.30 17.86
N CYS G 413 -46.48 -13.37 17.59
CA CYS G 413 -45.30 -13.31 16.72
C CYS G 413 -45.27 -14.47 15.71
N ARG G 414 -44.72 -14.19 14.53
CA ARG G 414 -44.51 -15.19 13.50
C ARG G 414 -43.03 -15.48 13.37
N ILE G 415 -42.67 -16.64 12.84
CA ILE G 415 -41.26 -17.00 12.67
C ILE G 415 -40.90 -17.24 11.21
N LYS G 416 -39.73 -16.75 10.76
CA LYS G 416 -39.28 -17.00 9.38
C LYS G 416 -37.89 -17.62 9.36
N GLN G 417 -37.65 -18.53 8.43
CA GLN G 417 -36.32 -19.10 8.24
C GLN G 417 -35.59 -18.53 7.04
N ILE G 418 -36.29 -18.03 6.03
CA ILE G 418 -35.59 -17.48 4.86
C ILE G 418 -35.61 -15.99 4.96
N ILE G 419 -34.44 -15.45 5.17
CA ILE G 419 -34.28 -14.07 5.50
C ILE G 419 -33.51 -13.22 4.52
N ASN G 420 -34.07 -12.09 4.15
CA ASN G 420 -33.38 -11.15 3.27
C ASN G 420 -33.04 -9.89 4.06
N MET G 421 -31.81 -9.76 4.49
CA MET G 421 -31.43 -8.63 5.33
C MET G 421 -30.91 -7.44 4.58
N TRP G 422 -30.92 -6.32 5.31
CA TRP G 422 -30.39 -5.02 4.91
C TRP G 422 -31.11 -4.48 3.70
N GLN G 423 -32.31 -4.99 3.51
CA GLN G 423 -33.23 -4.66 2.44
C GLN G 423 -32.62 -4.91 1.07
N ARG G 424 -31.79 -5.94 0.95
CA ARG G 424 -31.17 -6.27 -0.30
C ARG G 424 -31.94 -7.34 -1.04
N ILE G 425 -31.66 -7.45 -2.32
CA ILE G 425 -32.26 -8.46 -3.16
C ILE G 425 -31.19 -9.32 -3.80
N GLY G 426 -31.36 -10.63 -3.74
CA GLY G 426 -30.42 -11.56 -4.34
C GLY G 426 -29.56 -12.36 -3.35
N GLN G 427 -29.50 -11.90 -2.11
CA GLN G 427 -28.73 -12.59 -1.09
C GLN G 427 -29.62 -13.10 0.04
N ALA G 428 -30.00 -14.37 0.03
CA ALA G 428 -30.90 -14.86 1.07
C ALA G 428 -30.14 -15.76 2.02
N MET G 429 -30.54 -15.73 3.28
CA MET G 429 -29.94 -16.58 4.28
C MET G 429 -30.95 -17.55 4.83
N TYR G 430 -30.52 -18.77 5.10
CA TYR G 430 -31.40 -19.70 5.78
C TYR G 430 -30.95 -19.85 7.20
N ALA G 431 -31.86 -19.61 8.11
CA ALA G 431 -31.55 -19.74 9.50
C ALA G 431 -31.92 -21.15 9.93
N PRO G 432 -30.98 -22.00 10.35
CA PRO G 432 -31.26 -23.34 10.72
C PRO G 432 -32.05 -23.20 11.99
N PRO G 433 -32.89 -24.15 12.35
CA PRO G 433 -33.71 -24.16 13.53
C PRO G 433 -32.92 -24.41 14.77
N ILE G 434 -33.46 -23.94 15.87
CA ILE G 434 -32.87 -24.18 17.16
C ILE G 434 -33.64 -25.26 17.91
N GLN G 435 -32.91 -26.25 18.37
CA GLN G 435 -33.49 -27.36 19.11
C GLN G 435 -33.97 -26.94 20.47
N GLY G 436 -35.10 -27.46 20.90
CA GLY G 436 -35.62 -27.13 22.22
C GLY G 436 -36.57 -25.95 22.19
N VAL G 437 -36.64 -25.23 23.32
CA VAL G 437 -37.58 -24.15 23.55
C VAL G 437 -36.82 -22.83 23.76
N ILE G 438 -37.28 -21.78 23.11
CA ILE G 438 -36.59 -20.48 23.21
C ILE G 438 -37.25 -19.42 24.00
N ARG G 439 -36.50 -18.83 24.89
CA ARG G 439 -36.96 -17.71 25.66
C ARG G 439 -35.82 -16.69 25.78
N CYS G 440 -36.13 -15.37 25.62
CA CYS G 440 -35.18 -14.27 25.78
C CYS G 440 -35.87 -13.08 26.43
N VAL G 441 -35.12 -12.34 27.21
CA VAL G 441 -35.61 -11.13 27.84
C VAL G 441 -34.77 -9.97 27.44
N SER G 442 -35.40 -8.91 26.98
CA SER G 442 -34.68 -7.74 26.51
C SER G 442 -35.35 -6.45 26.95
N ASN G 443 -34.61 -5.32 26.83
CA ASN G 443 -35.08 -3.98 27.20
C ASN G 443 -35.45 -3.15 25.97
N ILE G 444 -36.61 -2.48 26.01
CA ILE G 444 -37.02 -1.51 25.00
C ILE G 444 -36.46 -0.21 25.52
N THR G 445 -35.55 0.39 24.78
CA THR G 445 -34.86 1.59 25.21
C THR G 445 -35.21 2.77 24.33
N GLY G 446 -36.06 2.54 23.36
CA GLY G 446 -36.44 3.59 22.44
C GLY G 446 -37.45 3.14 21.41
N LEU G 447 -37.97 4.10 20.70
CA LEU G 447 -38.97 3.90 19.66
C LEU G 447 -38.67 4.59 18.35
N ILE G 448 -39.10 4.03 17.23
CA ILE G 448 -39.04 4.80 16.01
C ILE G 448 -40.47 5.04 15.53
N LEU G 449 -40.88 6.30 15.45
CA LEU G 449 -42.25 6.69 15.06
C LEU G 449 -42.31 7.60 13.85
N THR G 450 -43.42 7.57 13.12
CA THR G 450 -43.59 8.51 12.02
C THR G 450 -44.85 9.28 12.29
N ARG G 451 -45.04 10.40 11.62
CA ARG G 451 -46.24 11.20 11.85
C ARG G 451 -47.03 11.36 10.56
N ASP G 452 -48.33 11.12 10.64
CA ASP G 452 -49.22 11.24 9.49
C ASP G 452 -49.34 12.68 8.97
N GLY G 453 -49.46 12.85 7.64
CA GLY G 453 -49.64 14.14 6.99
C GLY G 453 -51.06 14.68 7.19
N SER G 458 -55.85 19.97 11.03
CA SER G 458 -56.89 19.65 12.00
C SER G 458 -56.30 19.79 13.43
N THR G 459 -56.89 19.10 14.43
CA THR G 459 -56.53 19.13 15.86
C THR G 459 -55.88 17.85 16.35
N THR G 460 -55.79 16.84 15.50
CA THR G 460 -55.22 15.57 15.94
C THR G 460 -54.02 15.15 15.13
N GLU G 461 -52.96 14.81 15.84
CA GLU G 461 -51.74 14.29 15.26
C GLU G 461 -51.78 12.78 15.43
N THR G 462 -51.31 12.04 14.44
CA THR G 462 -51.26 10.59 14.57
C THR G 462 -49.86 10.07 14.34
N PHE G 463 -49.43 9.21 15.24
CA PHE G 463 -48.12 8.61 15.18
C PHE G 463 -48.22 7.11 15.00
N ARG G 464 -47.36 6.57 14.16
CA ARG G 464 -47.35 5.13 13.88
C ARG G 464 -45.94 4.60 13.97
N PRO G 465 -45.70 3.34 14.28
CA PRO G 465 -44.39 2.76 14.23
C PRO G 465 -43.82 2.90 12.84
N GLY G 466 -42.56 3.28 12.80
CA GLY G 466 -41.78 3.48 11.58
C GLY G 466 -40.64 2.50 11.57
N GLY G 467 -39.44 2.99 11.25
CA GLY G 467 -38.28 2.14 11.25
C GLY G 467 -38.05 1.46 9.93
N GLY G 468 -37.59 0.21 9.98
CA GLY G 468 -37.22 -0.52 8.76
C GLY G 468 -35.78 -0.25 8.28
N ASP G 469 -35.39 1.03 8.19
CA ASP G 469 -34.06 1.45 7.76
C ASP G 469 -33.08 1.46 8.92
N MET G 470 -32.14 0.54 8.86
CA MET G 470 -31.18 0.27 9.92
C MET G 470 -30.28 1.41 10.32
N ARG G 471 -30.07 2.35 9.44
CA ARG G 471 -29.18 3.40 9.84
C ARG G 471 -29.77 4.22 10.96
N ASP G 472 -31.11 4.23 11.10
CA ASP G 472 -31.71 4.99 12.15
C ASP G 472 -31.57 4.32 13.49
N ASN G 473 -31.19 3.04 13.51
CA ASN G 473 -31.01 2.42 14.79
C ASN G 473 -29.68 2.84 15.31
N TRP G 474 -28.66 2.84 14.46
CA TRP G 474 -27.32 3.22 14.86
C TRP G 474 -27.22 4.68 15.16
N ARG G 475 -28.06 5.53 14.63
CA ARG G 475 -28.00 6.94 14.97
C ARG G 475 -28.32 7.15 16.43
N SER G 476 -29.04 6.22 17.08
CA SER G 476 -29.43 6.42 18.46
C SER G 476 -28.28 6.21 19.43
N GLU G 477 -27.19 5.59 18.97
CA GLU G 477 -26.05 5.35 19.83
C GLU G 477 -24.90 6.28 19.46
N LEU G 478 -24.83 6.63 18.19
CA LEU G 478 -23.76 7.45 17.67
C LEU G 478 -24.02 8.95 17.68
N TYR G 479 -25.17 9.37 18.19
CA TYR G 479 -25.53 10.78 18.17
C TYR G 479 -24.64 11.65 19.02
N LYS G 480 -23.95 11.04 19.96
CA LYS G 480 -23.10 11.76 20.86
C LYS G 480 -21.72 11.96 20.32
N TYR G 481 -21.39 11.35 19.19
CA TYR G 481 -20.01 11.45 18.75
C TYR G 481 -19.78 12.12 17.41
N LYS G 482 -18.65 12.82 17.30
CA LYS G 482 -18.22 13.35 16.01
C LYS G 482 -16.73 13.17 15.81
N VAL G 483 -16.30 13.02 14.57
CA VAL G 483 -14.87 12.87 14.28
C VAL G 483 -14.25 14.13 13.77
N VAL G 484 -13.13 14.53 14.38
CA VAL G 484 -12.45 15.71 13.94
C VAL G 484 -11.00 15.40 13.64
N LYS G 485 -10.39 16.22 12.82
CA LYS G 485 -8.98 16.13 12.47
C LYS G 485 -8.20 17.08 13.28
N ILE G 486 -7.06 16.67 13.76
CA ILE G 486 -6.25 17.54 14.56
C ILE G 486 -5.34 18.33 13.65
N GLU G 487 -5.28 19.65 13.85
CA GLU G 487 -4.47 20.53 13.02
C GLU G 487 -3.45 21.26 13.88
N PRO G 488 -2.31 20.63 14.22
CA PRO G 488 -1.34 21.09 15.18
C PRO G 488 -0.50 22.26 14.75
N LEU G 489 -0.51 22.61 13.47
CA LEU G 489 0.37 23.68 13.04
C LEU G 489 -0.37 24.97 12.78
N GLY G 490 0.15 26.08 13.29
CA GLY G 490 -0.48 27.36 13.04
C GLY G 490 0.39 28.55 13.41
N VAL G 491 -0.09 29.75 13.15
CA VAL G 491 0.68 30.95 13.42
C VAL G 491 -0.09 31.98 14.20
N ALA G 492 0.65 32.89 14.83
CA ALA G 492 0.10 34.03 15.57
C ALA G 492 1.18 35.09 15.65
N PRO G 493 0.87 36.38 15.80
CA PRO G 493 1.82 37.43 16.01
C PRO G 493 2.40 37.44 17.41
N THR G 494 3.66 37.81 17.51
CA THR G 494 4.27 38.02 18.80
C THR G 494 5.43 38.98 18.71
N ARG G 495 6.16 39.13 19.80
CA ARG G 495 7.26 40.07 19.85
C ARG G 495 8.66 39.63 19.40
N CYS G 496 8.96 38.31 19.36
CA CYS G 496 10.29 37.78 19.02
C CYS G 496 10.53 37.75 17.53
N LYS G 497 11.79 37.87 17.16
CA LYS G 497 12.12 37.69 15.76
C LYS G 497 13.42 36.92 15.64
N ARG G 498 13.55 36.11 14.57
CA ARG G 498 14.74 35.35 14.16
C ARG G 498 14.38 34.39 13.04
N SER H 1 -0.93 16.62 33.81
CA SER H 1 -1.94 17.62 34.13
C SER H 1 -3.21 17.36 33.27
N LEU H 2 -3.24 17.90 32.05
CA LEU H 2 -4.30 17.79 31.06
C LEU H 2 -3.95 16.69 30.08
N GLY H 3 -4.94 16.08 29.48
CA GLY H 3 -4.67 15.08 28.46
C GLY H 3 -4.76 15.71 27.11
N PHE H 4 -4.90 14.87 26.10
CA PHE H 4 -4.90 15.34 24.73
C PHE H 4 -6.04 16.30 24.51
N LEU H 5 -5.71 17.48 23.99
CA LEU H 5 -6.63 18.58 23.73
C LEU H 5 -7.29 19.13 24.96
N GLY H 6 -6.78 18.81 26.13
CA GLY H 6 -7.40 19.30 27.35
C GLY H 6 -7.24 20.79 27.52
N ALA H 7 -6.30 21.37 26.79
CA ALA H 7 -6.07 22.80 26.84
C ALA H 7 -6.99 23.53 25.91
N ALA H 8 -7.76 22.82 25.10
CA ALA H 8 -8.61 23.53 24.18
C ALA H 8 -9.59 24.31 25.00
N GLY H 9 -9.84 25.53 24.61
CA GLY H 9 -10.78 26.38 25.33
C GLY H 9 -10.05 27.30 26.29
N SER H 10 -8.79 27.01 26.60
CA SER H 10 -8.02 27.86 27.49
C SER H 10 -7.50 28.97 26.62
N THR H 11 -6.92 30.01 27.18
CA THR H 11 -6.46 31.04 26.30
C THR H 11 -5.22 30.60 25.57
N MET H 12 -4.86 31.31 24.51
CA MET H 12 -3.69 30.95 23.72
C MET H 12 -2.44 30.97 24.56
N GLY H 13 -2.31 31.97 25.40
CA GLY H 13 -1.12 32.04 26.22
C GLY H 13 -0.95 30.84 27.13
N ALA H 14 -2.06 30.27 27.60
CA ALA H 14 -1.98 29.11 28.47
C ALA H 14 -1.74 27.84 27.68
N ALA H 15 -2.42 27.74 26.54
CA ALA H 15 -2.37 26.57 25.69
C ALA H 15 -0.99 26.34 25.12
N SER H 16 -0.23 27.40 24.92
CA SER H 16 1.11 27.28 24.39
C SER H 16 2.05 26.55 25.33
N MET H 17 1.68 26.37 26.58
CA MET H 17 2.57 25.67 27.48
C MET H 17 2.36 24.15 27.47
N THR H 18 1.44 23.65 26.65
CA THR H 18 1.13 22.24 26.57
C THR H 18 1.37 21.69 25.17
N LEU H 19 2.26 22.29 24.42
CA LEU H 19 2.40 21.85 23.03
C LEU H 19 2.83 20.39 22.88
N THR H 20 3.61 19.85 23.80
CA THR H 20 4.02 18.47 23.65
C THR H 20 2.89 17.49 23.91
N VAL H 21 1.83 17.95 24.55
CA VAL H 21 0.72 17.05 24.83
C VAL H 21 0.10 16.62 23.53
N GLN H 22 -0.04 17.54 22.60
CA GLN H 22 -0.61 17.18 21.33
C GLN H 22 0.43 16.60 20.42
N ALA H 23 1.66 17.11 20.45
CA ALA H 23 2.66 16.60 19.52
C ALA H 23 2.92 15.11 19.71
N ARG H 24 2.88 14.63 20.95
CA ARG H 24 3.12 13.23 21.25
C ARG H 24 2.04 12.27 20.81
N ASN H 25 0.87 12.77 20.44
CA ASN H 25 -0.18 11.88 20.03
C ASN H 25 -0.34 11.80 18.54
N LEU H 26 0.53 12.47 17.83
CA LEU H 26 0.47 12.39 16.40
C LEU H 26 1.23 11.10 16.23
N LEU H 27 0.89 10.31 15.24
CA LEU H 27 1.52 8.97 15.09
C LEU H 27 1.22 7.99 16.26
N SER H 28 0.31 8.34 17.23
CA SER H 28 -0.09 7.53 18.37
C SER H 28 -1.40 8.11 18.93
N THR H 51 -8.78 -11.63 4.29
CA THR H 51 -8.13 -10.66 5.17
C THR H 51 -8.30 -9.25 4.64
N HIS H 52 -9.51 -8.90 4.24
CA HIS H 52 -9.80 -7.56 3.74
C HIS H 52 -9.65 -6.42 4.76
N TRP H 53 -10.06 -6.66 6.00
CA TRP H 53 -10.00 -5.64 7.06
C TRP H 53 -8.63 -5.17 7.49
N GLY H 54 -7.61 -5.76 6.89
CA GLY H 54 -6.26 -5.27 7.08
C GLY H 54 -6.02 -4.08 6.19
N ILE H 55 -6.84 -3.90 5.16
CA ILE H 55 -6.64 -2.78 4.28
C ILE H 55 -7.06 -1.52 5.01
N LYS H 56 -8.10 -1.60 5.86
CA LYS H 56 -8.52 -0.40 6.52
C LYS H 56 -7.47 -0.01 7.49
N GLN H 57 -6.87 -1.00 8.13
CA GLN H 57 -5.86 -0.69 9.11
C GLN H 57 -4.63 -0.09 8.44
N LEU H 58 -4.22 -0.62 7.29
CA LEU H 58 -3.06 -0.02 6.66
C LEU H 58 -3.37 1.35 6.14
N GLN H 59 -4.56 1.58 5.62
CA GLN H 59 -4.83 2.90 5.11
C GLN H 59 -4.82 3.89 6.24
N ALA H 60 -5.34 3.51 7.40
CA ALA H 60 -5.36 4.39 8.53
C ALA H 60 -3.95 4.74 9.01
N ARG H 61 -3.07 3.76 8.98
CA ARG H 61 -1.69 3.95 9.44
C ARG H 61 -0.89 4.79 8.46
N VAL H 62 -1.09 4.54 7.18
CA VAL H 62 -0.38 5.28 6.18
C VAL H 62 -0.82 6.71 6.19
N LEU H 63 -2.11 6.95 6.34
CA LEU H 63 -2.60 8.30 6.34
C LEU H 63 -2.01 9.08 7.50
N ALA H 64 -1.93 8.47 8.68
CA ALA H 64 -1.36 9.20 9.80
C ALA H 64 0.06 9.62 9.51
N VAL H 65 0.81 8.75 8.86
CA VAL H 65 2.17 9.09 8.53
C VAL H 65 2.25 10.20 7.53
N GLU H 66 1.43 10.17 6.50
CA GLU H 66 1.49 11.20 5.49
C GLU H 66 1.17 12.55 6.07
N HIS H 67 0.20 12.63 6.97
CA HIS H 67 -0.10 13.93 7.52
C HIS H 67 1.01 14.43 8.39
N TYR H 68 1.61 13.53 9.17
CA TYR H 68 2.71 13.92 10.02
C TYR H 68 3.82 14.51 9.18
N LEU H 69 4.20 13.81 8.12
CA LEU H 69 5.29 14.25 7.31
C LEU H 69 5.02 15.55 6.61
N ARG H 70 3.80 15.81 6.17
CA ARG H 70 3.56 17.09 5.52
C ARG H 70 3.77 18.25 6.46
N ASP H 71 3.39 18.13 7.72
CA ASP H 71 3.63 19.25 8.62
C ASP H 71 5.11 19.38 8.89
N GLN H 72 5.80 18.26 9.00
CA GLN H 72 7.21 18.35 9.25
C GLN H 72 7.94 18.93 8.07
N GLN H 73 7.48 18.65 6.86
CA GLN H 73 8.13 19.20 5.70
C GLN H 73 8.02 20.70 5.70
N LEU H 74 6.86 21.23 6.07
CA LEU H 74 6.76 22.67 6.10
C LEU H 74 7.67 23.26 7.14
N LEU H 75 7.78 22.64 8.29
CA LEU H 75 8.67 23.23 9.28
C LEU H 75 10.08 23.22 8.72
N GLY H 76 10.43 22.20 7.97
CA GLY H 76 11.75 22.14 7.37
C GLY H 76 11.97 23.30 6.42
N ILE H 77 11.03 23.51 5.51
CA ILE H 77 11.11 24.55 4.49
C ILE H 77 11.18 25.94 5.10
N TRP H 78 10.44 26.15 6.18
CA TRP H 78 10.40 27.43 6.85
C TRP H 78 11.56 27.66 7.79
N GLY H 79 12.43 26.66 7.98
CA GLY H 79 13.55 26.78 8.92
C GLY H 79 13.24 26.54 10.41
N CYS H 80 12.13 25.83 10.73
CA CYS H 80 11.62 25.54 12.07
C CYS H 80 11.75 24.07 12.42
N SER H 81 12.53 23.33 11.66
CA SER H 81 12.62 21.91 11.94
C SER H 81 13.13 21.64 13.33
N GLY H 82 12.46 20.73 14.02
CA GLY H 82 12.87 20.32 15.35
C GLY H 82 12.35 21.22 16.47
N LYS H 83 11.59 22.26 16.15
CA LYS H 83 11.10 23.16 17.17
C LYS H 83 9.60 23.10 17.36
N LEU H 84 9.14 23.45 18.56
CA LEU H 84 7.71 23.57 18.79
C LEU H 84 7.35 25.04 18.67
N ILE H 85 8.27 25.90 19.06
CA ILE H 85 8.07 27.34 18.96
C ILE H 85 9.18 27.88 18.06
N CYS H 86 8.84 28.58 16.96
CA CYS H 86 9.81 29.09 16.00
C CYS H 86 9.57 30.56 15.63
N CYS H 87 10.51 31.40 16.00
CA CYS H 87 10.39 32.83 15.74
C CYS H 87 10.99 33.07 14.37
N THR H 88 10.28 33.74 13.48
CA THR H 88 10.83 33.97 12.15
C THR H 88 11.06 35.44 11.85
N ASN H 89 11.43 35.75 10.61
CA ASN H 89 11.73 37.11 10.15
C ASN H 89 10.66 37.73 9.26
N VAL H 90 9.45 37.19 9.30
CA VAL H 90 8.35 37.74 8.54
C VAL H 90 7.53 38.61 9.47
N PRO H 91 7.34 39.91 9.20
CA PRO H 91 6.62 40.84 10.02
C PRO H 91 5.16 40.53 9.92
N TRP H 92 4.41 40.88 10.95
CA TRP H 92 2.98 40.70 10.94
C TRP H 92 2.29 41.90 10.28
N ASN H 93 1.38 41.63 9.32
CA ASN H 93 0.57 42.60 8.59
C ASN H 93 -0.79 42.77 9.28
N SER H 94 -1.16 44.03 9.59
CA SER H 94 -2.42 44.39 10.27
C SER H 94 -3.64 44.07 9.42
N SER H 95 -3.42 43.85 8.12
CA SER H 95 -4.50 43.47 7.23
C SER H 95 -4.94 42.05 7.49
N TRP H 96 -4.10 41.23 8.14
CA TRP H 96 -4.47 39.87 8.43
C TRP H 96 -5.31 39.93 9.67
N SER H 97 -4.80 40.69 10.63
CA SER H 97 -5.47 40.97 11.88
C SER H 97 -4.83 42.12 12.61
N ASN H 98 -5.66 43.02 13.12
CA ASN H 98 -5.17 44.17 13.84
C ASN H 98 -5.54 44.12 15.32
N ARG H 99 -5.81 42.93 15.81
CA ARG H 99 -6.15 42.73 17.19
C ARG H 99 -4.90 42.92 18.07
N ASN H 100 -5.07 43.55 19.23
CA ASN H 100 -3.97 43.82 20.17
C ASN H 100 -3.38 42.56 20.77
N LEU H 101 -2.10 42.54 21.11
CA LEU H 101 -1.62 41.29 21.69
C LEU H 101 -2.36 40.91 22.96
N SER H 102 -2.81 41.88 23.75
CA SER H 102 -3.51 41.54 25.00
C SER H 102 -4.90 40.99 24.72
N GLU H 103 -5.37 41.21 23.51
CA GLU H 103 -6.66 40.77 23.06
C GLU H 103 -6.54 39.39 22.42
N ILE H 104 -5.34 39.07 21.91
CA ILE H 104 -5.11 37.79 21.26
C ILE H 104 -4.67 36.72 22.22
N TRP H 105 -3.62 37.00 22.98
CA TRP H 105 -3.04 35.97 23.81
C TRP H 105 -3.79 35.70 25.11
N ASP H 106 -4.42 36.73 25.67
CA ASP H 106 -5.14 36.57 26.91
C ASP H 106 -6.65 36.39 26.79
N ASN H 107 -7.26 36.87 25.70
CA ASN H 107 -8.72 36.82 25.57
C ASN H 107 -9.27 35.94 24.45
N MET H 108 -8.44 35.07 23.89
CA MET H 108 -8.88 34.16 22.83
C MET H 108 -8.28 32.81 23.03
N THR H 109 -8.96 31.80 22.51
CA THR H 109 -8.39 30.47 22.48
C THR H 109 -7.88 30.21 21.07
N TRP H 110 -7.18 29.09 20.86
CA TRP H 110 -6.63 28.83 19.54
C TRP H 110 -7.68 28.49 18.51
N LEU H 111 -8.80 27.94 18.92
CA LEU H 111 -9.86 27.61 17.97
C LEU H 111 -10.42 28.89 17.37
N GLN H 112 -10.55 29.93 18.19
CA GLN H 112 -11.08 31.20 17.75
C GLN H 112 -10.10 31.93 16.89
N TRP H 113 -8.84 31.85 17.26
CA TRP H 113 -7.80 32.49 16.51
C TRP H 113 -7.73 31.88 15.13
N ASP H 114 -7.79 30.55 15.05
CA ASP H 114 -7.72 29.91 13.78
C ASP H 114 -8.82 30.39 12.88
N LYS H 115 -10.02 30.56 13.41
CA LYS H 115 -11.07 31.06 12.54
C LYS H 115 -10.80 32.50 12.09
N GLU H 116 -10.34 33.35 13.01
CA GLU H 116 -10.11 34.75 12.68
C GLU H 116 -9.14 34.98 11.55
N ILE H 117 -8.10 34.18 11.45
CA ILE H 117 -7.14 34.40 10.37
C ILE H 117 -7.10 33.29 9.34
N SER H 118 -8.15 32.49 9.23
CA SER H 118 -8.10 31.37 8.30
C SER H 118 -7.88 31.69 6.81
N ASN H 119 -8.22 32.92 6.33
CA ASN H 119 -8.06 33.32 4.92
C ASN H 119 -6.63 33.78 4.57
N TYR H 120 -5.72 33.94 5.55
CA TYR H 120 -4.39 34.49 5.33
C TYR H 120 -3.30 33.48 5.51
N THR H 121 -3.66 32.23 5.73
CA THR H 121 -2.63 31.26 6.00
C THR H 121 -1.81 30.95 4.79
N GLN H 122 -2.38 31.05 3.60
CA GLN H 122 -1.60 30.77 2.42
C GLN H 122 -0.64 31.89 2.14
N ILE H 123 -1.03 33.10 2.50
CA ILE H 123 -0.17 34.25 2.28
C ILE H 123 1.00 34.14 3.21
N ILE H 124 0.71 33.83 4.46
CA ILE H 124 1.74 33.73 5.44
C ILE H 124 2.67 32.61 5.10
N TYR H 125 2.16 31.46 4.69
CA TYR H 125 3.04 30.37 4.40
C TYR H 125 3.96 30.70 3.24
N GLY H 126 3.46 31.38 2.21
CA GLY H 126 4.32 31.74 1.11
C GLY H 126 5.44 32.67 1.59
N LEU H 127 5.12 33.60 2.47
CA LEU H 127 6.13 34.50 2.96
C LEU H 127 7.17 33.76 3.80
N LEU H 128 6.74 32.78 4.56
CA LEU H 128 7.67 32.06 5.40
C LEU H 128 8.67 31.27 4.59
N GLU H 129 8.23 30.62 3.51
CA GLU H 129 9.19 29.85 2.73
C GLU H 129 10.09 30.74 1.93
N GLU H 130 9.60 31.89 1.49
CA GLU H 130 10.48 32.73 0.71
C GLU H 130 11.54 33.31 1.62
N SER H 131 11.17 33.68 2.83
CA SER H 131 12.13 34.25 3.73
C SER H 131 13.23 33.25 4.02
N GLN H 132 12.87 32.00 4.27
CA GLN H 132 13.93 31.06 4.57
C GLN H 132 14.80 30.84 3.37
N ASN H 133 14.24 30.83 2.17
CA ASN H 133 15.08 30.62 1.01
C ASN H 133 16.12 31.73 0.89
N GLN H 134 15.72 32.96 1.20
CA GLN H 134 16.68 34.05 1.11
C GLN H 134 17.75 33.93 2.18
N GLN H 135 17.36 33.43 3.35
CA GLN H 135 18.32 33.23 4.41
C GLN H 135 19.32 32.15 4.06
N GLU H 136 18.87 31.09 3.36
CA GLU H 136 19.77 30.01 3.01
C GLU H 136 20.84 30.56 2.11
N LYS H 137 20.44 31.41 1.21
CA LYS H 137 21.39 31.97 0.31
C LYS H 137 22.30 32.95 0.99
N ASN H 138 21.88 33.77 1.93
CA ASN H 138 22.80 34.68 2.58
C ASN H 138 23.80 33.96 3.46
N GLU H 139 23.39 32.88 4.12
CA GLU H 139 24.31 32.15 4.95
C GLU H 139 25.40 31.55 4.10
N GLN H 140 25.02 30.98 2.95
CA GLN H 140 25.99 30.38 2.08
C GLN H 140 27.04 31.35 1.64
N ASP H 141 26.64 32.56 1.34
CA ASP H 141 27.65 33.49 0.90
C ASP H 141 28.55 33.95 2.04
N LEU H 142 28.03 34.16 3.24
CA LEU H 142 28.93 34.60 4.31
C LEU H 142 29.98 33.57 4.65
N LEU H 143 29.62 32.31 4.52
CA LEU H 143 30.53 31.24 4.86
C LEU H 143 31.55 30.99 3.77
N ALA H 144 31.44 31.72 2.67
CA ALA H 144 32.38 31.61 1.58
C ALA H 144 33.51 32.60 1.76
N LEU H 145 33.51 33.37 2.84
CA LEU H 145 34.57 34.32 3.04
C LEU H 145 35.58 33.82 4.08
N ASP H 146 36.89 33.91 3.76
CA ASP H 146 38.02 33.50 4.61
C ASP H 146 38.56 34.67 5.40
#